data_3WQZ
#
_entry.id   3WQZ
#
_cell.length_a   99.609
_cell.length_b   169.676
_cell.length_c   176.649
_cell.angle_alpha   90.00
_cell.angle_beta   90.00
_cell.angle_gamma   90.00
#
_symmetry.space_group_name_H-M   'P 21 21 21'
#
loop_
_entity.id
_entity.type
_entity.pdbx_description
1 polymer 'Alanine--tRNA ligase'
2 polymer 'RNA (75-MER)'
3 non-polymer "'5'-O-(N-(L-ALANYL)-SULFAMOYL)ADENOSINE"
4 non-polymer 'ZINC ION'
#
loop_
_entity_poly.entity_id
_entity_poly.type
_entity_poly.pdbx_seq_one_letter_code
_entity_poly.pdbx_strand_id
1 'polypeptide(L)'
;MTLDEEYLDITFLTENGFVRKRCPKCGKHFWTADPEREICGDPPCESYSFIGNPVFKKPFELDEMREYYLNFFERRGHGR
IERYPVVARWRTDIYLTIASIADFQPFVTSGVAPPPANPLTISQPCIRLDDLDSVGRTGRHLTLFEMMAHHAFNYPGKEI
YWKNETVAYCTELLNELGVKKEDIVYKEEPWAGGGNAGPCLEAIVGGLEVATLVFMNLEEHPEGDIEIKGARYRKMDNYI
VDTGYGLERFVWASKGTPTVYDAIFPEVVDTIIDNSNVSFNREDERVRRIVAESSKLAGIMGELRGERLNQLRKSVADTV
GVSVEELEGIVVPLEKVYSLADHTRCILFMLGDGLVPSNAGAGYLARLMIRRSLRLAEELELGLDLYDLVEMHKKILGFE
FDVPLSTVQEILELEKERYRTTVSKGTRLVERLVERKKKLEKDDLIELYDSHGIPVELAVGIAAEKGAEVEMPKDIYAEL
AKRHSKAEKVQEKKITLQNEYPATEKLYYDDPTLLEFEAEVIGVEGDFVILNRSAFYPESGGQDNDVGYLIANGGKFEVV
DVLEADGVVLHVVKGAKPEVGTKVKGVIDSDVRWRHMRHHSATHVLLYSLQKVLGNHVWQAGARKEFSKARLDVTHFRRP
SEEEIKEIEMLANREILANKPIKWEWMDRIEAERKFGFRLYQGGVPPGRKIRVVQVGDDVQACGGTHCRSTGEIGMLKIL
KVESIQDGVIRFEFAAGEAAIEAVEEMERLLREASSILRVEPAKLPKTVERFFEEWKDQRKEIERLKSVIADLWADILME
RAEEFDSMKVVAEVVDADMQALQKLAERLAEKGAVGCLMAKGEGKVFVVTFSGQKYDARELLREIGRVAKGSGGGRKDVA
QGAVQQLLDREEMLDVIFRFLSEHEG
;
A,B
2 'polyribonucleotide' GGACUCGUAGCUCAGCGGGAGAGCGCCGCCUUUGCGAGGCGGAGGCCGCGGGUUCAAAUCCCGCCGAGUCCACCA C
#
loop_
_chem_comp.id
_chem_comp.type
_chem_comp.name
_chem_comp.formula
A RNA linking ADENOSINE-5'-MONOPHOSPHATE 'C10 H14 N5 O7 P'
A5A non-polymer '5'-O-(N-(L-ALANYL)-SULFAMOYL)ADENOSINE 'C13 H19 N7 O7 S'
C RNA linking CYTIDINE-5'-MONOPHOSPHATE 'C9 H14 N3 O8 P'
G RNA linking GUANOSINE-5'-MONOPHOSPHATE 'C10 H14 N5 O8 P'
U RNA linking URIDINE-5'-MONOPHOSPHATE 'C9 H13 N2 O9 P'
ZN non-polymer 'ZINC ION' 'Zn 2'
#
# COMPACT_ATOMS: atom_id res chain seq x y z
N THR A 2 33.46 28.66 -56.46
CA THR A 2 32.28 28.24 -55.72
C THR A 2 32.30 28.79 -54.30
N LEU A 3 33.36 28.48 -53.56
CA LEU A 3 33.50 28.96 -52.18
C LEU A 3 34.34 30.24 -52.12
N ASP A 4 35.12 30.49 -53.17
CA ASP A 4 36.00 31.65 -53.22
C ASP A 4 35.21 32.96 -53.18
N GLU A 5 34.01 32.95 -53.75
CA GLU A 5 33.19 34.15 -53.87
C GLU A 5 32.91 34.84 -52.53
N GLU A 6 32.86 34.06 -51.45
CA GLU A 6 32.53 34.62 -50.14
C GLU A 6 33.76 35.10 -49.38
N TYR A 7 34.89 34.44 -49.58
CA TYR A 7 36.15 34.86 -48.95
C TYR A 7 36.66 36.15 -49.57
N LEU A 8 36.40 36.32 -50.86
CA LEU A 8 36.91 37.46 -51.61
C LEU A 8 36.09 38.72 -51.41
N ASP A 9 34.90 38.57 -50.86
CA ASP A 9 33.99 39.70 -50.66
C ASP A 9 34.47 40.60 -49.52
N ILE A 10 35.35 40.08 -48.67
CA ILE A 10 35.87 40.86 -47.54
C ILE A 10 36.57 42.12 -48.02
N THR A 11 35.89 43.25 -47.91
CA THR A 11 36.44 44.53 -48.30
C THR A 11 37.62 44.90 -47.40
N PHE A 12 37.51 44.54 -46.12
CA PHE A 12 38.52 44.88 -45.12
C PHE A 12 39.92 44.38 -45.50
N LEU A 13 40.01 43.10 -45.83
CA LEU A 13 41.28 42.48 -46.19
C LEU A 13 41.95 43.23 -47.34
N THR A 14 41.21 43.46 -48.41
CA THR A 14 41.74 44.20 -49.56
C THR A 14 42.09 45.64 -49.19
N GLU A 15 41.17 46.31 -48.48
CA GLU A 15 41.36 47.71 -48.13
C GLU A 15 42.50 47.94 -47.14
N ASN A 16 42.71 47.00 -46.22
CA ASN A 16 43.70 47.19 -45.17
C ASN A 16 44.99 46.40 -45.37
N GLY A 17 45.38 46.23 -46.63
CA GLY A 17 46.67 45.66 -46.96
C GLY A 17 46.85 44.18 -46.68
N PHE A 18 45.79 43.40 -46.88
CA PHE A 18 45.92 41.95 -46.84
C PHE A 18 45.94 41.41 -48.28
N VAL A 19 46.43 40.19 -48.44
CA VAL A 19 46.56 39.63 -49.79
C VAL A 19 46.39 38.11 -49.79
N ARG A 20 45.66 37.59 -50.77
CA ARG A 20 45.32 36.17 -50.84
C ARG A 20 46.37 35.37 -51.60
N LYS A 21 47.03 34.45 -50.89
CA LYS A 21 48.09 33.64 -51.50
C LYS A 21 47.75 32.16 -51.48
N ARG A 22 48.42 31.39 -52.33
CA ARG A 22 48.32 29.93 -52.30
C ARG A 22 49.66 29.31 -51.92
N CYS A 23 49.75 28.80 -50.70
CA CYS A 23 50.94 28.09 -50.25
C CYS A 23 51.08 26.77 -51.01
N PRO A 24 52.26 26.55 -51.63
CA PRO A 24 52.50 25.41 -52.50
C PRO A 24 52.65 24.07 -51.77
N LYS A 25 52.40 24.04 -50.47
CA LYS A 25 52.66 22.85 -49.67
C LYS A 25 51.41 22.05 -49.30
N CYS A 26 50.34 22.75 -48.93
CA CYS A 26 49.11 22.08 -48.53
C CYS A 26 48.00 22.26 -49.55
N GLY A 27 48.28 23.02 -50.61
CA GLY A 27 47.33 23.24 -51.67
C GLY A 27 46.08 23.98 -51.23
N LYS A 28 46.26 24.92 -50.31
CA LYS A 28 45.13 25.72 -49.82
C LYS A 28 45.50 27.20 -49.75
N HIS A 29 44.47 28.04 -49.82
CA HIS A 29 44.67 29.48 -49.88
C HIS A 29 44.57 30.13 -48.50
N PHE A 30 45.14 31.33 -48.37
CA PHE A 30 45.09 32.07 -47.11
C PHE A 30 45.35 33.56 -47.35
N TRP A 31 45.36 34.33 -46.27
CA TRP A 31 45.60 35.77 -46.36
C TRP A 31 46.75 36.19 -45.45
N THR A 32 47.45 37.24 -45.84
CA THR A 32 48.54 37.79 -45.05
C THR A 32 48.69 39.30 -45.30
N ALA A 33 49.12 40.02 -44.28
CA ALA A 33 49.21 41.47 -44.36
C ALA A 33 50.59 41.92 -44.85
N ASP A 34 51.27 41.02 -45.56
CA ASP A 34 52.63 41.27 -46.02
C ASP A 34 53.12 40.17 -46.97
N PRO A 35 54.00 40.54 -47.91
CA PRO A 35 54.61 39.58 -48.83
C PRO A 35 55.95 39.00 -48.38
N GLU A 36 56.80 39.83 -47.79
CA GLU A 36 58.21 39.46 -47.64
C GLU A 36 58.76 39.36 -46.21
N ARG A 37 58.00 39.73 -45.19
CA ARG A 37 58.57 39.64 -43.84
C ARG A 37 58.65 38.19 -43.40
N GLU A 38 57.60 37.41 -43.65
CA GLU A 38 57.61 35.99 -43.37
C GLU A 38 58.67 35.17 -44.11
N ILE A 39 58.83 35.39 -45.42
CA ILE A 39 59.66 34.52 -46.26
C ILE A 39 59.22 33.07 -46.01
N CYS A 40 57.90 32.86 -46.01
CA CYS A 40 57.31 31.64 -45.46
C CYS A 40 55.83 31.59 -45.85
N GLY A 41 55.18 30.43 -45.77
CA GLY A 41 55.71 29.20 -45.21
C GLY A 41 56.63 28.37 -46.10
N ASP A 42 57.43 27.53 -45.45
CA ASP A 42 58.34 26.63 -46.15
C ASP A 42 58.01 25.18 -45.78
N PRO A 43 58.18 24.25 -46.75
CA PRO A 43 57.83 22.83 -46.67
C PRO A 43 58.10 22.15 -45.33
N PRO A 44 57.11 21.39 -44.81
CA PRO A 44 55.75 21.36 -45.38
C PRO A 44 54.80 22.31 -44.65
N CYS A 45 54.96 22.41 -43.34
CA CYS A 45 54.19 23.34 -42.52
C CYS A 45 55.10 23.95 -41.46
N GLU A 46 54.61 24.98 -40.78
CA GLU A 46 55.45 25.72 -39.83
C GLU A 46 55.28 25.22 -38.40
N SER A 47 56.29 25.48 -37.57
CA SER A 47 56.25 25.14 -36.15
C SER A 47 55.98 26.39 -35.30
N TYR A 48 56.14 26.25 -33.99
CA TYR A 48 55.96 27.38 -33.10
C TYR A 48 57.20 28.28 -33.11
N SER A 49 56.99 29.58 -32.97
CA SER A 49 58.08 30.54 -32.96
C SER A 49 58.12 31.29 -31.63
N PHE A 50 56.95 31.43 -31.01
CA PHE A 50 56.80 32.28 -29.83
C PHE A 50 57.36 31.66 -28.55
N ILE A 51 57.86 30.44 -28.63
CA ILE A 51 58.38 29.77 -27.45
C ILE A 51 59.72 30.37 -27.05
N GLY A 52 59.71 31.13 -25.96
CA GLY A 52 60.86 31.90 -25.54
C GLY A 52 60.67 33.36 -25.95
N ASN A 53 59.72 33.58 -26.85
CA ASN A 53 59.42 34.92 -27.35
C ASN A 53 57.93 35.25 -27.31
N PRO A 54 57.46 35.79 -26.17
CA PRO A 54 56.03 36.14 -26.01
C PRO A 54 55.54 37.11 -27.09
N VAL A 55 54.43 36.77 -27.74
CA VAL A 55 53.87 37.60 -28.80
C VAL A 55 53.24 38.87 -28.23
N PHE A 56 52.72 38.76 -27.00
CA PHE A 56 52.02 39.87 -26.38
C PHE A 56 52.96 40.75 -25.57
N LYS A 57 52.51 41.98 -25.30
CA LYS A 57 53.32 42.98 -24.60
C LYS A 57 53.66 42.55 -23.18
N LYS A 58 52.67 42.01 -22.48
CA LYS A 58 52.86 41.56 -21.10
C LYS A 58 52.17 40.23 -20.86
N PRO A 59 52.72 39.42 -19.94
CA PRO A 59 52.12 38.12 -19.62
C PRO A 59 50.75 38.25 -18.96
N PHE A 60 49.76 37.57 -19.51
CA PHE A 60 48.41 37.55 -18.95
C PHE A 60 48.18 36.30 -18.11
N GLU A 61 47.03 36.25 -17.45
CA GLU A 61 46.61 35.06 -16.72
C GLU A 61 45.19 34.69 -17.15
N LEU A 62 44.73 33.53 -16.70
CA LEU A 62 43.41 33.02 -17.07
C LEU A 62 42.32 34.02 -16.73
N ASP A 63 42.34 34.52 -15.51
CA ASP A 63 41.38 35.52 -15.05
C ASP A 63 41.58 36.85 -15.75
N GLU A 64 42.85 37.25 -15.89
CA GLU A 64 43.18 38.54 -16.50
C GLU A 64 42.82 38.59 -17.97
N MET A 65 42.96 37.45 -18.66
CA MET A 65 42.65 37.37 -20.08
C MET A 65 41.16 37.56 -20.36
N ARG A 66 40.34 36.85 -19.60
CA ARG A 66 38.89 36.89 -19.79
C ARG A 66 38.35 38.31 -19.67
N GLU A 67 38.62 38.95 -18.54
CA GLU A 67 38.07 40.28 -18.27
C GLU A 67 38.52 41.32 -19.30
N TYR A 68 39.73 41.17 -19.82
CA TYR A 68 40.19 42.04 -20.89
C TYR A 68 39.39 41.78 -22.16
N TYR A 69 39.24 40.50 -22.50
CA TYR A 69 38.50 40.11 -23.68
C TYR A 69 37.01 40.43 -23.55
N LEU A 70 36.44 40.12 -22.39
CA LEU A 70 35.02 40.31 -22.17
C LEU A 70 34.66 41.79 -22.17
N ASN A 71 35.39 42.60 -21.41
CA ASN A 71 35.19 44.03 -21.39
C ASN A 71 35.39 44.64 -22.78
N PHE A 72 36.31 44.06 -23.55
CA PHE A 72 36.62 44.53 -24.90
C PHE A 72 35.37 44.64 -25.76
N PHE A 73 34.50 43.64 -25.68
CA PHE A 73 33.30 43.62 -26.50
C PHE A 73 32.11 44.24 -25.77
N GLU A 74 32.10 44.13 -24.45
CA GLU A 74 31.05 44.71 -23.62
C GLU A 74 30.96 46.22 -23.83
N ARG A 75 32.11 46.88 -23.88
CA ARG A 75 32.15 48.33 -24.08
C ARG A 75 31.96 48.69 -25.54
N ARG A 76 32.11 47.71 -26.43
CA ARG A 76 31.93 47.95 -27.86
C ARG A 76 30.52 47.60 -28.32
N GLY A 77 29.61 47.41 -27.37
CA GLY A 77 28.21 47.22 -27.69
C GLY A 77 27.69 45.80 -27.57
N HIS A 78 28.59 44.84 -27.40
CA HIS A 78 28.19 43.44 -27.25
C HIS A 78 27.52 43.19 -25.90
N GLY A 79 26.75 42.11 -25.83
CA GLY A 79 26.06 41.75 -24.60
C GLY A 79 26.76 40.60 -23.88
N ARG A 80 26.98 40.77 -22.58
CA ARG A 80 27.66 39.76 -21.78
C ARG A 80 26.67 38.77 -21.17
N ILE A 81 26.71 37.53 -21.63
CA ILE A 81 25.91 36.45 -21.05
C ILE A 81 26.83 35.42 -20.41
N GLU A 82 26.55 35.07 -19.15
CA GLU A 82 27.44 34.18 -18.42
C GLU A 82 27.34 32.74 -18.94
N ARG A 83 28.41 31.99 -18.75
CA ARG A 83 28.61 30.72 -19.44
C ARG A 83 27.59 29.63 -19.12
N TYR A 84 27.43 28.72 -20.08
CA TYR A 84 26.56 27.56 -19.96
C TYR A 84 27.29 26.42 -19.25
N PRO A 85 26.54 25.41 -18.77
CA PRO A 85 27.21 24.22 -18.23
C PRO A 85 27.88 23.40 -19.34
N VAL A 86 28.87 22.58 -18.98
CA VAL A 86 29.60 21.79 -19.96
C VAL A 86 28.73 20.65 -20.51
N VAL A 87 27.70 20.30 -19.76
CA VAL A 87 26.77 19.26 -20.17
C VAL A 87 25.75 19.81 -21.15
N ALA A 88 25.36 19.01 -22.14
CA ALA A 88 24.29 19.39 -23.05
C ALA A 88 22.94 19.10 -22.42
N ARG A 89 22.40 20.09 -21.72
CA ARG A 89 21.09 19.95 -21.09
C ARG A 89 19.99 20.40 -22.04
N TRP A 90 20.30 21.44 -22.82
CA TRP A 90 19.32 22.07 -23.70
C TRP A 90 19.24 21.42 -25.07
N ARG A 91 20.12 20.44 -25.31
CA ARG A 91 20.16 19.78 -26.60
C ARG A 91 20.03 18.26 -26.50
N THR A 92 19.33 17.67 -27.47
CA THR A 92 19.15 16.23 -27.52
C THR A 92 20.10 15.58 -28.52
N ASP A 93 20.74 16.39 -29.34
CA ASP A 93 21.61 15.88 -30.39
C ASP A 93 23.00 15.53 -29.86
N ILE A 94 23.64 16.46 -29.16
CA ILE A 94 24.99 16.21 -28.62
C ILE A 94 24.94 15.93 -27.13
N TYR A 95 26.04 15.40 -26.61
CA TYR A 95 26.12 15.03 -25.20
C TYR A 95 26.78 16.13 -24.35
N LEU A 96 27.84 16.71 -24.87
CA LEU A 96 28.55 17.77 -24.17
C LEU A 96 28.81 18.96 -25.10
N THR A 97 29.03 20.12 -24.50
CA THR A 97 29.28 21.33 -25.27
C THR A 97 30.65 21.28 -25.94
N ILE A 98 30.66 21.30 -27.27
CA ILE A 98 31.90 21.21 -28.03
C ILE A 98 32.38 22.58 -28.50
N ALA A 99 31.46 23.52 -28.63
CA ALA A 99 31.80 24.88 -29.05
C ALA A 99 30.91 25.90 -28.35
N SER A 100 31.34 27.16 -28.34
CA SER A 100 30.58 28.23 -27.71
C SER A 100 29.24 28.44 -28.40
N ILE A 101 29.22 28.21 -29.72
CA ILE A 101 28.00 28.37 -30.51
C ILE A 101 26.97 27.30 -30.16
N ALA A 102 27.44 26.17 -29.64
CA ALA A 102 26.57 25.06 -29.30
C ALA A 102 25.56 25.40 -28.20
N ASP A 103 25.82 26.51 -27.51
CA ASP A 103 24.92 26.98 -26.45
C ASP A 103 23.63 27.56 -27.03
N PHE A 104 23.56 27.68 -28.35
CA PHE A 104 22.42 28.32 -28.99
C PHE A 104 21.85 27.49 -30.13
N GLN A 105 22.49 26.35 -30.42
CA GLN A 105 22.00 25.45 -31.45
C GLN A 105 20.89 24.56 -30.91
N PRO A 106 19.89 24.26 -31.75
CA PRO A 106 19.74 24.83 -33.09
C PRO A 106 18.60 25.84 -33.19
N PHE A 107 17.84 25.99 -32.10
CA PHE A 107 16.65 26.84 -32.10
C PHE A 107 16.98 28.31 -32.31
N VAL A 108 17.99 28.79 -31.59
CA VAL A 108 18.42 30.18 -31.73
C VAL A 108 19.08 30.38 -33.09
N THR A 109 19.81 29.37 -33.54
CA THR A 109 20.56 29.46 -34.78
C THR A 109 19.70 29.20 -36.02
N SER A 110 18.42 28.89 -35.81
CA SER A 110 17.51 28.70 -36.94
C SER A 110 16.48 29.81 -37.01
N GLY A 111 16.51 30.70 -36.02
CA GLY A 111 15.63 31.86 -36.01
C GLY A 111 14.34 31.67 -35.24
N VAL A 112 14.15 30.46 -34.72
CA VAL A 112 12.94 30.14 -33.96
C VAL A 112 12.85 30.97 -32.68
N ALA A 113 13.99 31.13 -32.01
CA ALA A 113 14.05 31.93 -30.79
C ALA A 113 15.09 33.03 -30.90
N PRO A 114 14.75 34.23 -30.41
CA PRO A 114 15.72 35.32 -30.39
C PRO A 114 16.84 35.03 -29.39
N PRO A 115 18.08 35.44 -29.71
CA PRO A 115 19.21 35.28 -28.79
C PRO A 115 19.01 36.08 -27.51
N PRO A 116 19.75 35.75 -26.43
CA PRO A 116 19.66 36.50 -25.17
C PRO A 116 19.83 38.00 -25.41
N ALA A 117 20.88 38.34 -26.15
CA ALA A 117 21.09 39.69 -26.63
C ALA A 117 21.66 39.61 -28.04
N ASN A 118 21.95 40.77 -28.63
CA ASN A 118 22.52 40.79 -29.97
C ASN A 118 23.33 42.06 -30.18
N PRO A 119 24.66 41.92 -30.25
CA PRO A 119 25.42 40.67 -30.23
C PRO A 119 25.72 40.13 -28.84
N LEU A 120 26.55 39.09 -28.77
CA LEU A 120 26.89 38.41 -27.51
C LEU A 120 28.39 38.29 -27.30
N THR A 121 28.79 37.83 -26.12
CA THR A 121 30.19 37.55 -25.80
C THR A 121 30.31 36.74 -24.51
N ILE A 122 31.12 35.68 -24.54
CA ILE A 122 31.27 34.81 -23.38
C ILE A 122 32.50 33.89 -23.45
N SER A 123 33.23 33.80 -22.35
CA SER A 123 34.22 32.75 -22.15
C SER A 123 33.51 31.45 -21.79
N GLN A 124 33.23 30.62 -22.79
CA GLN A 124 32.46 29.40 -22.59
C GLN A 124 33.34 28.16 -22.53
N PRO A 125 33.24 27.40 -21.43
CA PRO A 125 33.95 26.12 -21.29
C PRO A 125 33.49 25.11 -22.34
N CYS A 126 34.42 24.38 -22.93
CA CYS A 126 34.09 23.39 -23.94
C CYS A 126 34.90 22.12 -23.77
N ILE A 127 34.28 20.99 -24.08
CA ILE A 127 34.94 19.69 -23.97
C ILE A 127 34.97 18.98 -25.31
N ARG A 128 36.16 18.55 -25.73
CA ARG A 128 36.30 17.81 -26.98
C ARG A 128 37.15 16.57 -26.79
N LEU A 129 36.49 15.46 -26.43
CA LEU A 129 37.19 14.19 -26.24
C LEU A 129 37.41 13.51 -27.58
N ASP A 130 36.96 14.15 -28.65
CA ASP A 130 37.13 13.62 -29.99
C ASP A 130 38.60 13.64 -30.44
N ASP A 131 39.34 14.64 -29.98
CA ASP A 131 40.71 14.84 -30.46
C ASP A 131 41.77 14.52 -29.40
N LEU A 132 41.45 13.58 -28.52
CA LEU A 132 42.29 13.31 -27.35
C LEU A 132 43.71 12.84 -27.70
N ASP A 133 43.82 11.93 -28.68
CA ASP A 133 45.12 11.35 -29.05
C ASP A 133 46.24 12.38 -29.24
N SER A 134 45.88 13.58 -29.68
CA SER A 134 46.86 14.64 -29.83
C SER A 134 47.29 15.19 -28.47
N VAL A 135 46.30 15.36 -27.57
CA VAL A 135 46.54 15.94 -26.25
C VAL A 135 47.64 15.22 -25.48
N GLY A 136 48.67 15.97 -25.12
CA GLY A 136 49.80 15.41 -24.38
C GLY A 136 51.08 15.48 -25.18
N ARG A 137 50.95 15.34 -26.50
CA ARG A 137 52.11 15.36 -27.39
C ARG A 137 52.24 16.67 -28.13
N THR A 138 51.15 17.12 -28.74
CA THR A 138 51.15 18.32 -29.56
C THR A 138 51.42 19.58 -28.74
N GLY A 139 51.14 19.52 -27.44
CA GLY A 139 51.44 20.63 -26.55
C GLY A 139 50.57 21.86 -26.76
N ARG A 140 49.49 21.71 -27.52
CA ARG A 140 48.59 22.82 -27.79
C ARG A 140 47.13 22.41 -27.58
N HIS A 141 46.89 21.11 -27.51
CA HIS A 141 45.52 20.59 -27.38
C HIS A 141 45.09 20.40 -25.93
N LEU A 142 43.80 20.49 -25.70
CA LEU A 142 43.22 20.24 -24.38
C LEU A 142 41.92 19.43 -24.52
N THR A 143 41.61 18.64 -23.49
CA THR A 143 40.33 17.95 -23.44
C THR A 143 39.23 18.94 -23.10
N LEU A 144 39.50 19.77 -22.09
CA LEU A 144 38.58 20.84 -21.72
C LEU A 144 39.27 22.20 -21.84
N PHE A 145 38.56 23.16 -22.42
CA PHE A 145 39.09 24.50 -22.61
C PHE A 145 37.95 25.52 -22.69
N GLU A 146 38.25 26.76 -22.36
CA GLU A 146 37.25 27.82 -22.47
C GLU A 146 37.38 28.52 -23.82
N MET A 147 36.25 28.62 -24.53
CA MET A 147 36.25 29.19 -25.87
C MET A 147 35.57 30.55 -25.89
N MET A 148 36.38 31.61 -25.76
CA MET A 148 35.86 32.97 -25.82
C MET A 148 35.35 33.28 -27.22
N ALA A 149 34.22 33.98 -27.31
CA ALA A 149 33.61 34.25 -28.60
C ALA A 149 32.75 35.51 -28.59
N HIS A 150 32.21 35.84 -29.77
CA HIS A 150 31.23 36.91 -29.90
C HIS A 150 30.36 36.64 -31.12
N HIS A 151 29.05 36.63 -30.92
CA HIS A 151 28.12 36.19 -31.97
C HIS A 151 27.12 37.26 -32.38
N ALA A 152 26.91 37.39 -33.68
CA ALA A 152 25.88 38.26 -34.23
C ALA A 152 24.78 37.42 -34.88
N PHE A 153 23.54 37.81 -34.66
CA PHE A 153 22.40 37.05 -35.17
C PHE A 153 21.60 37.90 -36.15
N ASN A 154 21.58 37.49 -37.40
CA ASN A 154 21.04 38.32 -38.47
C ASN A 154 19.84 37.70 -39.19
N TYR A 155 18.78 38.49 -39.30
CA TYR A 155 17.55 38.06 -39.97
C TYR A 155 17.47 38.70 -41.36
N PRO A 156 16.68 38.10 -42.27
CA PRO A 156 16.53 38.66 -43.62
C PRO A 156 16.10 40.13 -43.62
N GLY A 157 17.00 41.01 -44.01
CA GLY A 157 16.72 42.43 -44.06
C GLY A 157 17.57 43.24 -43.13
N LYS A 158 17.62 42.83 -41.86
CA LYS A 158 18.41 43.54 -40.86
C LYS A 158 19.43 42.64 -40.18
N GLU A 159 20.66 43.14 -40.09
CA GLU A 159 21.73 42.43 -39.39
C GLU A 159 22.32 43.33 -38.31
N ILE A 160 23.12 42.75 -37.44
CA ILE A 160 23.89 43.54 -36.48
C ILE A 160 25.25 43.86 -37.11
N TYR A 161 25.96 42.82 -37.53
CA TYR A 161 27.14 42.97 -38.37
C TYR A 161 27.53 41.65 -39.02
N TRP A 162 28.15 41.74 -40.19
CA TRP A 162 28.48 40.57 -41.00
C TRP A 162 29.99 40.28 -40.95
N LYS A 163 30.49 39.54 -41.93
CA LYS A 163 31.87 39.05 -41.93
C LYS A 163 32.92 40.15 -41.98
N ASN A 164 32.61 41.25 -42.65
CA ASN A 164 33.55 42.36 -42.76
C ASN A 164 33.86 42.97 -41.39
N GLU A 165 32.82 43.32 -40.64
CA GLU A 165 32.99 43.86 -39.30
C GLU A 165 33.62 42.83 -38.37
N THR A 166 33.26 41.55 -38.57
CA THR A 166 33.74 40.46 -37.73
C THR A 166 35.26 40.37 -37.69
N VAL A 167 35.87 40.31 -38.87
CA VAL A 167 37.33 40.27 -38.97
C VAL A 167 37.94 41.53 -38.39
N ALA A 168 37.26 42.66 -38.59
CA ALA A 168 37.74 43.95 -38.12
C ALA A 168 37.80 44.00 -36.59
N TYR A 169 36.75 43.54 -35.92
CA TYR A 169 36.72 43.46 -34.47
C TYR A 169 37.83 42.55 -33.95
N CYS A 170 38.17 41.53 -34.74
CA CYS A 170 39.19 40.56 -34.36
C CYS A 170 40.59 41.14 -34.41
N THR A 171 40.96 41.71 -35.56
CA THR A 171 42.30 42.29 -35.76
C THR A 171 42.62 43.34 -34.71
N GLU A 172 41.61 44.11 -34.33
CA GLU A 172 41.77 45.16 -33.33
C GLU A 172 42.18 44.56 -31.99
N LEU A 173 41.42 43.58 -31.52
CA LEU A 173 41.73 42.87 -30.29
C LEU A 173 43.15 42.29 -30.34
N LEU A 174 43.52 41.78 -31.51
CA LEU A 174 44.86 41.27 -31.73
C LEU A 174 45.89 42.40 -31.64
N ASN A 175 45.71 43.42 -32.47
CA ASN A 175 46.66 44.54 -32.52
C ASN A 175 46.73 45.33 -31.22
N GLU A 176 45.60 45.46 -30.52
CA GLU A 176 45.56 46.22 -29.27
C GLU A 176 46.22 45.42 -28.14
N LEU A 177 46.63 44.19 -28.45
CA LEU A 177 47.20 43.31 -27.44
C LEU A 177 48.71 43.18 -27.55
N GLY A 178 49.25 43.40 -28.76
CA GLY A 178 50.69 43.39 -28.94
C GLY A 178 51.18 42.86 -30.27
N VAL A 179 50.45 41.89 -30.83
CA VAL A 179 50.86 41.29 -32.10
C VAL A 179 50.64 42.26 -33.25
N LYS A 180 51.65 42.42 -34.09
CA LYS A 180 51.56 43.31 -35.24
C LYS A 180 50.60 42.73 -36.27
N LYS A 181 49.96 43.62 -37.04
CA LYS A 181 48.95 43.22 -38.01
C LYS A 181 49.49 42.27 -39.07
N GLU A 182 50.82 42.28 -39.25
CA GLU A 182 51.46 41.49 -40.29
C GLU A 182 51.88 40.11 -39.81
N ASP A 183 52.03 39.95 -38.50
CA ASP A 183 52.32 38.64 -37.93
C ASP A 183 51.11 37.73 -38.04
N ILE A 184 49.93 38.34 -38.01
CA ILE A 184 48.68 37.59 -38.04
C ILE A 184 48.43 36.97 -39.42
N VAL A 185 48.06 35.69 -39.41
CA VAL A 185 47.75 34.98 -40.65
C VAL A 185 46.28 34.53 -40.61
N TYR A 186 45.64 34.49 -41.77
CA TYR A 186 44.25 34.07 -41.86
C TYR A 186 44.05 32.97 -42.89
N LYS A 187 43.94 31.73 -42.41
CA LYS A 187 43.82 30.57 -43.29
C LYS A 187 42.37 30.24 -43.58
N GLU A 188 42.10 29.86 -44.83
CA GLU A 188 40.74 29.53 -45.27
C GLU A 188 40.44 28.04 -45.13
N GLU A 189 39.59 27.71 -44.16
CA GLU A 189 39.19 26.32 -43.94
C GLU A 189 37.68 26.21 -43.82
N PRO A 190 37.09 25.17 -44.46
CA PRO A 190 35.67 24.89 -44.28
C PRO A 190 35.39 24.45 -42.85
N TRP A 191 34.23 24.80 -42.31
CA TRP A 191 33.89 24.39 -40.95
C TRP A 191 32.45 23.92 -40.81
N ALA A 192 32.26 22.88 -40.00
CA ALA A 192 30.93 22.36 -39.71
C ALA A 192 30.90 21.75 -38.31
N GLY A 193 29.71 21.60 -37.75
CA GLY A 193 29.55 21.01 -36.43
C GLY A 193 28.35 21.52 -35.69
N GLY A 194 27.60 20.61 -35.08
CA GLY A 194 26.42 20.97 -34.32
C GLY A 194 25.19 21.18 -35.18
N GLY A 195 25.33 20.89 -36.48
CA GLY A 195 24.21 21.01 -37.39
C GLY A 195 24.28 22.26 -38.25
N ASN A 196 25.21 23.16 -37.93
CA ASN A 196 25.37 24.39 -38.68
C ASN A 196 26.77 24.51 -39.27
N ALA A 197 26.84 24.84 -40.56
CA ALA A 197 28.13 24.94 -41.25
C ALA A 197 28.29 26.28 -41.95
N GLY A 198 29.50 26.55 -42.43
CA GLY A 198 29.78 27.79 -43.12
C GLY A 198 31.27 28.01 -43.35
N PRO A 199 31.62 28.94 -44.25
CA PRO A 199 33.02 29.28 -44.54
C PRO A 199 33.71 29.92 -43.32
N CYS A 200 34.99 29.65 -43.14
CA CYS A 200 35.68 30.09 -41.94
C CYS A 200 37.12 30.57 -42.19
N LEU A 201 37.62 31.39 -41.27
CA LEU A 201 39.00 31.86 -41.31
C LEU A 201 39.73 31.51 -40.02
N GLU A 202 40.76 30.67 -40.13
CA GLU A 202 41.59 30.35 -38.97
C GLU A 202 42.68 31.40 -38.81
N ALA A 203 42.74 32.02 -37.65
CA ALA A 203 43.73 33.06 -37.37
C ALA A 203 44.96 32.49 -36.70
N ILE A 204 46.11 32.61 -37.36
CA ILE A 204 47.35 32.04 -36.84
C ILE A 204 48.42 33.09 -36.58
N VAL A 205 48.79 33.25 -35.31
CA VAL A 205 49.91 34.11 -34.95
C VAL A 205 50.95 33.26 -34.22
N GLY A 206 52.23 33.61 -34.41
CA GLY A 206 53.32 32.89 -33.78
C GLY A 206 53.40 31.42 -34.16
N GLY A 207 52.67 31.03 -35.20
CA GLY A 207 52.66 29.66 -35.66
C GLY A 207 51.61 28.80 -34.97
N LEU A 208 50.59 29.44 -34.42
CA LEU A 208 49.54 28.72 -33.71
C LEU A 208 48.16 29.29 -34.00
N GLU A 209 47.18 28.40 -34.14
CA GLU A 209 45.78 28.81 -34.30
C GLU A 209 45.26 29.38 -32.98
N VAL A 210 45.03 30.69 -32.94
CA VAL A 210 44.60 31.34 -31.72
C VAL A 210 43.10 31.62 -31.74
N ALA A 211 42.54 31.75 -32.94
CA ALA A 211 41.12 32.04 -33.06
C ALA A 211 40.52 31.42 -34.31
N THR A 212 39.20 31.39 -34.37
CA THR A 212 38.48 30.85 -35.52
C THR A 212 37.07 31.45 -35.58
N LEU A 213 36.63 31.81 -36.77
CA LEU A 213 35.30 32.40 -36.94
C LEU A 213 34.56 31.81 -38.14
N VAL A 214 33.27 31.53 -37.93
CA VAL A 214 32.45 30.87 -38.96
C VAL A 214 31.28 31.76 -39.39
N PHE A 215 31.04 31.82 -40.70
CA PHE A 215 29.91 32.56 -41.24
C PHE A 215 28.83 31.59 -41.71
N MET A 216 27.98 31.20 -40.77
CA MET A 216 27.01 30.13 -41.00
C MET A 216 25.95 30.48 -42.04
N ASN A 217 26.13 29.94 -43.24
CA ASN A 217 25.15 30.07 -44.31
C ASN A 217 24.45 28.73 -44.54
N LEU A 218 24.88 27.72 -43.80
CA LEU A 218 24.42 26.36 -44.02
C LEU A 218 23.88 25.69 -42.76
N GLU A 219 22.87 24.86 -42.95
CA GLU A 219 22.34 24.03 -41.86
C GLU A 219 21.99 22.65 -42.42
N GLU A 220 22.02 21.64 -41.56
CA GLU A 220 21.91 20.27 -42.01
C GLU A 220 20.50 19.87 -42.45
N HIS A 221 20.45 19.12 -43.56
CA HIS A 221 19.20 18.65 -44.13
C HIS A 221 19.42 17.32 -44.86
N PRO A 222 18.37 16.48 -44.94
CA PRO A 222 18.49 15.19 -45.62
C PRO A 222 18.65 15.32 -47.14
N GLU A 223 18.32 16.49 -47.68
CA GLU A 223 18.31 16.70 -49.12
C GLU A 223 19.33 17.74 -49.55
N GLY A 224 20.29 18.04 -48.67
CA GLY A 224 21.26 19.10 -48.89
C GLY A 224 22.03 19.01 -50.19
N ASP A 225 22.18 20.15 -50.85
CA ASP A 225 22.88 20.23 -52.13
C ASP A 225 24.40 20.25 -51.94
N ILE A 226 24.84 20.90 -50.87
CA ILE A 226 26.27 21.02 -50.57
C ILE A 226 26.70 19.91 -49.60
N GLU A 227 27.99 19.57 -49.61
CA GLU A 227 28.50 18.45 -48.85
C GLU A 227 29.76 18.78 -48.04
N ILE A 228 29.68 18.60 -46.73
CA ILE A 228 30.84 18.78 -45.84
C ILE A 228 30.87 17.70 -44.76
N LYS A 229 31.99 17.00 -44.66
CA LYS A 229 32.22 15.98 -43.62
C LYS A 229 31.12 14.91 -43.64
N GLY A 230 30.83 14.40 -44.83
CA GLY A 230 29.89 13.29 -44.97
C GLY A 230 28.43 13.70 -45.01
N ALA A 231 28.04 14.60 -44.11
CA ALA A 231 26.63 15.00 -43.98
C ALA A 231 26.26 16.10 -44.98
N ARG A 232 24.96 16.35 -45.11
CA ARG A 232 24.44 17.28 -46.10
C ARG A 232 23.91 18.57 -45.48
N TYR A 233 24.16 19.71 -46.12
CA TYR A 233 23.70 20.99 -45.63
C TYR A 233 22.92 21.76 -46.70
N ARG A 234 21.98 22.59 -46.25
CA ARG A 234 21.21 23.44 -47.16
C ARG A 234 21.48 24.91 -46.84
N LYS A 235 21.16 25.78 -47.80
CA LYS A 235 21.37 27.22 -47.60
C LYS A 235 20.41 27.78 -46.56
N MET A 236 20.94 28.58 -45.64
CA MET A 236 20.12 29.19 -44.61
C MET A 236 19.53 30.51 -45.08
N ASP A 237 18.30 30.79 -44.65
CA ASP A 237 17.69 32.09 -44.88
C ASP A 237 17.98 32.96 -43.66
N ASN A 238 18.66 32.37 -42.69
CA ASN A 238 19.05 33.05 -41.47
C ASN A 238 20.56 32.97 -41.29
N TYR A 239 21.24 34.10 -41.30
CA TYR A 239 22.70 34.08 -41.24
C TYR A 239 23.24 34.54 -39.88
N ILE A 240 24.14 33.72 -39.32
CA ILE A 240 24.68 33.93 -37.98
C ILE A 240 26.20 34.10 -38.02
N VAL A 241 26.72 35.00 -37.20
CA VAL A 241 28.16 35.19 -37.08
C VAL A 241 28.72 34.36 -35.93
N ASP A 242 29.59 33.40 -36.29
CA ASP A 242 30.23 32.53 -35.31
C ASP A 242 31.69 32.92 -35.15
N THR A 243 32.15 32.97 -33.91
CA THR A 243 33.56 33.20 -33.60
C THR A 243 34.00 32.27 -32.48
N GLY A 244 35.31 32.19 -32.25
CA GLY A 244 35.84 31.33 -31.20
C GLY A 244 37.32 31.56 -30.94
N TYR A 245 37.64 32.02 -29.73
CA TYR A 245 39.01 32.31 -29.36
C TYR A 245 39.50 31.37 -28.27
N GLY A 246 40.58 30.65 -28.54
CA GLY A 246 41.14 29.76 -27.55
C GLY A 246 41.76 30.52 -26.40
N LEU A 247 41.02 30.60 -25.29
CA LEU A 247 41.47 31.32 -24.10
C LEU A 247 42.82 30.79 -23.61
N GLU A 248 42.92 29.48 -23.47
CA GLU A 248 44.12 28.84 -22.95
C GLU A 248 45.33 29.09 -23.85
N ARG A 249 45.08 29.19 -25.15
CA ARG A 249 46.15 29.44 -26.11
C ARG A 249 46.55 30.91 -26.11
N PHE A 250 45.60 31.78 -25.81
CA PHE A 250 45.87 33.21 -25.67
C PHE A 250 46.81 33.45 -24.50
N VAL A 251 46.49 32.84 -23.36
CA VAL A 251 47.31 32.96 -22.16
C VAL A 251 48.71 32.43 -22.39
N TRP A 252 48.80 31.28 -23.03
CA TRP A 252 50.06 30.60 -23.31
C TRP A 252 51.05 31.51 -24.05
N ALA A 253 50.57 32.15 -25.11
CA ALA A 253 51.43 33.00 -25.92
C ALA A 253 51.95 34.21 -25.14
N SER A 254 51.15 34.70 -24.21
CA SER A 254 51.54 35.84 -23.39
C SER A 254 52.61 35.46 -22.39
N LYS A 255 52.63 34.19 -21.99
CA LYS A 255 53.61 33.71 -21.02
C LYS A 255 54.85 33.13 -21.70
N GLY A 256 54.71 32.74 -22.96
CA GLY A 256 55.84 32.20 -23.72
C GLY A 256 56.40 30.92 -23.15
N THR A 257 55.58 30.19 -22.40
CA THR A 257 55.98 28.93 -21.81
C THR A 257 56.05 27.84 -22.87
N PRO A 258 56.81 26.75 -22.61
CA PRO A 258 56.93 25.65 -23.57
C PRO A 258 55.59 25.06 -24.00
N THR A 259 54.70 24.78 -23.05
CA THR A 259 53.41 24.19 -23.37
C THR A 259 52.26 25.02 -22.86
N VAL A 260 51.08 24.82 -23.43
CA VAL A 260 49.86 25.46 -22.94
C VAL A 260 49.55 24.93 -21.55
N TYR A 261 49.94 23.68 -21.30
CA TYR A 261 49.76 23.06 -20.00
C TYR A 261 50.53 23.82 -18.92
N ASP A 262 51.72 24.30 -19.28
CA ASP A 262 52.57 25.02 -18.35
C ASP A 262 52.08 26.43 -18.07
N ALA A 263 51.07 26.87 -18.82
CA ALA A 263 50.55 28.23 -18.69
C ALA A 263 49.23 28.25 -17.91
N ILE A 264 48.41 27.22 -18.10
CA ILE A 264 47.07 27.20 -17.53
C ILE A 264 47.09 26.70 -16.09
N PHE A 265 47.71 25.55 -15.88
CA PHE A 265 47.79 24.96 -14.54
C PHE A 265 49.20 24.47 -14.22
N PRO A 266 50.14 25.41 -14.02
CA PRO A 266 51.52 25.03 -13.70
C PRO A 266 51.59 24.23 -12.40
N GLU A 267 50.85 24.68 -11.40
CA GLU A 267 50.84 24.06 -10.08
C GLU A 267 50.44 22.59 -10.15
N VAL A 268 49.39 22.30 -10.92
CA VAL A 268 48.89 20.94 -11.05
C VAL A 268 49.93 20.03 -11.69
N VAL A 269 50.61 20.52 -12.72
CA VAL A 269 51.65 19.77 -13.40
C VAL A 269 52.84 19.55 -12.47
N ASP A 270 53.19 20.58 -11.70
CA ASP A 270 54.30 20.51 -10.77
C ASP A 270 54.06 19.45 -9.69
N THR A 271 52.84 19.43 -9.16
CA THR A 271 52.47 18.48 -8.11
C THR A 271 52.69 17.04 -8.54
N ILE A 272 52.31 16.74 -9.79
CA ILE A 272 52.49 15.40 -10.33
C ILE A 272 53.96 15.04 -10.46
N ILE A 273 54.72 15.90 -11.14
CA ILE A 273 56.13 15.63 -11.43
C ILE A 273 56.97 15.48 -10.16
N ASP A 274 56.72 16.31 -9.15
CA ASP A 274 57.47 16.26 -7.92
C ASP A 274 57.30 14.95 -7.17
N ASN A 275 56.09 14.38 -7.24
CA ASN A 275 55.79 13.15 -6.51
C ASN A 275 55.76 11.91 -7.40
N SER A 276 56.07 12.09 -8.68
CA SER A 276 56.07 10.99 -9.63
C SER A 276 57.37 10.19 -9.60
N ASN A 277 57.46 9.19 -10.47
CA ASN A 277 58.67 8.40 -10.62
C ASN A 277 59.54 8.94 -11.75
N VAL A 278 59.21 10.15 -12.19
CA VAL A 278 59.89 10.80 -13.31
C VAL A 278 61.41 10.83 -13.12
N SER A 279 62.13 10.46 -14.18
CA SER A 279 63.56 10.19 -14.12
C SER A 279 64.44 11.43 -14.00
N PHE A 280 63.86 12.62 -13.96
CA PHE A 280 64.65 13.83 -14.01
C PHE A 280 64.18 14.95 -13.08
N ASN A 281 64.91 16.05 -13.11
CA ASN A 281 64.58 17.25 -12.34
C ASN A 281 64.32 18.42 -13.28
N ARG A 282 63.18 19.09 -13.10
CA ARG A 282 62.76 20.17 -14.00
C ARG A 282 63.71 21.36 -14.00
N GLU A 283 64.47 21.54 -12.93
CA GLU A 283 65.30 22.73 -12.75
C GLU A 283 66.57 22.71 -13.58
N ASP A 284 67.04 21.52 -13.93
CA ASP A 284 68.29 21.38 -14.68
C ASP A 284 68.23 22.07 -16.03
N GLU A 285 69.39 22.47 -16.54
CA GLU A 285 69.48 23.16 -17.81
C GLU A 285 69.07 22.24 -18.96
N ARG A 286 69.48 20.97 -18.87
CA ARG A 286 69.22 20.00 -19.92
C ARG A 286 67.73 19.89 -20.24
N VAL A 287 66.92 19.59 -19.22
CA VAL A 287 65.49 19.43 -19.42
C VAL A 287 64.84 20.74 -19.88
N ARG A 288 65.30 21.86 -19.34
CA ARG A 288 64.78 23.16 -19.76
C ARG A 288 65.11 23.42 -21.23
N ARG A 289 66.31 23.00 -21.62
CA ARG A 289 66.77 23.18 -22.99
C ARG A 289 66.15 22.14 -23.93
N ILE A 290 66.09 20.89 -23.48
CA ILE A 290 65.50 19.81 -24.27
C ILE A 290 64.03 20.08 -24.53
N VAL A 291 63.31 20.55 -23.50
CA VAL A 291 61.88 20.83 -23.62
C VAL A 291 61.63 22.06 -24.49
N ALA A 292 62.44 23.11 -24.29
CA ALA A 292 62.25 24.38 -25.00
C ALA A 292 62.26 24.22 -26.52
N GLU A 293 63.02 23.25 -27.02
CA GLU A 293 63.08 22.98 -28.45
C GLU A 293 62.09 21.89 -28.85
N SER A 294 61.87 20.94 -27.95
CA SER A 294 60.89 19.88 -28.16
C SER A 294 59.51 20.49 -28.32
N SER A 295 59.26 21.54 -27.54
CA SER A 295 57.98 22.23 -27.57
C SER A 295 57.79 23.00 -28.87
N LYS A 296 58.89 23.52 -29.41
CA LYS A 296 58.86 24.26 -30.67
C LYS A 296 58.39 23.39 -31.82
N LEU A 297 58.92 22.18 -31.90
CA LEU A 297 58.60 21.27 -32.99
C LEU A 297 57.47 20.30 -32.62
N ALA A 298 56.65 20.70 -31.63
CA ALA A 298 55.57 19.85 -31.17
C ALA A 298 54.38 19.87 -32.13
N GLY A 299 54.06 21.04 -32.66
CA GLY A 299 52.90 21.23 -33.50
C GLY A 299 52.90 20.44 -34.79
N ILE A 300 54.05 19.92 -35.17
CA ILE A 300 54.18 19.10 -36.38
C ILE A 300 53.87 17.65 -36.06
N MET A 301 54.37 17.19 -34.91
CA MET A 301 54.24 15.80 -34.49
C MET A 301 52.78 15.41 -34.19
N GLY A 302 51.88 16.38 -34.27
CA GLY A 302 50.48 16.16 -34.01
C GLY A 302 49.66 15.87 -35.26
N GLU A 303 49.59 16.83 -36.17
CA GLU A 303 48.82 16.67 -37.40
C GLU A 303 49.46 15.68 -38.36
N LEU A 304 50.71 15.32 -38.10
CA LEU A 304 51.42 14.37 -38.95
C LEU A 304 52.06 13.27 -38.10
N ARG A 305 51.44 12.09 -38.11
CA ARG A 305 51.94 10.96 -37.35
C ARG A 305 52.29 9.81 -38.29
N GLY A 306 53.53 9.33 -38.21
CA GLY A 306 53.98 8.24 -39.06
C GLY A 306 55.33 7.68 -38.66
N GLU A 307 56.03 7.11 -39.63
CA GLU A 307 57.34 6.51 -39.38
C GLU A 307 58.44 7.56 -39.39
N ARG A 308 58.18 8.69 -40.02
CA ARG A 308 59.16 9.76 -40.11
C ARG A 308 59.27 10.56 -38.81
N LEU A 309 58.44 10.20 -37.84
CA LEU A 309 58.48 10.85 -36.54
C LEU A 309 59.83 10.62 -35.88
N ASN A 310 60.39 9.44 -36.11
CA ASN A 310 61.72 9.11 -35.59
C ASN A 310 62.79 9.95 -36.27
N GLN A 311 62.53 10.37 -37.49
CA GLN A 311 63.46 11.21 -38.23
C GLN A 311 63.42 12.65 -37.73
N LEU A 312 62.21 13.13 -37.43
CA LEU A 312 62.05 14.45 -36.83
C LEU A 312 62.56 14.43 -35.40
N ARG A 313 62.35 13.31 -34.72
CA ARG A 313 62.87 13.11 -33.38
C ARG A 313 64.39 13.23 -33.37
N LYS A 314 65.04 12.58 -34.32
CA LYS A 314 66.49 12.67 -34.44
C LYS A 314 66.91 14.09 -34.79
N SER A 315 66.09 14.76 -35.59
CA SER A 315 66.36 16.14 -35.99
C SER A 315 66.41 17.06 -34.77
N VAL A 316 65.35 17.04 -33.96
CA VAL A 316 65.32 17.84 -32.74
C VAL A 316 66.34 17.31 -31.74
N ALA A 317 66.54 15.99 -31.70
CA ALA A 317 67.51 15.40 -30.79
C ALA A 317 68.92 15.88 -31.10
N ASP A 318 69.32 15.78 -32.37
CA ASP A 318 70.66 16.17 -32.77
C ASP A 318 70.84 17.69 -32.74
N THR A 319 69.78 18.43 -33.01
CA THR A 319 69.84 19.89 -32.98
C THR A 319 70.03 20.36 -31.54
N VAL A 320 69.56 19.55 -30.59
CA VAL A 320 69.80 19.80 -29.17
C VAL A 320 70.84 18.82 -28.64
N GLY A 321 71.29 17.92 -29.51
CA GLY A 321 72.40 17.02 -29.20
C GLY A 321 72.17 16.01 -28.07
N VAL A 322 71.03 15.34 -28.07
CA VAL A 322 70.74 14.35 -27.03
C VAL A 322 70.44 12.97 -27.62
N SER A 323 70.89 11.92 -26.95
CA SER A 323 70.64 10.55 -27.40
C SER A 323 69.15 10.30 -27.54
N VAL A 324 68.77 9.63 -28.63
CA VAL A 324 67.37 9.49 -29.01
C VAL A 324 66.53 8.80 -27.94
N GLU A 325 67.11 7.81 -27.28
CA GLU A 325 66.41 7.12 -26.19
C GLU A 325 66.20 8.07 -25.02
N GLU A 326 67.15 8.96 -24.82
CA GLU A 326 67.10 9.90 -23.70
C GLU A 326 66.01 10.93 -23.88
N LEU A 327 65.84 11.40 -25.12
CA LEU A 327 64.79 12.36 -25.43
C LEU A 327 63.44 11.78 -25.05
N GLU A 328 63.27 10.50 -25.37
CA GLU A 328 62.09 9.75 -24.96
C GLU A 328 62.02 9.64 -23.45
N GLY A 329 63.18 9.62 -22.81
CA GLY A 329 63.26 9.53 -21.36
C GLY A 329 62.74 10.79 -20.69
N ILE A 330 62.52 11.83 -21.50
CA ILE A 330 61.93 13.07 -21.01
C ILE A 330 60.61 13.34 -21.74
N VAL A 331 60.57 13.03 -23.03
CA VAL A 331 59.37 13.27 -23.84
C VAL A 331 58.21 12.36 -23.42
N VAL A 332 58.45 11.05 -23.42
CA VAL A 332 57.38 10.09 -23.17
C VAL A 332 56.75 10.20 -21.76
N PRO A 333 57.58 10.33 -20.69
CA PRO A 333 56.91 10.50 -19.40
C PRO A 333 56.17 11.82 -19.26
N LEU A 334 56.65 12.86 -19.95
CA LEU A 334 56.01 14.17 -19.90
C LEU A 334 54.61 14.16 -20.52
N GLU A 335 54.47 13.41 -21.62
CA GLU A 335 53.20 13.33 -22.32
C GLU A 335 52.09 12.80 -21.42
N LYS A 336 52.42 11.78 -20.62
CA LYS A 336 51.48 11.21 -19.66
C LYS A 336 51.11 12.24 -18.60
N VAL A 337 52.12 12.97 -18.12
CA VAL A 337 51.93 13.99 -17.10
C VAL A 337 51.02 15.11 -17.60
N TYR A 338 51.26 15.56 -18.83
CA TYR A 338 50.45 16.62 -19.44
C TYR A 338 49.00 16.18 -19.62
N SER A 339 48.81 14.97 -20.14
CA SER A 339 47.47 14.43 -20.35
C SER A 339 46.71 14.33 -19.03
N LEU A 340 47.31 13.67 -18.05
CA LEU A 340 46.70 13.48 -16.74
C LEU A 340 46.33 14.82 -16.08
N ALA A 341 47.24 15.78 -16.17
CA ALA A 341 46.99 17.11 -15.62
C ALA A 341 45.80 17.76 -16.32
N ASP A 342 45.70 17.55 -17.63
CA ASP A 342 44.59 18.09 -18.40
C ASP A 342 43.30 17.32 -18.18
N HIS A 343 43.42 15.99 -18.14
CA HIS A 343 42.27 15.12 -17.91
C HIS A 343 41.54 15.49 -16.62
N THR A 344 42.29 15.65 -15.54
CA THR A 344 41.72 16.01 -14.24
C THR A 344 40.98 17.34 -14.27
N ARG A 345 41.48 18.28 -15.08
CA ARG A 345 40.82 19.56 -15.24
C ARG A 345 39.46 19.38 -15.92
N CYS A 346 39.42 18.47 -16.88
CA CYS A 346 38.18 18.14 -17.56
C CYS A 346 37.23 17.44 -16.61
N ILE A 347 37.76 16.52 -15.82
CA ILE A 347 37.00 15.80 -14.80
C ILE A 347 36.19 16.75 -13.93
N LEU A 348 36.85 17.80 -13.46
CA LEU A 348 36.26 18.79 -12.57
C LEU A 348 34.94 19.36 -13.07
N PHE A 349 34.92 19.81 -14.33
CA PHE A 349 33.73 20.44 -14.89
C PHE A 349 32.61 19.43 -15.16
N MET A 350 32.98 18.18 -15.44
CA MET A 350 32.00 17.15 -15.73
C MET A 350 31.14 16.84 -14.51
N LEU A 351 31.78 16.47 -13.41
CA LEU A 351 31.08 16.23 -12.16
C LEU A 351 30.41 17.52 -11.66
N GLY A 352 31.14 18.62 -11.76
CA GLY A 352 30.68 19.91 -11.25
C GLY A 352 29.41 20.43 -11.88
N ASP A 353 29.19 20.09 -13.15
CA ASP A 353 27.98 20.53 -13.85
C ASP A 353 26.92 19.44 -13.91
N GLY A 354 27.19 18.32 -13.23
CA GLY A 354 26.18 17.29 -13.04
C GLY A 354 26.20 16.13 -14.02
N LEU A 355 27.40 15.62 -14.32
CA LEU A 355 27.52 14.43 -15.14
C LEU A 355 27.91 13.25 -14.27
N VAL A 356 27.00 12.28 -14.15
CA VAL A 356 27.24 11.13 -13.28
C VAL A 356 27.77 9.95 -14.06
N PRO A 357 29.00 9.51 -13.74
CA PRO A 357 29.74 8.42 -14.41
C PRO A 357 28.90 7.16 -14.60
N SER A 358 28.86 6.66 -15.82
CA SER A 358 28.06 5.48 -16.13
C SER A 358 28.80 4.50 -17.02
N ASN A 359 28.17 3.35 -17.28
CA ASN A 359 28.74 2.35 -18.18
C ASN A 359 28.23 2.55 -19.60
N ALA A 360 27.27 3.47 -19.75
CA ALA A 360 26.68 3.75 -21.05
C ALA A 360 26.10 5.15 -21.09
N GLY A 361 25.66 5.58 -22.27
CA GLY A 361 25.05 6.88 -22.45
C GLY A 361 25.98 8.04 -22.18
N ALA A 362 25.40 9.14 -21.71
CA ALA A 362 26.16 10.35 -21.42
C ALA A 362 27.15 10.14 -20.27
N GLY A 363 26.76 9.30 -19.32
CA GLY A 363 27.57 9.06 -18.15
C GLY A 363 28.88 8.36 -18.44
N TYR A 364 28.91 7.55 -19.50
CA TYR A 364 30.11 6.80 -19.84
C TYR A 364 31.25 7.73 -20.23
N LEU A 365 30.91 8.89 -20.77
CA LEU A 365 31.90 9.91 -21.10
C LEU A 365 32.71 10.29 -19.88
N ALA A 366 32.02 10.48 -18.76
CA ALA A 366 32.67 10.83 -17.50
C ALA A 366 33.51 9.68 -16.97
N ARG A 367 32.97 8.46 -17.06
CA ARG A 367 33.69 7.28 -16.58
C ARG A 367 34.98 7.09 -17.34
N LEU A 368 34.88 7.05 -18.67
CA LEU A 368 36.04 6.91 -19.56
C LEU A 368 37.18 7.85 -19.18
N MET A 369 36.83 9.11 -18.91
CA MET A 369 37.81 10.10 -18.51
C MET A 369 38.45 9.77 -17.16
N ILE A 370 37.65 9.19 -16.27
CA ILE A 370 38.16 8.74 -14.97
C ILE A 370 39.10 7.56 -15.16
N ARG A 371 38.73 6.65 -16.06
CA ARG A 371 39.53 5.47 -16.36
C ARG A 371 40.93 5.88 -16.84
N ARG A 372 40.98 6.75 -17.83
CA ARG A 372 42.24 7.21 -18.40
C ARG A 372 43.08 7.94 -17.37
N SER A 373 42.43 8.74 -16.55
CA SER A 373 43.11 9.50 -15.50
C SER A 373 43.77 8.56 -14.49
N LEU A 374 43.09 7.45 -14.21
CA LEU A 374 43.61 6.46 -13.27
C LEU A 374 44.77 5.67 -13.85
N ARG A 375 44.69 5.36 -15.15
CA ARG A 375 45.73 4.60 -15.82
C ARG A 375 47.04 5.37 -15.85
N LEU A 376 46.96 6.68 -16.05
CA LEU A 376 48.13 7.52 -16.10
C LEU A 376 48.76 7.67 -14.71
N ALA A 377 47.91 7.72 -13.69
CA ALA A 377 48.37 7.83 -12.31
C ALA A 377 49.15 6.58 -11.89
N GLU A 378 48.82 5.45 -12.49
CA GLU A 378 49.51 4.19 -12.20
C GLU A 378 50.90 4.16 -12.82
N GLU A 379 51.00 4.59 -14.07
CA GLU A 379 52.28 4.61 -14.78
C GLU A 379 53.25 5.60 -14.15
N LEU A 380 52.70 6.68 -13.61
CA LEU A 380 53.51 7.71 -12.97
C LEU A 380 53.76 7.36 -11.51
N GLU A 381 53.08 6.33 -11.03
CA GLU A 381 53.12 5.92 -9.61
C GLU A 381 52.85 7.10 -8.69
N LEU A 382 51.79 7.84 -9.01
CA LEU A 382 51.45 9.07 -8.30
C LEU A 382 51.14 8.81 -6.83
N GLY A 383 51.69 9.66 -5.97
CA GLY A 383 51.50 9.52 -4.53
C GLY A 383 50.23 10.16 -4.02
N LEU A 384 49.54 10.90 -4.89
CA LEU A 384 48.29 11.55 -4.53
C LEU A 384 47.12 10.96 -5.32
N ASP A 385 45.92 11.07 -4.76
CA ASP A 385 44.72 10.59 -5.42
C ASP A 385 44.23 11.62 -6.43
N LEU A 386 43.36 11.20 -7.33
CA LEU A 386 42.83 12.09 -8.37
C LEU A 386 42.11 13.30 -7.78
N TYR A 387 41.51 13.13 -6.61
CA TYR A 387 40.76 14.22 -5.99
C TYR A 387 41.66 15.40 -5.64
N ASP A 388 42.88 15.09 -5.19
CA ASP A 388 43.84 16.12 -4.84
C ASP A 388 44.16 17.00 -6.04
N LEU A 389 44.33 16.37 -7.20
CA LEU A 389 44.65 17.10 -8.42
C LEU A 389 43.44 17.91 -8.90
N VAL A 390 42.26 17.32 -8.78
CA VAL A 390 41.02 18.00 -9.18
C VAL A 390 40.74 19.16 -8.24
N GLU A 391 41.05 18.97 -6.96
CA GLU A 391 40.84 19.99 -5.94
C GLU A 391 41.61 21.27 -6.27
N MET A 392 42.80 21.12 -6.84
CA MET A 392 43.62 22.27 -7.22
C MET A 392 42.93 23.12 -8.27
N HIS A 393 42.42 22.47 -9.32
CA HIS A 393 41.77 23.16 -10.42
C HIS A 393 40.59 24.02 -9.96
N LYS A 394 39.87 23.55 -8.93
CA LYS A 394 38.77 24.32 -8.37
C LYS A 394 39.29 25.60 -7.77
N LYS A 395 40.49 25.54 -7.20
CA LYS A 395 41.14 26.71 -6.63
C LYS A 395 41.82 27.55 -7.71
N ILE A 396 42.60 26.89 -8.56
CA ILE A 396 43.36 27.56 -9.61
C ILE A 396 42.44 28.30 -10.58
N LEU A 397 41.46 27.59 -11.12
CA LEU A 397 40.52 28.18 -12.07
C LEU A 397 39.54 29.09 -11.34
N GLY A 398 39.28 28.78 -10.07
CA GLY A 398 38.43 29.60 -9.23
C GLY A 398 36.99 29.72 -9.71
N PHE A 399 36.33 28.58 -9.92
CA PHE A 399 34.95 28.58 -10.38
C PHE A 399 34.01 28.01 -9.33
N GLU A 400 32.72 28.30 -9.48
CA GLU A 400 31.69 27.77 -8.60
C GLU A 400 30.79 26.82 -9.36
N PHE A 401 30.60 25.62 -8.82
CA PHE A 401 29.79 24.61 -9.49
C PHE A 401 28.51 24.29 -8.71
N ASP A 402 27.51 23.78 -9.42
CA ASP A 402 26.25 23.40 -8.81
C ASP A 402 26.43 22.16 -7.95
N VAL A 403 27.40 21.34 -8.32
CA VAL A 403 27.68 20.10 -7.60
C VAL A 403 28.85 20.29 -6.64
N PRO A 404 28.63 19.95 -5.35
CA PRO A 404 29.66 20.07 -4.32
C PRO A 404 30.88 19.20 -4.58
N LEU A 405 32.01 19.54 -3.97
CA LEU A 405 33.25 18.81 -4.18
C LEU A 405 33.31 17.54 -3.33
N SER A 406 32.56 17.52 -2.24
CA SER A 406 32.47 16.35 -1.39
C SER A 406 31.81 15.21 -2.16
N THR A 407 30.78 15.55 -2.92
CA THR A 407 30.11 14.59 -3.80
C THR A 407 31.11 14.06 -4.82
N VAL A 408 31.93 14.96 -5.36
CA VAL A 408 32.92 14.61 -6.37
C VAL A 408 33.89 13.53 -5.88
N GLN A 409 34.42 13.71 -4.66
CA GLN A 409 35.37 12.75 -4.11
C GLN A 409 34.74 11.38 -3.91
N GLU A 410 33.50 11.37 -3.46
CA GLU A 410 32.77 10.12 -3.24
C GLU A 410 32.54 9.41 -4.56
N ILE A 411 32.39 10.18 -5.63
CA ILE A 411 32.23 9.62 -6.97
C ILE A 411 33.57 9.06 -7.45
N LEU A 412 34.66 9.76 -7.13
CA LEU A 412 35.99 9.30 -7.50
C LEU A 412 36.37 8.04 -6.74
N GLU A 413 36.06 8.01 -5.45
CA GLU A 413 36.36 6.85 -4.61
C GLU A 413 35.57 5.63 -5.05
N LEU A 414 34.36 5.86 -5.53
CA LEU A 414 33.54 4.77 -6.06
C LEU A 414 34.12 4.27 -7.37
N GLU A 415 34.35 5.19 -8.31
CA GLU A 415 34.85 4.83 -9.63
C GLU A 415 36.25 4.25 -9.60
N LYS A 416 37.06 4.67 -8.63
CA LYS A 416 38.40 4.10 -8.47
C LYS A 416 38.30 2.66 -7.98
N GLU A 417 37.44 2.45 -6.99
CA GLU A 417 37.23 1.11 -6.45
C GLU A 417 36.47 0.26 -7.47
N ARG A 418 35.63 0.90 -8.28
CA ARG A 418 34.87 0.20 -9.29
C ARG A 418 35.80 -0.25 -10.43
N TYR A 419 36.93 0.43 -10.57
CA TYR A 419 37.93 0.04 -11.57
C TYR A 419 38.85 -1.05 -11.03
N ARG A 420 39.37 -0.85 -9.83
CA ARG A 420 40.28 -1.80 -9.21
C ARG A 420 39.60 -3.16 -9.02
N THR A 421 38.29 -3.12 -8.83
CA THR A 421 37.50 -4.35 -8.78
C THR A 421 37.48 -5.02 -10.16
N THR A 422 37.30 -4.21 -11.19
CA THR A 422 37.20 -4.71 -12.56
C THR A 422 38.52 -5.28 -13.07
N VAL A 423 39.62 -4.57 -12.81
CA VAL A 423 40.92 -5.01 -13.28
C VAL A 423 41.35 -6.30 -12.59
N SER A 424 40.94 -6.47 -11.33
CA SER A 424 41.21 -7.71 -10.60
C SER A 424 40.44 -8.86 -11.25
N LYS A 425 39.13 -8.70 -11.36
CA LYS A 425 38.26 -9.64 -12.04
C LYS A 425 38.76 -9.92 -13.45
N GLY A 426 39.29 -8.89 -14.10
CA GLY A 426 39.82 -9.00 -15.44
C GLY A 426 41.15 -9.72 -15.50
N THR A 427 42.08 -9.31 -14.64
CA THR A 427 43.43 -9.89 -14.63
C THR A 427 43.39 -11.39 -14.37
N ARG A 428 42.57 -11.79 -13.39
CA ARG A 428 42.44 -13.21 -13.05
C ARG A 428 41.91 -14.02 -14.23
N LEU A 429 41.05 -13.40 -15.03
CA LEU A 429 40.53 -14.04 -16.24
C LEU A 429 41.65 -14.31 -17.24
N VAL A 430 42.52 -13.33 -17.41
CA VAL A 430 43.63 -13.44 -18.36
C VAL A 430 44.56 -14.58 -18.00
N GLU A 431 44.89 -14.69 -16.72
CA GLU A 431 45.76 -15.76 -16.22
C GLU A 431 45.16 -17.13 -16.52
N ARG A 432 43.86 -17.23 -16.36
CA ARG A 432 43.15 -18.49 -16.56
C ARG A 432 43.14 -18.90 -18.03
N LEU A 433 43.37 -17.94 -18.91
CA LEU A 433 43.50 -18.23 -20.34
C LEU A 433 44.89 -18.78 -20.64
N VAL A 434 45.89 -18.25 -19.93
CA VAL A 434 47.29 -18.64 -20.12
C VAL A 434 47.49 -20.13 -19.79
N GLU A 435 46.64 -20.67 -18.93
CA GLU A 435 46.72 -22.08 -18.57
C GLU A 435 45.79 -22.96 -19.41
N ARG A 436 44.79 -22.35 -20.05
CA ARG A 436 43.89 -23.10 -20.92
C ARG A 436 44.27 -22.94 -22.39
N LYS A 437 44.30 -21.69 -22.85
CA LYS A 437 44.69 -21.40 -24.23
C LYS A 437 46.19 -21.62 -24.41
N LYS A 438 46.95 -21.25 -23.38
CA LYS A 438 48.41 -21.28 -23.39
C LYS A 438 48.96 -20.44 -24.55
N LYS A 439 48.16 -19.45 -24.94
CA LYS A 439 48.47 -18.54 -26.04
C LYS A 439 47.47 -17.40 -26.04
N LEU A 440 47.91 -16.23 -26.50
CA LEU A 440 47.02 -15.09 -26.67
C LEU A 440 46.94 -14.67 -28.13
N GLU A 441 45.74 -14.33 -28.58
CA GLU A 441 45.51 -13.91 -29.95
C GLU A 441 44.49 -12.77 -30.03
N LYS A 442 44.36 -12.19 -31.22
CA LYS A 442 43.59 -10.96 -31.39
C LYS A 442 42.09 -11.14 -31.19
N ASP A 443 41.55 -12.27 -31.63
CA ASP A 443 40.12 -12.53 -31.46
C ASP A 443 39.79 -12.50 -29.98
N ASP A 444 40.70 -13.01 -29.17
CA ASP A 444 40.58 -12.92 -27.72
C ASP A 444 40.82 -11.49 -27.25
N LEU A 445 41.95 -10.93 -27.68
CA LEU A 445 42.42 -9.64 -27.19
C LEU A 445 41.42 -8.51 -27.43
N ILE A 446 40.74 -8.54 -28.56
CA ILE A 446 39.72 -7.54 -28.84
C ILE A 446 38.55 -7.75 -27.89
N GLU A 447 38.28 -9.01 -27.57
CA GLU A 447 37.18 -9.37 -26.69
C GLU A 447 37.52 -9.09 -25.23
N LEU A 448 38.80 -9.19 -24.91
CA LEU A 448 39.29 -8.88 -23.56
C LEU A 448 39.07 -7.41 -23.22
N TYR A 449 39.40 -6.55 -24.16
CA TYR A 449 39.24 -5.12 -23.93
C TYR A 449 37.77 -4.72 -24.07
N ASP A 450 37.11 -5.21 -25.12
CA ASP A 450 35.74 -4.83 -25.42
C ASP A 450 34.75 -5.16 -24.31
N SER A 451 34.77 -6.41 -23.83
CA SER A 451 33.74 -6.86 -22.90
C SER A 451 34.24 -7.00 -21.46
N HIS A 452 35.47 -6.58 -21.20
CA HIS A 452 36.00 -6.63 -19.84
C HIS A 452 36.81 -5.38 -19.48
N GLY A 453 36.93 -4.45 -20.42
CA GLY A 453 37.55 -3.16 -20.16
C GLY A 453 39.06 -3.20 -19.98
N ILE A 454 39.63 -4.39 -20.11
CA ILE A 454 41.06 -4.57 -19.94
C ILE A 454 41.84 -4.05 -21.14
N PRO A 455 42.64 -2.98 -20.95
CA PRO A 455 43.44 -2.40 -22.02
C PRO A 455 44.38 -3.42 -22.67
N VAL A 456 44.63 -3.25 -23.96
CA VAL A 456 45.45 -4.19 -24.74
C VAL A 456 46.81 -4.45 -24.09
N GLU A 457 47.43 -3.39 -23.59
CA GLU A 457 48.75 -3.48 -22.98
C GLU A 457 48.80 -4.41 -21.76
N LEU A 458 47.77 -4.33 -20.92
CA LEU A 458 47.71 -5.11 -19.69
C LEU A 458 47.80 -6.61 -19.97
N ALA A 459 47.00 -7.07 -20.92
CA ALA A 459 46.96 -8.50 -21.27
C ALA A 459 48.33 -8.99 -21.72
N VAL A 460 49.00 -8.19 -22.54
CA VAL A 460 50.33 -8.54 -23.03
C VAL A 460 51.34 -8.55 -21.87
N GLY A 461 51.21 -7.56 -20.99
CA GLY A 461 52.06 -7.47 -19.82
C GLY A 461 51.94 -8.70 -18.94
N ILE A 462 50.69 -9.09 -18.66
CA ILE A 462 50.42 -10.29 -17.87
C ILE A 462 50.93 -11.54 -18.59
N ALA A 463 50.75 -11.57 -19.91
CA ALA A 463 51.14 -12.72 -20.71
C ALA A 463 52.66 -12.89 -20.75
N ALA A 464 53.39 -11.78 -20.63
CA ALA A 464 54.84 -11.83 -20.58
C ALA A 464 55.33 -12.17 -19.18
N GLU A 465 54.49 -11.87 -18.19
CA GLU A 465 54.77 -12.25 -16.81
C GLU A 465 54.52 -13.73 -16.62
N LYS A 466 53.77 -14.31 -17.56
CA LYS A 466 53.51 -15.74 -17.58
C LYS A 466 54.07 -16.38 -18.85
N GLY A 467 54.76 -15.57 -19.65
CA GLY A 467 55.45 -16.05 -20.84
C GLY A 467 54.57 -16.65 -21.93
N ALA A 468 53.50 -15.94 -22.30
CA ALA A 468 52.56 -16.46 -23.29
C ALA A 468 52.68 -15.72 -24.63
N GLU A 469 52.53 -16.46 -25.72
CA GLU A 469 52.63 -15.92 -27.08
C GLU A 469 51.68 -14.75 -27.29
N VAL A 470 52.19 -13.64 -27.81
CA VAL A 470 51.38 -12.44 -27.98
C VAL A 470 51.57 -11.74 -29.32
N GLU A 471 50.53 -11.03 -29.75
CA GLU A 471 50.59 -10.18 -30.92
C GLU A 471 49.72 -8.94 -30.67
N MET A 472 50.23 -7.76 -31.01
CA MET A 472 49.48 -6.53 -30.79
C MET A 472 49.09 -5.84 -32.09
N PRO A 473 47.84 -6.04 -32.52
CA PRO A 473 47.26 -5.35 -33.68
C PRO A 473 46.91 -3.90 -33.34
N LYS A 474 47.81 -2.98 -33.64
CA LYS A 474 47.64 -1.58 -33.23
C LYS A 474 46.63 -0.80 -34.08
N ASP A 475 46.54 -1.13 -35.37
CA ASP A 475 45.70 -0.36 -36.27
C ASP A 475 44.38 -1.07 -36.61
N ILE A 476 44.19 -2.26 -36.06
CA ILE A 476 42.99 -3.05 -36.32
C ILE A 476 42.06 -2.93 -35.09
N TYR A 477 42.25 -1.84 -34.34
CA TYR A 477 41.49 -1.62 -33.11
C TYR A 477 40.05 -1.18 -33.35
N ALA A 478 39.85 -0.26 -34.29
CA ALA A 478 38.55 0.37 -34.47
C ALA A 478 37.67 -0.31 -35.52
N GLU A 479 38.27 -1.17 -36.35
CA GLU A 479 37.53 -1.79 -37.44
C GLU A 479 36.41 -2.70 -36.94
N LEU A 480 36.76 -3.75 -36.20
CA LEU A 480 35.79 -4.71 -35.72
C LEU A 480 34.83 -4.06 -34.72
N ALA A 481 35.31 -3.01 -34.06
CA ALA A 481 34.46 -2.21 -33.19
C ALA A 481 33.41 -1.48 -34.02
N LYS A 482 33.71 -1.26 -35.30
CA LYS A 482 32.82 -0.53 -36.19
C LYS A 482 32.18 -1.39 -37.27
N ARG A 483 32.71 -2.60 -37.44
CA ARG A 483 32.39 -3.41 -38.62
C ARG A 483 30.91 -3.79 -38.80
N HIS A 484 30.32 -4.45 -37.81
CA HIS A 484 28.98 -5.02 -37.97
C HIS A 484 27.86 -4.12 -37.45
N SER A 485 26.82 -3.94 -38.27
CA SER A 485 25.72 -3.03 -37.95
C SER A 485 24.37 -3.49 -38.49
N LYS A 486 23.31 -2.85 -38.00
CA LYS A 486 21.97 -2.96 -38.57
C LYS A 486 21.04 -1.92 -37.97
N ALA A 487 20.20 -1.33 -38.82
CA ALA A 487 19.16 -0.41 -38.40
C ALA A 487 17.87 -0.77 -39.12
N GLU A 488 16.73 -0.62 -38.43
CA GLU A 488 15.46 -1.07 -38.98
C GLU A 488 14.78 -0.02 -39.85
N LYS A 489 14.58 1.19 -39.30
CA LYS A 489 13.87 2.23 -40.03
C LYS A 489 14.65 3.54 -40.10
N VAL A 490 14.32 4.36 -41.09
CA VAL A 490 15.05 5.59 -41.37
C VAL A 490 14.17 6.83 -41.19
N GLN A 491 12.88 6.67 -41.49
CA GLN A 491 11.96 7.81 -41.58
C GLN A 491 11.70 8.50 -40.25
N GLU A 492 11.10 9.69 -40.33
CA GLU A 492 10.73 10.50 -39.18
C GLU A 492 9.87 9.73 -38.17
N LYS A 493 9.89 10.17 -36.92
CA LYS A 493 9.24 9.47 -35.82
C LYS A 493 7.72 9.31 -35.99
N LYS A 494 7.07 10.32 -36.53
CA LYS A 494 5.61 10.35 -36.56
C LYS A 494 4.99 9.89 -37.87
N ILE A 495 3.87 9.18 -37.77
CA ILE A 495 3.07 8.81 -38.93
C ILE A 495 2.43 10.04 -39.53
N THR A 496 2.83 10.39 -40.75
CA THR A 496 2.28 11.56 -41.44
C THR A 496 0.79 11.39 -41.73
N LEU A 497 0.01 12.41 -41.42
CA LEU A 497 -1.45 12.34 -41.52
C LEU A 497 -1.93 12.32 -42.97
N GLN A 498 -3.05 11.65 -43.21
CA GLN A 498 -3.59 11.48 -44.55
C GLN A 498 -4.18 12.78 -45.10
N ASN A 499 -4.90 13.51 -44.25
CA ASN A 499 -5.44 14.81 -44.63
C ASN A 499 -5.11 15.87 -43.59
N GLU A 500 -5.14 17.14 -43.99
CA GLU A 500 -4.70 18.20 -43.10
C GLU A 500 -5.75 19.27 -42.83
N TYR A 501 -5.71 19.85 -41.65
CA TYR A 501 -6.58 20.95 -41.26
C TYR A 501 -5.83 21.93 -40.37
N PRO A 502 -5.80 23.22 -40.78
CA PRO A 502 -4.99 24.26 -40.15
C PRO A 502 -5.51 24.77 -38.80
N ALA A 503 -4.57 25.19 -37.96
CA ALA A 503 -4.86 25.92 -36.72
C ALA A 503 -5.76 25.19 -35.74
N THR A 504 -5.23 24.15 -35.10
CA THR A 504 -5.90 23.51 -33.99
C THR A 504 -5.54 24.25 -32.71
N GLU A 505 -6.27 23.96 -31.64
CA GLU A 505 -5.97 24.55 -30.34
C GLU A 505 -6.65 23.77 -29.22
N LYS A 506 -6.07 23.81 -28.04
CA LYS A 506 -6.65 23.16 -26.87
C LYS A 506 -6.60 24.12 -25.69
N LEU A 507 -7.72 24.30 -25.02
CA LEU A 507 -7.81 25.25 -23.92
C LEU A 507 -7.47 24.59 -22.58
N TYR A 508 -7.20 23.29 -22.59
CA TYR A 508 -7.01 22.57 -21.34
C TYR A 508 -5.75 23.01 -20.58
N TYR A 509 -4.94 23.87 -21.18
CA TYR A 509 -3.75 24.35 -20.48
C TYR A 509 -4.16 25.19 -19.27
N ASP A 510 -5.03 26.17 -19.47
CA ASP A 510 -5.44 27.04 -18.37
C ASP A 510 -6.62 26.45 -17.63
N ASP A 511 -7.11 25.31 -18.13
CA ASP A 511 -8.25 24.65 -17.53
C ASP A 511 -8.10 23.13 -17.49
N PRO A 512 -7.41 22.62 -16.45
CA PRO A 512 -7.42 21.19 -16.18
C PRO A 512 -8.60 20.81 -15.29
N THR A 513 -9.14 21.81 -14.61
CA THR A 513 -10.19 21.61 -13.62
C THR A 513 -11.54 21.24 -14.25
N LEU A 514 -11.73 21.58 -15.52
CA LEU A 514 -12.97 21.23 -16.21
C LEU A 514 -12.70 20.28 -17.37
N LEU A 515 -13.54 19.26 -17.49
CA LEU A 515 -13.36 18.22 -18.50
C LEU A 515 -14.11 18.55 -19.79
N GLU A 516 -15.43 18.65 -19.68
CA GLU A 516 -16.30 18.85 -20.83
C GLU A 516 -16.01 20.14 -21.58
N PHE A 517 -16.21 20.13 -22.89
CA PHE A 517 -16.05 21.31 -23.72
C PHE A 517 -17.25 21.49 -24.65
N GLU A 518 -17.15 22.47 -25.55
CA GLU A 518 -18.14 22.66 -26.61
C GLU A 518 -17.48 23.19 -27.87
N ALA A 519 -17.23 22.29 -28.82
CA ALA A 519 -16.59 22.67 -30.08
C ALA A 519 -17.33 22.07 -31.27
N GLU A 520 -16.70 22.12 -32.44
CA GLU A 520 -17.32 21.63 -33.67
C GLU A 520 -16.35 20.83 -34.51
N VAL A 521 -16.90 20.03 -35.44
CA VAL A 521 -16.11 19.17 -36.30
C VAL A 521 -15.33 19.95 -37.35
N ILE A 522 -14.18 19.41 -37.75
CA ILE A 522 -13.36 20.05 -38.76
C ILE A 522 -12.98 19.07 -39.88
N GLY A 523 -12.80 17.80 -39.52
CA GLY A 523 -12.43 16.78 -40.49
C GLY A 523 -12.46 15.39 -39.89
N VAL A 524 -12.60 14.38 -40.73
CA VAL A 524 -12.69 13.01 -40.27
C VAL A 524 -11.81 12.07 -41.11
N GLU A 525 -11.16 11.12 -40.44
CA GLU A 525 -10.30 10.16 -41.13
C GLU A 525 -10.18 8.84 -40.39
N GLY A 526 -10.82 7.81 -40.92
CA GLY A 526 -10.78 6.48 -40.34
C GLY A 526 -11.44 6.43 -38.98
N ASP A 527 -10.87 5.63 -38.08
CA ASP A 527 -11.41 5.48 -36.74
C ASP A 527 -11.20 6.72 -35.89
N PHE A 528 -10.17 7.50 -36.21
CA PHE A 528 -9.85 8.70 -35.43
C PHE A 528 -10.51 9.94 -36.03
N VAL A 529 -10.77 10.95 -35.19
CA VAL A 529 -11.34 12.20 -35.66
C VAL A 529 -10.68 13.42 -35.02
N ILE A 530 -10.83 14.58 -35.67
CA ILE A 530 -10.25 15.84 -35.21
C ILE A 530 -11.31 16.93 -35.14
N LEU A 531 -11.18 17.84 -34.17
CA LEU A 531 -12.14 18.91 -33.94
C LEU A 531 -11.46 20.28 -33.92
N ASN A 532 -12.25 21.33 -33.73
CA ASN A 532 -11.72 22.69 -33.65
C ASN A 532 -10.86 22.90 -32.41
N ARG A 533 -11.46 22.77 -31.24
CA ARG A 533 -10.76 22.91 -29.97
C ARG A 533 -11.18 21.81 -28.99
N SER A 534 -10.25 21.39 -28.14
CA SER A 534 -10.54 20.31 -27.21
C SER A 534 -9.86 20.47 -25.86
N ALA A 535 -10.16 19.54 -24.95
CA ALA A 535 -9.50 19.47 -23.66
C ALA A 535 -8.85 18.10 -23.50
N PHE A 536 -8.82 17.36 -24.60
CA PHE A 536 -8.20 16.03 -24.63
C PHE A 536 -6.68 16.14 -24.76
N TYR A 537 -5.97 15.47 -23.86
CA TYR A 537 -4.51 15.47 -23.89
C TYR A 537 -3.97 14.13 -24.35
N PRO A 538 -3.35 14.09 -25.54
CA PRO A 538 -2.77 12.91 -26.16
C PRO A 538 -1.71 12.24 -25.30
N GLU A 539 -1.70 10.91 -25.29
CA GLU A 539 -0.80 10.15 -24.43
C GLU A 539 0.58 9.95 -25.05
N SER A 540 1.59 9.96 -24.19
CA SER A 540 2.94 9.64 -24.60
C SER A 540 3.43 8.44 -23.80
N GLY A 541 3.77 7.36 -24.51
CA GLY A 541 4.16 6.12 -23.86
C GLY A 541 2.95 5.25 -23.58
N GLY A 542 3.09 4.34 -22.62
CA GLY A 542 2.01 3.43 -22.28
C GLY A 542 0.73 4.11 -21.86
N GLN A 543 0.86 5.12 -21.01
CA GLN A 543 -0.30 5.84 -20.44
C GLN A 543 -0.25 7.34 -20.72
N ASP A 544 -0.78 8.11 -19.77
CA ASP A 544 -0.95 9.57 -19.86
C ASP A 544 -2.14 9.91 -20.75
N ASN A 545 -2.97 8.91 -21.03
CA ASN A 545 -4.14 9.11 -21.89
C ASN A 545 -5.31 9.78 -21.19
N ASP A 546 -5.86 10.79 -21.85
CA ASP A 546 -7.10 11.42 -21.41
C ASP A 546 -8.25 10.77 -22.16
N VAL A 547 -8.96 9.88 -21.47
CA VAL A 547 -10.00 9.06 -22.10
C VAL A 547 -11.38 9.68 -21.89
N GLY A 548 -12.23 9.61 -22.90
CA GLY A 548 -13.56 10.20 -22.80
C GLY A 548 -14.54 9.69 -23.83
N TYR A 549 -15.83 9.81 -23.51
CA TYR A 549 -16.90 9.43 -24.41
C TYR A 549 -17.26 10.61 -25.30
N LEU A 550 -17.30 10.39 -26.61
CA LEU A 550 -17.61 11.48 -27.54
C LEU A 550 -19.04 11.37 -28.09
N ILE A 551 -19.93 12.21 -27.58
CA ILE A 551 -21.32 12.19 -28.00
C ILE A 551 -21.51 12.94 -29.32
N ALA A 552 -22.71 12.86 -29.89
CA ALA A 552 -23.05 13.60 -31.09
C ALA A 552 -24.46 14.16 -30.97
N ASN A 553 -24.94 14.80 -32.03
CA ASN A 553 -26.32 15.27 -32.07
C ASN A 553 -27.28 14.10 -32.29
N GLY A 554 -26.72 12.93 -32.61
CA GLY A 554 -27.50 11.73 -32.83
C GLY A 554 -27.30 10.68 -31.76
N GLY A 555 -26.07 10.20 -31.62
CA GLY A 555 -25.77 9.15 -30.66
C GLY A 555 -24.49 9.38 -29.86
N LYS A 556 -24.16 8.43 -29.01
CA LYS A 556 -22.96 8.52 -28.17
C LYS A 556 -21.85 7.59 -28.62
N PHE A 557 -20.64 8.12 -28.71
CA PHE A 557 -19.47 7.35 -29.12
C PHE A 557 -18.40 7.46 -28.04
N GLU A 558 -17.33 6.68 -28.15
CA GLU A 558 -16.28 6.70 -27.13
C GLU A 558 -14.87 6.57 -27.73
N VAL A 559 -13.90 7.15 -27.05
CA VAL A 559 -12.51 7.11 -27.47
C VAL A 559 -11.69 6.12 -26.63
N VAL A 560 -10.98 5.22 -27.31
CA VAL A 560 -10.17 4.21 -26.63
C VAL A 560 -8.82 4.77 -26.20
N ASP A 561 -8.03 5.24 -27.16
CA ASP A 561 -6.75 5.89 -26.88
C ASP A 561 -6.70 7.27 -27.51
N VAL A 562 -5.74 8.08 -27.08
CA VAL A 562 -5.62 9.43 -27.62
C VAL A 562 -4.17 9.78 -27.98
N LEU A 563 -3.94 10.06 -29.26
CA LEU A 563 -2.60 10.36 -29.76
C LEU A 563 -2.56 11.77 -30.34
N GLU A 564 -1.44 12.14 -30.96
CA GLU A 564 -1.29 13.50 -31.49
C GLU A 564 -0.47 13.58 -32.77
N ALA A 565 -0.94 14.44 -33.67
CA ALA A 565 -0.18 14.85 -34.84
C ALA A 565 -0.02 16.36 -34.74
N ASP A 566 1.18 16.87 -35.04
CA ASP A 566 1.43 18.29 -34.83
C ASP A 566 0.42 19.13 -35.60
N GLY A 567 -0.39 19.90 -34.87
CA GLY A 567 -1.41 20.72 -35.46
C GLY A 567 -2.76 20.06 -35.48
N VAL A 568 -2.86 18.87 -34.90
CA VAL A 568 -4.09 18.07 -34.87
C VAL A 568 -4.16 17.11 -33.68
N VAL A 569 -5.29 17.12 -32.97
CA VAL A 569 -5.53 16.14 -31.92
C VAL A 569 -6.06 14.83 -32.51
N LEU A 570 -5.58 13.69 -32.00
CA LEU A 570 -6.06 12.40 -32.48
C LEU A 570 -6.90 11.68 -31.41
N HIS A 571 -8.06 11.17 -31.83
CA HIS A 571 -8.95 10.44 -30.92
C HIS A 571 -9.28 9.04 -31.44
N VAL A 572 -8.64 8.02 -30.87
CA VAL A 572 -8.83 6.64 -31.34
C VAL A 572 -10.15 6.03 -30.90
N VAL A 573 -10.95 5.60 -31.87
CA VAL A 573 -12.26 5.01 -31.63
C VAL A 573 -12.35 3.64 -32.31
N LYS A 574 -13.19 2.76 -31.79
CA LYS A 574 -13.48 1.48 -32.45
C LYS A 574 -14.98 1.38 -32.72
N GLY A 575 -15.43 1.99 -33.80
CA GLY A 575 -16.84 1.97 -34.15
C GLY A 575 -17.24 2.97 -35.23
N ALA A 576 -18.48 3.43 -35.16
CA ALA A 576 -19.04 4.31 -36.20
C ALA A 576 -18.45 5.71 -36.13
N LYS A 577 -18.88 6.58 -37.05
CA LYS A 577 -18.29 7.90 -37.21
C LYS A 577 -19.27 8.91 -37.78
N PRO A 578 -19.50 10.02 -37.06
CA PRO A 578 -20.37 11.12 -37.51
C PRO A 578 -19.70 12.01 -38.56
N GLU A 579 -20.44 12.34 -39.62
CA GLU A 579 -19.90 13.13 -40.72
C GLU A 579 -19.74 14.60 -40.36
N VAL A 580 -19.12 15.36 -41.27
CA VAL A 580 -18.82 16.77 -41.05
C VAL A 580 -20.07 17.63 -40.94
N GLY A 581 -21.14 17.17 -41.60
CA GLY A 581 -22.40 17.90 -41.65
C GLY A 581 -22.92 18.38 -40.30
N THR A 582 -22.93 17.49 -39.31
CA THR A 582 -23.42 17.83 -37.99
C THR A 582 -22.26 17.94 -36.99
N LYS A 583 -22.12 19.11 -36.38
CA LYS A 583 -21.07 19.33 -35.39
C LYS A 583 -21.48 18.73 -34.04
N VAL A 584 -20.50 18.18 -33.32
CA VAL A 584 -20.78 17.43 -32.11
C VAL A 584 -20.05 17.97 -30.88
N LYS A 585 -20.42 17.45 -29.71
CA LYS A 585 -19.76 17.81 -28.45
C LYS A 585 -19.15 16.56 -27.82
N GLY A 586 -18.33 16.73 -26.79
CA GLY A 586 -17.63 15.60 -26.20
C GLY A 586 -17.50 15.62 -24.68
N VAL A 587 -17.31 14.45 -24.10
CA VAL A 587 -17.16 14.30 -22.65
C VAL A 587 -15.85 13.58 -22.32
N ILE A 588 -15.33 13.80 -21.11
CA ILE A 588 -14.09 13.19 -20.66
C ILE A 588 -14.29 12.44 -19.35
N ASP A 589 -13.72 11.24 -19.25
CA ASP A 589 -13.76 10.47 -18.00
C ASP A 589 -13.02 11.22 -16.91
N SER A 590 -13.69 11.39 -15.77
CA SER A 590 -13.13 12.15 -14.66
C SER A 590 -12.05 11.37 -13.91
N ASP A 591 -12.36 10.14 -13.54
CA ASP A 591 -11.45 9.31 -12.75
C ASP A 591 -10.14 9.04 -13.47
N VAL A 592 -10.22 8.79 -14.78
CA VAL A 592 -9.05 8.50 -15.59
C VAL A 592 -8.14 9.72 -15.71
N ARG A 593 -8.74 10.88 -15.94
CA ARG A 593 -8.01 12.13 -16.06
C ARG A 593 -7.24 12.48 -14.79
N TRP A 594 -7.91 12.36 -13.65
CA TRP A 594 -7.34 12.75 -12.36
C TRP A 594 -6.10 11.95 -11.97
N ARG A 595 -6.13 10.65 -12.25
CA ARG A 595 -5.03 9.76 -11.87
C ARG A 595 -3.72 10.18 -12.52
N HIS A 596 -3.79 10.61 -13.77
CA HIS A 596 -2.61 11.04 -14.51
C HIS A 596 -2.12 12.41 -14.02
N MET A 597 -3.07 13.29 -13.73
CA MET A 597 -2.74 14.62 -13.20
C MET A 597 -2.04 14.49 -11.85
N ARG A 598 -2.46 13.49 -11.07
CA ARG A 598 -1.82 13.19 -9.80
C ARG A 598 -0.41 12.68 -10.01
N HIS A 599 -0.28 11.70 -10.91
CA HIS A 599 1.03 11.14 -11.24
C HIS A 599 1.96 12.21 -11.81
N HIS A 600 1.42 13.05 -12.68
CA HIS A 600 2.18 14.14 -13.30
C HIS A 600 2.80 15.05 -12.26
N SER A 601 1.97 15.57 -11.36
CA SER A 601 2.45 16.47 -10.31
C SER A 601 3.38 15.76 -9.35
N ALA A 602 2.99 14.55 -8.93
CA ALA A 602 3.79 13.76 -8.00
C ALA A 602 5.14 13.38 -8.62
N THR A 603 5.19 13.30 -9.95
CA THR A 603 6.44 13.01 -10.64
C THR A 603 7.44 14.14 -10.42
N HIS A 604 7.00 15.37 -10.62
CA HIS A 604 7.81 16.56 -10.33
C HIS A 604 8.22 16.60 -8.86
N VAL A 605 7.31 16.23 -7.98
CA VAL A 605 7.55 16.27 -6.53
C VAL A 605 8.69 15.33 -6.11
N LEU A 606 8.65 14.09 -6.59
CA LEU A 606 9.67 13.11 -6.26
C LEU A 606 11.04 13.57 -6.74
N LEU A 607 11.10 14.12 -7.96
CA LEU A 607 12.33 14.64 -8.51
C LEU A 607 12.90 15.74 -7.62
N TYR A 608 12.01 16.59 -7.12
CA TYR A 608 12.40 17.64 -6.19
C TYR A 608 12.92 17.05 -4.89
N SER A 609 12.36 15.91 -4.49
CA SER A 609 12.79 15.23 -3.28
C SER A 609 14.17 14.61 -3.47
N LEU A 610 14.36 13.89 -4.57
CA LEU A 610 15.61 13.20 -4.86
C LEU A 610 16.81 14.14 -4.86
N GLN A 611 16.61 15.36 -5.37
CA GLN A 611 17.68 16.35 -5.39
C GLN A 611 18.09 16.74 -3.98
N LYS A 612 17.10 17.07 -3.15
CA LYS A 612 17.34 17.50 -1.78
C LYS A 612 17.98 16.40 -0.93
N VAL A 613 17.47 15.18 -1.06
CA VAL A 613 17.96 14.06 -0.25
C VAL A 613 19.34 13.59 -0.68
N LEU A 614 19.56 13.47 -1.98
CA LEU A 614 20.80 12.92 -2.50
C LEU A 614 21.83 13.99 -2.87
N GLY A 615 21.53 14.79 -3.90
CA GLY A 615 22.43 15.83 -4.33
C GLY A 615 21.99 16.51 -5.61
N ASN A 616 22.67 17.61 -5.95
CA ASN A 616 22.32 18.38 -7.14
C ASN A 616 22.70 17.66 -8.44
N HIS A 617 23.51 16.62 -8.31
CA HIS A 617 24.03 15.90 -9.47
C HIS A 617 22.96 15.01 -10.13
N VAL A 618 21.81 14.91 -9.51
CA VAL A 618 20.75 14.06 -10.05
C VAL A 618 19.83 14.86 -10.99
N TRP A 619 19.62 14.31 -12.18
CA TRP A 619 18.76 14.91 -13.19
C TRP A 619 17.87 13.83 -13.80
N GLN A 620 16.66 14.20 -14.20
CA GLN A 620 15.78 13.24 -14.86
C GLN A 620 16.34 12.83 -16.22
N ALA A 621 16.57 11.53 -16.38
CA ALA A 621 17.07 11.01 -17.65
C ALA A 621 15.97 10.23 -18.38
N GLY A 622 14.84 10.07 -17.71
CA GLY A 622 13.71 9.35 -18.30
C GLY A 622 12.52 9.24 -17.35
N ALA A 623 11.33 9.26 -17.92
CA ALA A 623 10.10 9.15 -17.14
C ALA A 623 8.89 8.79 -18.00
N ARG A 624 8.03 7.93 -17.46
CA ARG A 624 6.80 7.52 -18.12
C ARG A 624 5.95 6.74 -17.12
N LYS A 625 4.78 6.27 -17.56
CA LYS A 625 3.91 5.51 -16.65
C LYS A 625 3.02 4.50 -17.37
N GLU A 626 2.72 3.41 -16.65
CA GLU A 626 1.74 2.42 -17.07
C GLU A 626 0.68 2.37 -15.97
N PHE A 627 -0.59 2.24 -16.34
CA PHE A 627 -1.67 2.50 -15.38
C PHE A 627 -1.57 1.56 -14.17
N SER A 628 -1.73 2.17 -12.99
CA SER A 628 -1.47 1.59 -11.66
C SER A 628 0.03 1.54 -11.34
N LYS A 629 0.83 2.14 -12.23
CA LYS A 629 2.28 2.22 -12.02
C LYS A 629 2.82 3.55 -12.57
N ALA A 630 4.12 3.77 -12.38
CA ALA A 630 4.81 4.95 -12.92
C ALA A 630 6.31 4.79 -12.71
N ARG A 631 7.12 5.48 -13.50
CA ARG A 631 8.57 5.41 -13.34
C ARG A 631 9.27 6.74 -13.61
N LEU A 632 10.41 6.91 -12.95
CA LEU A 632 11.24 8.10 -13.09
C LEU A 632 12.71 7.74 -12.91
N ASP A 633 13.52 8.03 -13.92
CA ASP A 633 14.94 7.71 -13.87
C ASP A 633 15.78 8.96 -13.59
N VAL A 634 16.72 8.82 -12.66
CA VAL A 634 17.62 9.91 -12.32
C VAL A 634 19.07 9.44 -12.28
N THR A 635 19.99 10.37 -12.52
CA THR A 635 21.41 10.04 -12.55
C THR A 635 22.03 10.05 -11.15
N HIS A 636 22.31 8.85 -10.64
CA HIS A 636 22.95 8.70 -9.33
C HIS A 636 23.92 7.52 -9.40
N PHE A 637 25.06 7.64 -8.73
CA PHE A 637 26.17 6.72 -8.93
C PHE A 637 25.93 5.28 -8.47
N ARG A 638 25.13 5.10 -7.41
CA ARG A 638 24.88 3.76 -6.89
C ARG A 638 23.46 3.63 -6.35
N ARG A 639 22.89 2.44 -6.44
CA ARG A 639 21.56 2.17 -5.90
C ARG A 639 21.49 2.58 -4.43
N PRO A 640 20.55 3.48 -4.10
CA PRO A 640 20.46 4.11 -2.78
C PRO A 640 20.35 3.11 -1.64
N SER A 641 20.93 3.46 -0.49
CA SER A 641 20.77 2.67 0.72
C SER A 641 19.30 2.75 1.15
N GLU A 642 18.85 1.74 1.89
CA GLU A 642 17.44 1.65 2.28
C GLU A 642 16.98 2.86 3.09
N GLU A 643 17.89 3.46 3.84
CA GLU A 643 17.57 4.66 4.61
C GLU A 643 17.27 5.82 3.67
N GLU A 644 18.10 5.97 2.64
CA GLU A 644 17.92 7.03 1.65
C GLU A 644 16.56 6.90 0.97
N ILE A 645 16.24 5.69 0.52
CA ILE A 645 14.95 5.41 -0.10
C ILE A 645 13.80 5.73 0.84
N LYS A 646 14.01 5.43 2.12
CA LYS A 646 13.00 5.65 3.15
C LYS A 646 12.71 7.13 3.35
N GLU A 647 13.76 7.92 3.58
CA GLU A 647 13.61 9.35 3.81
C GLU A 647 13.11 10.08 2.57
N ILE A 648 13.50 9.57 1.40
CA ILE A 648 12.99 10.09 0.14
C ILE A 648 11.47 9.96 0.11
N GLU A 649 10.98 8.80 0.52
CA GLU A 649 9.56 8.54 0.64
C GLU A 649 8.94 9.41 1.74
N MET A 650 9.70 9.59 2.82
CA MET A 650 9.28 10.45 3.91
C MET A 650 9.13 11.89 3.43
N LEU A 651 10.21 12.44 2.86
CA LEU A 651 10.23 13.81 2.39
C LEU A 651 9.17 14.07 1.32
N ALA A 652 8.96 13.09 0.45
CA ALA A 652 7.96 13.21 -0.60
C ALA A 652 6.57 13.41 0.00
N ASN A 653 6.25 12.63 1.03
CA ASN A 653 4.95 12.73 1.67
C ASN A 653 4.84 13.93 2.60
N ARG A 654 5.97 14.55 2.94
CA ARG A 654 5.94 15.81 3.67
C ARG A 654 5.42 16.90 2.75
N GLU A 655 5.81 16.81 1.48
CA GLU A 655 5.50 17.82 0.48
C GLU A 655 4.04 17.75 0.01
N ILE A 656 3.42 16.58 0.17
CA ILE A 656 2.04 16.42 -0.26
C ILE A 656 1.07 17.04 0.74
N LEU A 657 1.56 17.26 1.96
CA LEU A 657 0.71 17.76 3.04
C LEU A 657 0.88 19.27 3.21
N ALA A 658 2.03 19.79 2.78
CA ALA A 658 2.27 21.22 2.79
C ALA A 658 1.29 21.93 1.88
N ASN A 659 0.82 21.20 0.87
CA ASN A 659 -0.22 21.67 -0.05
C ASN A 659 0.19 22.97 -0.75
N LYS A 660 1.36 22.96 -1.38
CA LYS A 660 1.83 24.11 -2.14
C LYS A 660 1.05 24.25 -3.43
N PRO A 661 0.51 25.45 -3.69
CA PRO A 661 -0.21 25.72 -4.94
C PRO A 661 0.68 25.50 -6.15
N ILE A 662 0.10 24.96 -7.22
CA ILE A 662 0.83 24.67 -8.44
C ILE A 662 0.34 25.57 -9.57
N LYS A 663 1.07 26.65 -9.84
CA LYS A 663 0.70 27.56 -10.91
C LYS A 663 1.29 27.11 -12.23
N TRP A 664 0.86 27.76 -13.30
CA TRP A 664 1.17 27.31 -14.65
C TRP A 664 0.84 28.41 -15.65
N GLU A 665 1.82 28.75 -16.50
CA GLU A 665 1.65 29.87 -17.42
C GLU A 665 2.61 29.77 -18.58
N TRP A 666 2.18 30.24 -19.74
CA TRP A 666 3.02 30.25 -20.93
C TRP A 666 4.06 31.36 -20.86
N MET A 667 5.31 31.01 -21.14
CA MET A 667 6.39 31.98 -21.13
C MET A 667 7.28 31.83 -22.36
N ASP A 668 7.96 32.91 -22.72
CA ASP A 668 8.86 32.89 -23.86
C ASP A 668 10.19 32.27 -23.45
N ARG A 669 10.90 31.69 -24.41
CA ARG A 669 12.15 30.97 -24.16
C ARG A 669 13.18 31.78 -23.39
N ILE A 670 13.49 32.98 -23.90
CA ILE A 670 14.56 33.81 -23.35
C ILE A 670 14.36 34.16 -21.87
N GLU A 671 13.13 34.51 -21.51
CA GLU A 671 12.84 34.92 -20.14
C GLU A 671 12.68 33.72 -19.22
N ALA A 672 12.32 32.57 -19.80
CA ALA A 672 12.05 31.38 -19.03
C ALA A 672 13.31 30.78 -18.40
N GLU A 673 14.40 30.74 -19.14
CA GLU A 673 15.59 30.05 -18.68
C GLU A 673 16.53 30.96 -17.86
N ARG A 674 16.33 32.27 -17.96
CA ARG A 674 17.18 33.21 -17.23
C ARG A 674 16.79 33.31 -15.76
N LYS A 675 15.52 33.02 -15.46
CA LYS A 675 14.97 33.28 -14.13
C LYS A 675 15.11 32.09 -13.18
N PHE A 676 15.19 30.88 -13.73
CA PHE A 676 15.08 29.68 -12.91
C PHE A 676 16.38 28.87 -12.81
N GLY A 677 16.96 28.55 -13.97
CA GLY A 677 18.11 27.68 -14.02
C GLY A 677 17.83 26.52 -14.97
N PHE A 678 18.86 25.77 -15.31
CA PHE A 678 18.73 24.73 -16.34
C PHE A 678 17.96 23.48 -15.87
N ARG A 679 17.36 23.56 -14.69
CA ARG A 679 16.49 22.49 -14.21
C ARG A 679 15.21 22.43 -15.05
N LEU A 680 14.99 23.48 -15.84
CA LEU A 680 13.78 23.64 -16.65
C LEU A 680 13.64 22.57 -17.72
N TYR A 681 14.76 22.04 -18.21
CA TYR A 681 14.73 21.12 -19.34
C TYR A 681 14.93 19.65 -18.95
N GLN A 682 14.50 19.27 -17.75
CA GLN A 682 14.58 17.88 -17.33
C GLN A 682 13.46 17.06 -17.98
N GLY A 683 12.34 17.72 -18.27
CA GLY A 683 11.20 17.07 -18.89
C GLY A 683 11.42 16.80 -20.36
N GLY A 684 12.08 17.73 -21.05
CA GLY A 684 12.36 17.58 -22.46
C GLY A 684 12.76 18.88 -23.12
N VAL A 685 13.02 18.82 -24.43
CA VAL A 685 13.38 20.01 -25.20
C VAL A 685 12.30 20.31 -26.24
N PRO A 686 11.29 21.11 -25.85
CA PRO A 686 10.12 21.39 -26.67
C PRO A 686 10.35 22.45 -27.74
N PRO A 687 10.25 22.07 -29.03
CA PRO A 687 10.45 22.99 -30.15
C PRO A 687 9.34 24.05 -30.26
N GLY A 688 9.74 25.32 -30.39
CA GLY A 688 8.78 26.40 -30.51
C GLY A 688 9.26 27.67 -29.84
N ARG A 689 8.60 28.79 -30.15
CA ARG A 689 8.96 30.08 -29.56
C ARG A 689 8.43 30.20 -28.14
N LYS A 690 7.14 29.91 -27.95
CA LYS A 690 6.55 29.96 -26.62
C LYS A 690 6.61 28.59 -25.95
N ILE A 691 6.92 28.58 -24.66
CA ILE A 691 7.07 27.34 -23.91
C ILE A 691 6.20 27.30 -22.66
N ARG A 692 5.41 26.23 -22.54
CA ARG A 692 4.54 26.04 -21.39
C ARG A 692 5.35 25.56 -20.17
N VAL A 693 5.52 26.45 -19.19
CA VAL A 693 6.26 26.09 -17.99
C VAL A 693 5.30 25.80 -16.83
N VAL A 694 5.74 24.94 -15.91
CA VAL A 694 4.89 24.50 -14.81
C VAL A 694 5.59 24.62 -13.46
N GLN A 695 5.02 25.42 -12.57
CA GLN A 695 5.59 25.59 -11.23
C GLN A 695 4.89 24.70 -10.20
N VAL A 696 5.48 23.53 -9.94
CA VAL A 696 4.94 22.62 -8.94
C VAL A 696 5.63 22.84 -7.60
N GLY A 697 4.98 23.60 -6.72
CA GLY A 697 5.56 23.95 -5.44
C GLY A 697 6.81 24.80 -5.63
N ASP A 698 7.96 24.15 -5.70
CA ASP A 698 9.22 24.85 -5.93
C ASP A 698 9.76 24.58 -7.33
N ASP A 699 9.96 23.31 -7.65
CA ASP A 699 10.54 22.90 -8.92
C ASP A 699 9.69 23.33 -10.12
N VAL A 700 10.37 23.83 -11.16
CA VAL A 700 9.69 24.29 -12.37
C VAL A 700 10.25 23.59 -13.60
N GLN A 701 9.37 23.12 -14.48
CA GLN A 701 9.79 22.46 -15.71
C GLN A 701 8.97 22.90 -16.91
N ALA A 702 9.41 22.51 -18.10
CA ALA A 702 8.69 22.76 -19.34
C ALA A 702 7.81 21.57 -19.67
N CYS A 703 6.64 21.51 -19.04
CA CYS A 703 5.76 20.36 -19.17
C CYS A 703 4.47 20.71 -19.90
N GLY A 704 4.21 20.04 -21.02
CA GLY A 704 3.00 20.25 -21.78
C GLY A 704 1.91 19.28 -21.40
N GLY A 705 2.03 18.68 -20.21
CA GLY A 705 1.08 17.71 -19.74
C GLY A 705 0.11 18.28 -18.72
N THR A 706 -0.98 17.55 -18.49
CA THR A 706 -2.00 17.97 -17.52
C THR A 706 -1.41 17.97 -16.11
N HIS A 707 -1.91 18.87 -15.26
CA HIS A 707 -1.39 18.99 -13.90
C HIS A 707 -2.47 19.24 -12.86
N CYS A 708 -2.06 19.24 -11.60
CA CYS A 708 -2.98 19.47 -10.48
C CYS A 708 -2.87 20.89 -9.95
N ARG A 709 -3.94 21.37 -9.34
CA ARG A 709 -3.99 22.72 -8.78
C ARG A 709 -3.12 22.84 -7.53
N SER A 710 -3.01 21.73 -6.79
CA SER A 710 -2.29 21.74 -5.54
C SER A 710 -1.74 20.36 -5.19
N THR A 711 -0.70 20.32 -4.36
CA THR A 711 -0.04 19.06 -4.03
C THR A 711 -0.83 18.24 -3.01
N GLY A 712 -1.99 18.73 -2.62
CA GLY A 712 -2.87 17.98 -1.74
C GLY A 712 -3.75 17.04 -2.55
N GLU A 713 -3.92 17.38 -3.83
CA GLU A 713 -4.76 16.59 -4.73
C GLU A 713 -4.06 15.34 -5.23
N ILE A 714 -2.75 15.26 -5.01
CA ILE A 714 -1.96 14.13 -5.51
C ILE A 714 -2.03 12.94 -4.54
N GLY A 715 -2.41 13.20 -3.30
CA GLY A 715 -2.55 12.16 -2.30
C GLY A 715 -1.22 11.54 -1.88
N MET A 716 -1.29 10.43 -1.16
CA MET A 716 -0.10 9.74 -0.66
C MET A 716 0.76 9.22 -1.81
N LEU A 717 2.07 9.23 -1.60
CA LEU A 717 3.02 8.75 -2.60
C LEU A 717 3.87 7.60 -2.07
N LYS A 718 3.92 6.51 -2.83
CA LYS A 718 4.62 5.30 -2.40
C LYS A 718 5.57 4.77 -3.48
N ILE A 719 6.86 4.77 -3.18
CA ILE A 719 7.85 4.21 -4.10
C ILE A 719 7.73 2.68 -4.14
N LEU A 720 7.35 2.16 -5.30
CA LEU A 720 7.11 0.73 -5.43
C LEU A 720 8.39 -0.09 -5.55
N LYS A 721 9.32 0.38 -6.38
CA LYS A 721 10.53 -0.38 -6.66
C LYS A 721 11.69 0.51 -7.06
N VAL A 722 12.90 0.17 -6.61
CA VAL A 722 14.09 0.93 -6.95
C VAL A 722 15.18 0.03 -7.51
N GLU A 723 15.33 0.03 -8.84
CA GLU A 723 16.36 -0.76 -9.48
C GLU A 723 17.38 0.12 -10.19
N SER A 724 18.62 -0.34 -10.20
CA SER A 724 19.70 0.37 -10.89
C SER A 724 19.76 -0.09 -12.35
N ILE A 725 19.17 0.70 -13.24
CA ILE A 725 19.17 0.42 -14.67
C ILE A 725 20.58 0.16 -15.17
N GLN A 726 21.43 1.17 -15.02
CA GLN A 726 22.84 1.06 -15.34
C GLN A 726 23.60 1.81 -14.25
N ASP A 727 24.83 1.40 -13.99
CA ASP A 727 25.65 2.09 -13.00
C ASP A 727 25.70 3.56 -13.35
N GLY A 728 25.18 4.41 -12.47
CA GLY A 728 25.15 5.84 -12.74
C GLY A 728 23.77 6.36 -13.10
N VAL A 729 22.81 5.45 -13.24
CA VAL A 729 21.43 5.82 -13.53
C VAL A 729 20.46 4.92 -12.75
N ILE A 730 19.52 5.53 -12.04
CA ILE A 730 18.62 4.79 -11.17
C ILE A 730 17.15 5.10 -11.43
N ARG A 731 16.36 4.03 -11.56
CA ARG A 731 14.93 4.15 -11.85
C ARG A 731 14.08 3.98 -10.59
N PHE A 732 13.09 4.85 -10.43
CA PHE A 732 12.15 4.76 -9.31
C PHE A 732 10.74 4.46 -9.81
N GLU A 733 10.15 3.39 -9.29
CA GLU A 733 8.75 3.07 -9.61
C GLU A 733 7.84 3.52 -8.46
N PHE A 734 6.71 4.12 -8.81
CA PHE A 734 5.82 4.67 -7.80
C PHE A 734 4.37 4.82 -8.28
N ALA A 735 3.53 5.35 -7.40
CA ALA A 735 2.14 5.64 -7.71
C ALA A 735 1.54 6.56 -6.64
N ALA A 736 0.54 7.34 -7.02
CA ALA A 736 -0.10 8.26 -6.08
C ALA A 736 -1.62 8.29 -6.28
N GLY A 737 -2.34 8.64 -5.24
CA GLY A 737 -3.79 8.70 -5.29
C GLY A 737 -4.40 7.33 -5.06
N GLU A 738 -5.54 7.08 -5.72
CA GLU A 738 -6.22 5.79 -5.59
C GLU A 738 -5.36 4.68 -6.17
N ALA A 739 -4.39 5.04 -7.01
CA ALA A 739 -3.44 4.08 -7.55
C ALA A 739 -2.45 3.65 -6.48
N ALA A 740 -2.13 4.56 -5.58
CA ALA A 740 -1.26 4.24 -4.45
C ALA A 740 -2.02 3.40 -3.44
N ILE A 741 -3.30 3.71 -3.26
CA ILE A 741 -4.16 2.93 -2.38
C ILE A 741 -4.21 1.49 -2.84
N GLU A 742 -4.55 1.29 -4.11
CA GLU A 742 -4.73 -0.04 -4.67
C GLU A 742 -3.42 -0.81 -4.73
N ALA A 743 -2.30 -0.10 -4.80
CA ALA A 743 -0.99 -0.74 -4.91
C ALA A 743 -0.52 -1.24 -3.54
N VAL A 744 -0.80 -0.46 -2.51
CA VAL A 744 -0.48 -0.86 -1.14
C VAL A 744 -1.43 -1.97 -0.71
N GLU A 745 -2.68 -1.87 -1.13
CA GLU A 745 -3.67 -2.91 -0.86
C GLU A 745 -3.30 -4.20 -1.57
N GLU A 746 -2.75 -4.07 -2.78
CA GLU A 746 -2.30 -5.22 -3.54
C GLU A 746 -1.05 -5.84 -2.90
N MET A 747 -0.16 -4.97 -2.43
CA MET A 747 1.03 -5.42 -1.71
C MET A 747 0.64 -6.11 -0.41
N GLU A 748 -0.41 -5.61 0.22
CA GLU A 748 -0.88 -6.17 1.48
C GLU A 748 -1.49 -7.56 1.27
N ARG A 749 -2.12 -7.76 0.12
CA ARG A 749 -2.73 -9.04 -0.20
C ARG A 749 -1.69 -10.14 -0.33
N LEU A 750 -0.61 -9.83 -1.04
CA LEU A 750 0.45 -10.82 -1.30
C LEU A 750 1.08 -11.32 0.00
N LEU A 751 1.11 -10.46 1.02
CA LEU A 751 1.63 -10.86 2.32
C LEU A 751 0.59 -11.69 3.08
N ARG A 752 -0.63 -11.17 3.13
CA ARG A 752 -1.74 -11.88 3.79
C ARG A 752 -1.94 -13.27 3.21
N GLU A 753 -1.89 -13.34 1.88
CA GLU A 753 -2.14 -14.59 1.16
C GLU A 753 -1.08 -15.64 1.51
N ALA A 754 0.18 -15.24 1.51
CA ALA A 754 1.28 -16.15 1.81
C ALA A 754 1.19 -16.71 3.22
N SER A 755 0.73 -15.89 4.16
CA SER A 755 0.62 -16.30 5.55
C SER A 755 -0.51 -17.30 5.76
N SER A 756 -1.59 -17.14 5.00
CA SER A 756 -2.74 -18.03 5.12
C SER A 756 -2.50 -19.35 4.41
N ILE A 757 -1.31 -19.51 3.83
CA ILE A 757 -0.91 -20.77 3.23
C ILE A 757 -0.12 -21.58 4.25
N LEU A 758 0.66 -20.88 5.07
CA LEU A 758 1.45 -21.53 6.11
C LEU A 758 0.79 -21.40 7.47
N ARG A 759 -0.40 -20.79 7.50
CA ARG A 759 -1.18 -20.64 8.71
C ARG A 759 -0.41 -19.93 9.82
N VAL A 760 0.18 -18.79 9.49
CA VAL A 760 1.00 -18.06 10.46
C VAL A 760 0.66 -16.57 10.52
N GLU A 761 1.13 -15.92 11.57
CA GLU A 761 1.02 -14.48 11.70
C GLU A 761 1.84 -13.82 10.61
N PRO A 762 1.26 -12.80 9.94
CA PRO A 762 1.93 -12.07 8.86
C PRO A 762 3.27 -11.47 9.28
N ALA A 763 3.50 -11.37 10.59
CA ALA A 763 4.75 -10.83 11.11
C ALA A 763 5.84 -11.88 11.19
N LYS A 764 5.44 -13.14 11.32
CA LYS A 764 6.39 -14.23 11.51
C LYS A 764 6.68 -14.98 10.21
N LEU A 765 6.01 -14.58 9.13
CA LEU A 765 6.15 -15.25 7.83
C LEU A 765 7.60 -15.50 7.38
N PRO A 766 8.48 -14.48 7.48
CA PRO A 766 9.84 -14.75 7.02
C PRO A 766 10.60 -15.78 7.86
N LYS A 767 10.58 -15.61 9.18
CA LYS A 767 11.33 -16.49 10.06
C LYS A 767 10.77 -17.91 10.07
N THR A 768 9.52 -18.07 9.66
CA THR A 768 8.92 -19.39 9.53
C THR A 768 9.26 -20.00 8.17
N VAL A 769 9.40 -19.14 7.16
CA VAL A 769 9.77 -19.59 5.82
C VAL A 769 11.22 -20.09 5.80
N GLU A 770 12.11 -19.35 6.47
CA GLU A 770 13.49 -19.76 6.60
C GLU A 770 13.58 -21.13 7.26
N ARG A 771 12.72 -21.35 8.25
CA ARG A 771 12.63 -22.64 8.93
C ARG A 771 12.24 -23.75 7.97
N PHE A 772 11.15 -23.54 7.24
CA PHE A 772 10.68 -24.50 6.24
C PHE A 772 11.75 -24.76 5.18
N PHE A 773 12.43 -23.68 4.77
CA PHE A 773 13.45 -23.77 3.74
C PHE A 773 14.65 -24.59 4.22
N GLU A 774 15.07 -24.35 5.46
CA GLU A 774 16.17 -25.11 6.05
C GLU A 774 15.82 -26.59 6.11
N GLU A 775 14.59 -26.88 6.54
CA GLU A 775 14.10 -28.26 6.61
C GLU A 775 13.97 -28.85 5.21
N TRP A 776 13.50 -28.04 4.27
CA TRP A 776 13.32 -28.47 2.90
C TRP A 776 14.65 -28.91 2.27
N LYS A 777 15.72 -28.22 2.64
CA LYS A 777 17.05 -28.57 2.14
C LYS A 777 17.56 -29.84 2.80
N ASP A 778 17.17 -30.05 4.05
CA ASP A 778 17.57 -31.26 4.78
C ASP A 778 16.85 -32.49 4.25
N GLN A 779 15.54 -32.37 4.09
CA GLN A 779 14.72 -33.49 3.64
C GLN A 779 15.04 -33.86 2.19
N ARG A 780 15.44 -32.86 1.40
CA ARG A 780 15.88 -33.14 0.03
C ARG A 780 17.23 -33.84 0.07
N LYS A 781 18.00 -33.56 1.11
CA LYS A 781 19.34 -34.14 1.27
C LYS A 781 19.28 -35.55 1.86
N GLU A 782 18.32 -35.79 2.74
CA GLU A 782 18.19 -37.09 3.40
C GLU A 782 17.64 -38.14 2.43
N ILE A 783 16.77 -37.70 1.52
CA ILE A 783 16.23 -38.58 0.49
C ILE A 783 17.37 -39.10 -0.40
N GLU A 784 18.35 -38.23 -0.66
CA GLU A 784 19.51 -38.62 -1.45
C GLU A 784 20.31 -39.73 -0.78
N ARG A 785 20.48 -39.63 0.54
CA ARG A 785 21.22 -40.63 1.29
C ARG A 785 20.46 -41.94 1.36
N LEU A 786 19.15 -41.87 1.58
CA LEU A 786 18.32 -43.07 1.66
C LEU A 786 18.24 -43.76 0.30
N LYS A 787 18.15 -42.97 -0.77
CA LYS A 787 18.09 -43.51 -2.12
C LYS A 787 19.34 -44.30 -2.48
N SER A 788 20.49 -43.81 -2.03
CA SER A 788 21.76 -44.47 -2.30
C SER A 788 21.80 -45.85 -1.65
N VAL A 789 21.19 -45.96 -0.47
CA VAL A 789 21.12 -47.21 0.24
C VAL A 789 20.24 -48.21 -0.51
N ILE A 790 19.11 -47.73 -1.03
CA ILE A 790 18.21 -48.54 -1.83
C ILE A 790 18.96 -49.18 -2.98
N ALA A 791 19.73 -48.37 -3.71
CA ALA A 791 20.54 -48.85 -4.81
C ALA A 791 21.64 -49.77 -4.31
N ASP A 792 22.30 -49.36 -3.22
CA ASP A 792 23.34 -50.16 -2.60
C ASP A 792 22.79 -51.52 -2.18
N LEU A 793 21.58 -51.52 -1.66
CA LEU A 793 20.91 -52.77 -1.29
C LEU A 793 20.47 -53.53 -2.52
N TRP A 794 19.84 -52.82 -3.47
CA TRP A 794 19.38 -53.43 -4.72
C TRP A 794 20.50 -54.11 -5.48
N ALA A 795 21.63 -53.41 -5.60
CA ALA A 795 22.78 -53.93 -6.33
C ALA A 795 23.20 -55.31 -5.83
N ASP A 796 23.26 -55.46 -4.50
CA ASP A 796 23.67 -56.71 -3.88
C ASP A 796 22.64 -57.81 -4.08
N ILE A 797 21.37 -57.43 -4.22
CA ILE A 797 20.31 -58.41 -4.43
C ILE A 797 20.47 -59.15 -5.75
N LEU A 798 20.83 -58.39 -6.79
CA LEU A 798 20.91 -58.93 -8.14
C LEU A 798 22.20 -59.72 -8.38
N MET A 799 23.27 -59.34 -7.69
CA MET A 799 24.56 -60.02 -7.82
C MET A 799 24.45 -61.48 -7.39
N GLU A 800 23.55 -61.75 -6.46
CA GLU A 800 23.36 -63.11 -5.95
C GLU A 800 22.68 -64.00 -7.00
N ARG A 801 21.68 -63.46 -7.68
CA ARG A 801 20.93 -64.23 -8.67
C ARG A 801 21.39 -63.95 -10.09
N ALA A 802 22.60 -63.42 -10.23
CA ALA A 802 23.13 -63.06 -11.55
C ALA A 802 23.71 -64.28 -12.27
N GLU A 803 23.39 -64.39 -13.55
CA GLU A 803 23.99 -65.43 -14.39
C GLU A 803 25.49 -65.18 -14.49
N GLU A 804 26.28 -66.24 -14.35
CA GLU A 804 27.73 -66.07 -14.36
C GLU A 804 28.31 -66.32 -15.74
N PHE A 805 29.05 -65.34 -16.23
CA PHE A 805 29.66 -65.40 -17.57
C PHE A 805 31.15 -65.08 -17.49
N ASP A 806 31.99 -66.10 -17.50
CA ASP A 806 33.43 -65.95 -17.34
C ASP A 806 33.76 -65.15 -16.08
N SER A 807 33.25 -65.64 -14.95
CA SER A 807 33.42 -65.03 -13.64
C SER A 807 32.84 -63.62 -13.56
N MET A 808 32.08 -63.22 -14.57
CA MET A 808 31.40 -61.93 -14.57
C MET A 808 29.90 -62.12 -14.42
N LYS A 809 29.36 -61.60 -13.32
CA LYS A 809 27.95 -61.75 -13.03
C LYS A 809 27.10 -60.74 -13.80
N VAL A 810 26.19 -61.24 -14.63
CA VAL A 810 25.34 -60.37 -15.43
C VAL A 810 23.90 -60.35 -14.94
N VAL A 811 23.28 -59.18 -14.99
CA VAL A 811 21.91 -59.01 -14.51
C VAL A 811 21.01 -58.35 -15.54
N ALA A 812 19.85 -58.94 -15.76
CA ALA A 812 18.86 -58.40 -16.69
C ALA A 812 17.46 -58.60 -16.14
N GLU A 813 16.86 -57.54 -15.62
CA GLU A 813 15.53 -57.62 -15.03
C GLU A 813 14.71 -56.36 -15.27
N VAL A 814 13.40 -56.48 -15.14
CA VAL A 814 12.50 -55.35 -15.25
C VAL A 814 12.11 -54.90 -13.84
N VAL A 815 12.51 -53.69 -13.46
CA VAL A 815 12.30 -53.21 -12.11
C VAL A 815 11.30 -52.06 -12.04
N ASP A 816 10.77 -51.84 -10.85
CA ASP A 816 9.83 -50.75 -10.62
C ASP A 816 10.52 -49.58 -9.92
N ALA A 817 11.06 -48.66 -10.71
CA ALA A 817 11.74 -47.49 -10.19
C ALA A 817 11.83 -46.41 -11.26
N ASP A 818 11.85 -45.15 -10.84
CA ASP A 818 11.91 -44.04 -11.78
C ASP A 818 13.29 -43.91 -12.43
N MET A 819 13.44 -42.88 -13.26
CA MET A 819 14.66 -42.71 -14.05
C MET A 819 15.90 -42.46 -13.20
N GLN A 820 15.74 -41.70 -12.12
CA GLN A 820 16.87 -41.33 -11.27
C GLN A 820 17.37 -42.51 -10.44
N ALA A 821 16.48 -43.46 -10.16
CA ALA A 821 16.85 -44.66 -9.41
C ALA A 821 17.62 -45.62 -10.30
N LEU A 822 17.13 -45.80 -11.51
CA LEU A 822 17.76 -46.64 -12.52
C LEU A 822 19.21 -46.25 -12.74
N GLN A 823 19.42 -44.95 -12.94
CA GLN A 823 20.74 -44.39 -13.19
C GLN A 823 21.66 -44.55 -11.98
N LYS A 824 21.09 -44.37 -10.79
CA LYS A 824 21.85 -44.52 -9.55
C LYS A 824 22.15 -45.99 -9.29
N LEU A 825 21.21 -46.84 -9.69
CA LEU A 825 21.35 -48.29 -9.52
C LEU A 825 22.50 -48.82 -10.37
N ALA A 826 22.51 -48.42 -11.64
CA ALA A 826 23.49 -48.91 -12.60
C ALA A 826 24.92 -48.54 -12.22
N GLU A 827 25.12 -47.31 -11.80
CA GLU A 827 26.44 -46.82 -11.44
C GLU A 827 27.00 -47.58 -10.23
N ARG A 828 26.11 -48.19 -9.46
CA ARG A 828 26.51 -49.08 -8.38
C ARG A 828 26.89 -50.45 -8.93
N LEU A 829 26.07 -50.94 -9.84
CA LEU A 829 26.32 -52.23 -10.49
C LEU A 829 27.65 -52.22 -11.24
N ALA A 830 27.91 -51.09 -11.91
CA ALA A 830 29.15 -50.92 -12.66
C ALA A 830 30.35 -50.95 -11.72
N GLU A 831 30.19 -50.34 -10.54
CA GLU A 831 31.26 -50.30 -9.56
C GLU A 831 31.60 -51.68 -9.00
N LYS A 832 30.66 -52.62 -9.14
CA LYS A 832 30.88 -53.98 -8.64
C LYS A 832 31.05 -54.98 -9.78
N GLY A 833 31.29 -54.47 -10.98
CA GLY A 833 31.62 -55.31 -12.12
C GLY A 833 30.44 -56.00 -12.78
N ALA A 834 29.23 -55.57 -12.45
CA ALA A 834 28.03 -56.15 -13.05
C ALA A 834 27.86 -55.68 -14.49
N VAL A 835 27.22 -56.51 -15.31
CA VAL A 835 26.98 -56.20 -16.72
C VAL A 835 25.55 -56.53 -17.10
N GLY A 836 24.93 -55.70 -17.92
CA GLY A 836 23.57 -55.96 -18.37
C GLY A 836 22.73 -54.70 -18.51
N CYS A 837 21.41 -54.85 -18.52
CA CYS A 837 20.53 -53.71 -18.62
C CYS A 837 19.29 -53.85 -17.74
N LEU A 838 18.69 -52.72 -17.38
CA LEU A 838 17.48 -52.69 -16.57
C LEU A 838 16.45 -51.74 -17.19
N MET A 839 15.17 -52.05 -17.00
CA MET A 839 14.10 -51.25 -17.59
C MET A 839 13.00 -50.91 -16.57
N ALA A 840 12.12 -50.00 -16.93
CA ALA A 840 11.04 -49.58 -16.04
C ALA A 840 9.91 -48.86 -16.79
N LYS A 841 8.68 -49.24 -16.48
CA LYS A 841 7.49 -48.62 -17.08
C LYS A 841 7.39 -47.14 -16.69
N GLY A 842 7.06 -46.30 -17.67
CA GLY A 842 6.98 -44.87 -17.44
C GLY A 842 5.73 -44.22 -17.99
N GLU A 843 5.92 -43.20 -18.82
CA GLU A 843 4.80 -42.45 -19.39
C GLU A 843 4.89 -42.41 -20.91
N GLY A 844 4.26 -43.39 -21.57
CA GLY A 844 4.32 -43.51 -23.01
C GLY A 844 5.73 -43.87 -23.45
N LYS A 845 6.48 -44.46 -22.53
CA LYS A 845 7.89 -44.78 -22.76
C LYS A 845 8.40 -45.72 -21.67
N VAL A 846 9.48 -46.43 -21.97
CA VAL A 846 10.15 -47.22 -20.94
C VAL A 846 11.64 -46.87 -20.89
N PHE A 847 12.10 -46.45 -19.72
CA PHE A 847 13.50 -46.08 -19.54
C PHE A 847 14.39 -47.30 -19.49
N VAL A 848 15.50 -47.26 -20.23
CA VAL A 848 16.44 -48.37 -20.27
C VAL A 848 17.83 -47.90 -19.88
N VAL A 849 18.50 -48.66 -19.01
CA VAL A 849 19.86 -48.34 -18.61
C VAL A 849 20.78 -49.56 -18.74
N THR A 850 21.87 -49.40 -19.50
CA THR A 850 22.87 -50.45 -19.62
C THR A 850 24.08 -50.11 -18.76
N PHE A 851 24.83 -51.13 -18.35
CA PHE A 851 25.95 -50.92 -17.44
C PHE A 851 27.07 -51.95 -17.64
N SER A 852 28.30 -51.55 -17.29
CA SER A 852 29.46 -52.40 -17.47
C SER A 852 30.62 -51.96 -16.58
N GLY A 853 31.07 -52.86 -15.71
CA GLY A 853 32.22 -52.60 -14.88
C GLY A 853 33.50 -53.08 -15.53
N GLN A 854 33.36 -53.90 -16.55
CA GLN A 854 34.51 -54.47 -17.24
C GLN A 854 34.83 -53.73 -18.53
N LYS A 855 35.56 -54.40 -19.42
CA LYS A 855 36.05 -53.80 -20.65
C LYS A 855 34.93 -53.47 -21.64
N TYR A 856 33.82 -54.20 -21.54
CA TYR A 856 32.70 -54.01 -22.45
C TYR A 856 32.13 -52.60 -22.34
N ASP A 857 31.79 -52.00 -23.48
CA ASP A 857 31.30 -50.63 -23.51
C ASP A 857 29.78 -50.59 -23.46
N ALA A 858 29.25 -49.87 -22.48
CA ALA A 858 27.82 -49.84 -22.22
C ALA A 858 27.02 -49.07 -23.28
N ARG A 859 27.61 -48.01 -23.82
CA ARG A 859 26.90 -47.18 -24.78
C ARG A 859 26.70 -47.90 -26.11
N GLU A 860 27.52 -48.91 -26.37
CA GLU A 860 27.35 -49.76 -27.53
C GLU A 860 26.21 -50.75 -27.29
N LEU A 861 26.11 -51.21 -26.05
CA LEU A 861 25.09 -52.17 -25.66
C LEU A 861 23.68 -51.60 -25.81
N LEU A 862 23.55 -50.31 -25.53
CA LEU A 862 22.24 -49.64 -25.58
C LEU A 862 21.62 -49.72 -26.96
N ARG A 863 22.44 -49.58 -27.99
CA ARG A 863 21.94 -49.67 -29.37
C ARG A 863 21.64 -51.10 -29.76
N GLU A 864 22.42 -52.04 -29.22
CA GLU A 864 22.22 -53.45 -29.53
C GLU A 864 20.88 -53.94 -28.98
N ILE A 865 20.48 -53.42 -27.84
CA ILE A 865 19.15 -53.68 -27.32
C ILE A 865 18.20 -52.63 -27.90
N GLY A 866 18.78 -51.59 -28.49
CA GLY A 866 18.01 -50.51 -29.08
C GLY A 866 17.54 -50.81 -30.48
N ARG A 867 18.09 -51.87 -31.08
CA ARG A 867 17.60 -52.35 -32.37
C ARG A 867 16.37 -53.21 -32.13
N VAL A 868 16.40 -53.95 -31.03
CA VAL A 868 15.34 -54.88 -30.67
C VAL A 868 14.02 -54.17 -30.39
N ALA A 869 14.10 -53.02 -29.74
CA ALA A 869 12.90 -52.33 -29.29
C ALA A 869 12.84 -50.87 -29.75
N LYS A 870 13.72 -50.52 -30.69
CA LYS A 870 13.73 -49.21 -31.34
C LYS A 870 13.75 -48.04 -30.36
N GLY A 871 14.84 -47.93 -29.62
CA GLY A 871 15.00 -46.84 -28.66
C GLY A 871 16.40 -46.26 -28.68
N SER A 872 16.48 -44.93 -28.70
CA SER A 872 17.76 -44.24 -28.76
C SER A 872 18.28 -43.91 -27.36
N GLY A 873 19.50 -43.38 -27.30
CA GLY A 873 20.11 -43.02 -26.03
C GLY A 873 21.62 -43.16 -26.06
N GLY A 874 22.27 -42.76 -24.96
CA GLY A 874 23.72 -42.83 -24.86
C GLY A 874 24.20 -42.58 -23.45
N GLY A 875 25.50 -42.28 -23.31
CA GLY A 875 26.09 -42.03 -22.01
C GLY A 875 27.55 -42.44 -21.97
N ARG A 876 28.10 -42.53 -20.77
CA ARG A 876 29.50 -42.91 -20.60
C ARG A 876 29.71 -44.40 -20.83
N LYS A 877 30.93 -44.87 -20.59
CA LYS A 877 31.28 -46.26 -20.85
C LYS A 877 30.79 -47.19 -19.74
N ASP A 878 30.64 -46.66 -18.54
CA ASP A 878 30.21 -47.47 -17.41
C ASP A 878 28.69 -47.63 -17.38
N VAL A 879 27.98 -46.54 -17.63
CA VAL A 879 26.52 -46.57 -17.67
C VAL A 879 25.97 -45.78 -18.86
N ALA A 880 24.79 -46.16 -19.32
CA ALA A 880 24.16 -45.47 -20.44
C ALA A 880 22.66 -45.29 -20.19
N GLN A 881 22.18 -44.07 -20.38
CA GLN A 881 20.77 -43.77 -20.18
C GLN A 881 20.05 -43.72 -21.53
N GLY A 882 18.75 -43.97 -21.51
CA GLY A 882 17.97 -43.93 -22.73
C GLY A 882 16.55 -44.45 -22.53
N ALA A 883 15.69 -44.19 -23.51
CA ALA A 883 14.32 -44.70 -23.47
C ALA A 883 14.01 -45.58 -24.67
N VAL A 884 12.86 -46.23 -24.61
CA VAL A 884 12.49 -47.27 -25.56
C VAL A 884 10.96 -47.30 -25.61
N GLN A 885 10.39 -47.76 -26.72
CA GLN A 885 8.92 -47.83 -26.83
C GLN A 885 8.38 -49.24 -26.65
N GLN A 886 9.27 -50.23 -26.60
CA GLN A 886 8.86 -51.62 -26.43
C GLN A 886 9.58 -52.32 -25.27
N LEU A 887 8.82 -52.67 -24.23
CA LEU A 887 9.39 -53.37 -23.09
C LEU A 887 9.87 -54.75 -23.50
N LEU A 888 10.97 -55.21 -22.89
CA LEU A 888 11.52 -56.53 -23.20
C LEU A 888 11.54 -57.43 -21.96
N ASP A 889 11.16 -58.68 -22.15
CA ASP A 889 11.20 -59.69 -21.09
C ASP A 889 12.65 -60.00 -20.75
N ARG A 890 12.86 -60.57 -19.56
CA ARG A 890 14.21 -60.93 -19.11
C ARG A 890 14.93 -61.82 -20.11
N GLU A 891 14.22 -62.78 -20.67
CA GLU A 891 14.78 -63.66 -21.70
C GLU A 891 15.19 -62.87 -22.93
N GLU A 892 14.28 -62.02 -23.39
CA GLU A 892 14.52 -61.20 -24.58
C GLU A 892 15.75 -60.31 -24.38
N MET A 893 15.91 -59.80 -23.16
CA MET A 893 17.07 -59.00 -22.80
C MET A 893 18.32 -59.86 -22.72
N LEU A 894 18.24 -60.97 -21.99
CA LEU A 894 19.39 -61.86 -21.81
C LEU A 894 19.83 -62.50 -23.13
N ASP A 895 18.90 -62.59 -24.09
CA ASP A 895 19.23 -63.08 -25.41
C ASP A 895 20.15 -62.10 -26.12
N VAL A 896 19.97 -60.82 -25.82
CA VAL A 896 20.78 -59.77 -26.41
C VAL A 896 22.11 -59.60 -25.67
N ILE A 897 22.06 -59.64 -24.35
CA ILE A 897 23.25 -59.52 -23.52
C ILE A 897 24.29 -60.58 -23.88
N PHE A 898 23.84 -61.82 -23.98
CA PHE A 898 24.71 -62.93 -24.37
C PHE A 898 25.31 -62.67 -25.75
N ARG A 899 24.46 -62.22 -26.67
CA ARG A 899 24.87 -61.95 -28.04
C ARG A 899 25.95 -60.87 -28.10
N PHE A 900 25.80 -59.85 -27.25
CA PHE A 900 26.76 -58.75 -27.20
C PHE A 900 28.10 -59.19 -26.62
N LEU A 901 28.05 -59.93 -25.51
CA LEU A 901 29.26 -60.38 -24.83
C LEU A 901 30.11 -61.28 -25.73
N SER A 902 29.45 -61.99 -26.64
CA SER A 902 30.12 -62.91 -27.53
C SER A 902 31.00 -62.19 -28.55
N GLU A 903 30.71 -60.92 -28.78
CA GLU A 903 31.42 -60.14 -29.79
C GLU A 903 32.82 -59.72 -29.34
N HIS A 904 33.00 -59.53 -28.04
CA HIS A 904 34.19 -58.86 -27.54
C HIS A 904 35.12 -59.70 -26.67
N GLU A 905 35.41 -60.93 -27.09
CA GLU A 905 36.43 -61.72 -26.40
C GLU A 905 37.22 -62.57 -27.38
N GLY A 906 38.47 -62.87 -27.00
CA GLY A 906 39.36 -63.65 -27.85
C GLY A 906 40.68 -63.92 -27.18
N MET B 1 -47.18 12.87 48.18
CA MET B 1 -48.26 11.89 48.19
C MET B 1 -49.60 12.53 47.84
N THR B 2 -50.29 13.02 48.86
CA THR B 2 -51.65 13.55 48.69
C THR B 2 -51.74 15.02 49.07
N LEU B 3 -51.97 15.87 48.08
CA LEU B 3 -52.16 17.30 48.30
C LEU B 3 -53.50 17.76 47.72
N ASP B 4 -54.38 18.23 48.60
CA ASP B 4 -55.78 18.51 48.26
C ASP B 4 -55.99 19.37 47.01
N GLU B 5 -55.05 20.28 46.73
CA GLU B 5 -55.21 21.23 45.65
C GLU B 5 -55.37 20.55 44.28
N GLU B 6 -54.38 19.75 43.89
CA GLU B 6 -54.36 19.08 42.60
C GLU B 6 -55.64 18.28 42.33
N TYR B 7 -56.27 17.79 43.39
CA TYR B 7 -57.49 16.99 43.26
C TYR B 7 -58.71 17.88 42.97
N LEU B 8 -58.70 19.09 43.50
CA LEU B 8 -59.85 19.98 43.37
C LEU B 8 -59.56 21.24 42.55
N ASP B 9 -58.30 21.46 42.20
CA ASP B 9 -57.92 22.62 41.39
C ASP B 9 -58.52 22.53 40.00
N ILE B 10 -58.99 21.35 39.64
CA ILE B 10 -59.60 21.14 38.34
C ILE B 10 -60.90 21.95 38.25
N THR B 11 -60.92 22.88 37.30
CA THR B 11 -62.11 23.67 37.06
C THR B 11 -62.98 23.03 35.99
N PHE B 12 -62.51 21.93 35.45
CA PHE B 12 -63.31 21.26 34.44
C PHE B 12 -64.20 20.12 34.96
N LEU B 13 -63.57 19.17 35.64
CA LEU B 13 -64.27 17.97 36.06
C LEU B 13 -65.47 18.34 36.90
N THR B 14 -65.23 19.03 38.02
CA THR B 14 -66.29 19.39 38.94
C THR B 14 -67.38 20.26 38.32
N GLU B 15 -66.99 21.11 37.37
CA GLU B 15 -67.93 22.06 36.79
C GLU B 15 -68.45 21.63 35.42
N ASN B 16 -68.24 20.36 35.07
CA ASN B 16 -68.85 19.81 33.87
C ASN B 16 -69.56 18.51 34.14
N GLY B 17 -69.79 18.22 35.42
CA GLY B 17 -70.57 17.08 35.83
C GLY B 17 -69.74 15.85 36.11
N PHE B 18 -68.79 15.96 37.03
CA PHE B 18 -67.98 14.82 37.42
C PHE B 18 -67.91 14.67 38.94
N VAL B 19 -68.03 13.42 39.39
CA VAL B 19 -68.01 13.09 40.81
C VAL B 19 -67.10 11.88 41.01
N ARG B 20 -66.51 11.76 42.20
CA ARG B 20 -65.60 10.64 42.47
C ARG B 20 -65.82 10.02 43.84
N LYS B 21 -65.66 8.69 43.91
CA LYS B 21 -65.85 7.95 45.15
C LYS B 21 -64.88 6.77 45.23
N ARG B 22 -64.58 6.34 46.46
CA ARG B 22 -63.65 5.23 46.69
C ARG B 22 -64.38 3.97 47.16
N CYS B 23 -64.03 2.84 46.55
CA CYS B 23 -64.56 1.54 46.97
C CYS B 23 -63.63 0.91 48.00
N PRO B 24 -64.19 0.07 48.89
CA PRO B 24 -63.44 -0.55 50.00
C PRO B 24 -62.17 -1.31 49.59
N LYS B 25 -62.29 -2.25 48.67
CA LYS B 25 -61.17 -3.14 48.34
C LYS B 25 -60.03 -2.46 47.58
N CYS B 26 -60.37 -1.69 46.54
CA CYS B 26 -59.36 -1.03 45.73
C CYS B 26 -58.77 0.18 46.47
N GLY B 27 -59.65 0.98 47.05
CA GLY B 27 -59.23 2.09 47.88
C GLY B 27 -58.79 3.33 47.13
N LYS B 28 -58.98 3.33 45.81
CA LYS B 28 -58.55 4.46 44.99
C LYS B 28 -59.75 5.26 44.47
N HIS B 29 -59.60 6.57 44.44
CA HIS B 29 -60.69 7.46 44.07
C HIS B 29 -60.74 7.70 42.56
N PHE B 30 -61.88 7.42 41.95
CA PHE B 30 -62.03 7.53 40.50
C PHE B 30 -63.16 8.48 40.11
N TRP B 31 -62.87 9.39 39.18
CA TRP B 31 -63.84 10.38 38.72
C TRP B 31 -64.78 9.82 37.65
N THR B 32 -66.04 9.65 38.02
CA THR B 32 -67.06 9.20 37.07
C THR B 32 -68.08 10.31 36.82
N ALA B 33 -68.50 10.47 35.58
CA ALA B 33 -69.51 11.47 35.24
C ALA B 33 -70.90 10.83 35.25
N ASP B 34 -70.94 9.54 35.52
CA ASP B 34 -72.20 8.82 35.67
C ASP B 34 -72.42 8.49 37.14
N PRO B 35 -73.20 9.32 37.84
CA PRO B 35 -73.45 9.12 39.27
C PRO B 35 -74.29 7.88 39.54
N GLU B 36 -75.09 7.48 38.57
CA GLU B 36 -75.98 6.34 38.70
C GLU B 36 -75.21 5.03 38.89
N ARG B 37 -74.12 4.88 38.15
CA ARG B 37 -73.35 3.64 38.15
C ARG B 37 -71.93 3.85 38.68
N GLU B 38 -71.38 2.80 39.29
CA GLU B 38 -70.03 2.87 39.85
C GLU B 38 -69.16 1.69 39.39
N ILE B 39 -68.12 1.99 38.63
CA ILE B 39 -67.15 0.97 38.24
C ILE B 39 -65.73 1.42 38.61
N CYS B 40 -64.76 0.53 38.43
CA CYS B 40 -63.39 0.80 38.91
C CYS B 40 -62.33 0.78 37.79
N GLY B 41 -62.11 -0.37 37.16
CA GLY B 41 -61.18 -0.46 36.06
C GLY B 41 -59.89 -1.23 36.28
N ASP B 42 -59.64 -1.65 37.51
CA ASP B 42 -58.46 -2.47 37.82
C ASP B 42 -58.82 -3.95 37.70
N PRO B 43 -57.81 -4.83 37.57
CA PRO B 43 -58.04 -6.27 37.47
C PRO B 43 -59.02 -6.90 38.49
N PRO B 44 -58.95 -6.53 39.79
CA PRO B 44 -59.83 -7.29 40.71
C PRO B 44 -61.31 -6.92 40.64
N CYS B 45 -61.73 -6.04 39.74
CA CYS B 45 -63.11 -5.55 39.77
C CYS B 45 -63.75 -5.26 38.40
N GLU B 46 -63.02 -5.49 37.31
CA GLU B 46 -63.51 -5.07 36.01
C GLU B 46 -63.26 -6.07 34.87
N SER B 47 -64.16 -6.09 33.91
CA SER B 47 -63.99 -6.87 32.69
C SER B 47 -64.28 -6.00 31.46
N TYR B 48 -63.62 -6.30 30.35
CA TYR B 48 -63.83 -5.52 29.12
C TYR B 48 -65.27 -5.72 28.62
N SER B 49 -65.91 -4.63 28.22
CA SER B 49 -67.31 -4.70 27.82
C SER B 49 -67.51 -4.46 26.32
N PHE B 50 -66.59 -3.73 25.71
CA PHE B 50 -66.81 -3.21 24.35
C PHE B 50 -66.71 -4.27 23.24
N ILE B 51 -66.31 -5.49 23.58
CA ILE B 51 -66.19 -6.54 22.55
C ILE B 51 -67.56 -6.90 21.99
N GLY B 52 -67.71 -6.69 20.68
CA GLY B 52 -68.99 -6.93 20.03
C GLY B 52 -69.72 -5.63 19.77
N ASN B 53 -69.66 -4.73 20.74
CA ASN B 53 -70.25 -3.40 20.59
C ASN B 53 -69.20 -2.30 20.73
N PRO B 54 -68.48 -2.01 19.64
CA PRO B 54 -67.42 -0.99 19.61
C PRO B 54 -67.88 0.35 20.18
N VAL B 55 -67.21 0.80 21.23
CA VAL B 55 -67.55 2.04 21.90
C VAL B 55 -67.48 3.24 20.95
N PHE B 56 -66.58 3.15 19.97
CA PHE B 56 -66.38 4.24 19.02
C PHE B 56 -67.46 4.28 17.96
N LYS B 57 -67.57 5.43 17.30
CA LYS B 57 -68.58 5.67 16.28
C LYS B 57 -68.29 4.91 15.00
N LYS B 58 -67.06 4.44 14.86
CA LYS B 58 -66.61 3.74 13.65
C LYS B 58 -65.31 2.99 13.92
N PRO B 59 -65.15 1.80 13.31
CA PRO B 59 -63.85 1.13 13.37
C PRO B 59 -62.80 1.91 12.58
N PHE B 60 -61.62 2.10 13.17
CA PHE B 60 -60.55 2.84 12.53
C PHE B 60 -59.32 1.96 12.31
N GLU B 61 -58.44 2.40 11.41
CA GLU B 61 -57.19 1.69 11.16
C GLU B 61 -56.05 2.33 11.94
N LEU B 62 -54.95 1.60 12.08
CA LEU B 62 -53.82 2.06 12.88
C LEU B 62 -53.11 3.27 12.27
N ASP B 63 -53.19 3.41 10.95
CA ASP B 63 -52.50 4.50 10.26
C ASP B 63 -53.42 5.69 10.05
N GLU B 64 -54.72 5.43 10.09
CA GLU B 64 -55.72 6.49 9.96
C GLU B 64 -55.98 7.11 11.33
N MET B 65 -55.63 6.38 12.38
CA MET B 65 -55.82 6.85 13.75
C MET B 65 -54.72 7.83 14.16
N ARG B 66 -53.50 7.59 13.65
CA ARG B 66 -52.38 8.47 13.92
C ARG B 66 -52.70 9.90 13.49
N GLU B 67 -53.09 10.05 12.24
CA GLU B 67 -53.46 11.34 11.70
C GLU B 67 -54.65 11.96 12.45
N TYR B 68 -55.69 11.16 12.71
CA TYR B 68 -56.88 11.68 13.38
C TYR B 68 -56.57 12.23 14.77
N TYR B 69 -55.60 11.61 15.44
CA TYR B 69 -55.12 12.10 16.73
C TYR B 69 -54.13 13.24 16.56
N LEU B 70 -53.22 13.09 15.59
CA LEU B 70 -52.16 14.08 15.38
C LEU B 70 -52.69 15.35 14.73
N ASN B 71 -53.50 15.21 13.69
CA ASN B 71 -54.09 16.37 13.02
C ASN B 71 -55.02 17.14 13.95
N PHE B 72 -55.69 16.41 14.84
CA PHE B 72 -56.58 17.03 15.82
C PHE B 72 -55.83 18.01 16.70
N PHE B 73 -54.76 17.56 17.34
CA PHE B 73 -54.00 18.41 18.27
C PHE B 73 -53.08 19.38 17.50
N GLU B 74 -53.02 19.19 16.17
CA GLU B 74 -52.29 20.09 15.27
C GLU B 74 -52.98 21.46 15.16
N ARG B 75 -54.31 21.45 15.17
CA ARG B 75 -55.09 22.67 15.00
C ARG B 75 -55.59 23.25 16.32
N ARG B 76 -55.04 22.76 17.43
CA ARG B 76 -55.34 23.26 18.77
C ARG B 76 -54.22 24.19 19.24
N GLY B 77 -53.08 24.11 18.56
CA GLY B 77 -51.94 24.92 18.89
C GLY B 77 -50.66 24.14 19.08
N HIS B 78 -50.75 22.81 19.07
CA HIS B 78 -49.57 21.95 19.25
C HIS B 78 -48.83 21.79 17.94
N GLY B 79 -47.51 21.62 18.02
CA GLY B 79 -46.70 21.39 16.83
C GLY B 79 -46.45 19.90 16.64
N ARG B 80 -46.26 19.48 15.39
CA ARG B 80 -46.06 18.06 15.11
C ARG B 80 -44.57 17.70 15.08
N ILE B 81 -44.26 16.54 15.63
CA ILE B 81 -42.88 16.05 15.72
C ILE B 81 -42.82 14.68 15.04
N GLU B 82 -41.67 14.30 14.49
CA GLU B 82 -41.50 12.96 13.94
C GLU B 82 -40.96 11.99 15.00
N ARG B 83 -41.29 10.72 14.84
CA ARG B 83 -40.99 9.70 15.85
C ARG B 83 -39.49 9.59 16.15
N TYR B 84 -39.17 9.39 17.42
CA TYR B 84 -37.81 9.14 17.86
C TYR B 84 -37.46 7.68 17.66
N PRO B 85 -36.16 7.37 17.53
CA PRO B 85 -35.76 5.96 17.46
C PRO B 85 -36.11 5.23 18.75
N VAL B 86 -36.45 3.95 18.65
CA VAL B 86 -36.83 3.16 19.82
C VAL B 86 -35.63 2.92 20.74
N VAL B 87 -34.45 3.23 20.24
CA VAL B 87 -33.23 3.14 21.05
C VAL B 87 -32.89 4.52 21.63
N ALA B 88 -32.56 4.55 22.91
CA ALA B 88 -32.22 5.80 23.58
C ALA B 88 -30.79 6.21 23.28
N ARG B 89 -30.60 6.90 22.17
CA ARG B 89 -29.28 7.38 21.76
C ARG B 89 -28.95 8.70 22.45
N TRP B 90 -29.99 9.42 22.86
CA TRP B 90 -29.85 10.78 23.36
C TRP B 90 -29.59 10.87 24.86
N ARG B 91 -29.76 9.76 25.57
CA ARG B 91 -29.58 9.75 27.02
C ARG B 91 -28.61 8.66 27.46
N THR B 92 -28.24 8.68 28.74
CA THR B 92 -27.17 7.82 29.25
C THR B 92 -27.68 6.77 30.23
N ASP B 93 -28.88 6.97 30.77
CA ASP B 93 -29.42 6.08 31.79
C ASP B 93 -29.92 4.75 31.21
N ILE B 94 -30.85 4.81 30.27
CA ILE B 94 -31.48 3.60 29.75
C ILE B 94 -31.13 3.34 28.28
N TYR B 95 -31.43 2.12 27.83
CA TYR B 95 -31.14 1.71 26.46
C TYR B 95 -32.31 2.00 25.52
N LEU B 96 -33.52 1.63 25.93
CA LEU B 96 -34.68 1.73 25.06
C LEU B 96 -35.66 2.80 25.53
N THR B 97 -36.49 3.26 24.60
CA THR B 97 -37.50 4.26 24.90
C THR B 97 -38.62 3.67 25.75
N ILE B 98 -38.80 4.22 26.95
CA ILE B 98 -39.82 3.73 27.87
C ILE B 98 -41.15 4.44 27.64
N ALA B 99 -41.10 5.76 27.48
CA ALA B 99 -42.30 6.55 27.28
C ALA B 99 -42.09 7.64 26.23
N SER B 100 -43.15 8.39 25.93
CA SER B 100 -43.05 9.51 25.00
C SER B 100 -42.34 10.68 25.67
N ILE B 101 -42.46 10.76 26.99
CA ILE B 101 -41.78 11.79 27.76
C ILE B 101 -40.30 11.39 27.93
N ALA B 102 -40.01 10.11 27.70
CA ALA B 102 -38.65 9.61 27.77
C ALA B 102 -37.80 10.16 26.63
N ASP B 103 -38.45 10.73 25.63
CA ASP B 103 -37.77 11.35 24.51
C ASP B 103 -37.08 12.66 24.89
N PHE B 104 -37.54 13.27 25.98
CA PHE B 104 -37.12 14.62 26.32
C PHE B 104 -36.35 14.72 27.63
N GLN B 105 -36.23 13.60 28.34
CA GLN B 105 -35.47 13.58 29.58
C GLN B 105 -34.06 13.03 29.34
N PRO B 106 -33.08 13.48 30.16
CA PRO B 106 -33.22 14.44 31.25
C PRO B 106 -32.86 15.86 30.86
N PHE B 107 -32.77 16.16 29.57
CA PHE B 107 -32.24 17.44 29.12
C PHE B 107 -33.32 18.51 28.96
N VAL B 108 -34.47 18.15 28.42
CA VAL B 108 -35.56 19.11 28.26
C VAL B 108 -36.42 19.14 29.53
N THR B 109 -36.43 18.02 30.25
CA THR B 109 -37.23 17.91 31.47
C THR B 109 -36.59 18.64 32.65
N SER B 110 -35.26 18.71 32.65
CA SER B 110 -34.54 19.45 33.68
C SER B 110 -34.34 20.91 33.25
N GLY B 111 -34.96 21.28 32.14
CA GLY B 111 -34.96 22.65 31.68
C GLY B 111 -33.65 23.13 31.06
N VAL B 112 -32.66 22.26 31.04
CA VAL B 112 -31.35 22.59 30.49
C VAL B 112 -31.46 22.97 29.01
N ALA B 113 -32.31 22.24 28.28
CA ALA B 113 -32.52 22.49 26.87
C ALA B 113 -33.99 22.77 26.58
N PRO B 114 -34.27 23.58 25.54
CA PRO B 114 -35.64 23.88 25.14
C PRO B 114 -36.33 22.67 24.50
N PRO B 115 -37.65 22.74 24.28
CA PRO B 115 -38.34 21.71 23.50
C PRO B 115 -38.39 22.09 22.01
N PRO B 116 -38.53 21.09 21.13
CA PRO B 116 -38.65 21.34 19.69
C PRO B 116 -39.81 22.28 19.36
N ALA B 117 -40.90 22.15 20.12
CA ALA B 117 -42.05 23.02 19.97
C ALA B 117 -42.86 23.01 21.26
N ASN B 118 -43.64 24.05 21.49
CA ASN B 118 -44.45 24.13 22.70
C ASN B 118 -45.80 24.77 22.43
N PRO B 119 -46.88 23.96 22.53
CA PRO B 119 -46.83 22.55 22.92
C PRO B 119 -46.56 21.63 21.73
N LEU B 120 -46.42 20.33 22.00
CA LEU B 120 -46.04 19.38 20.97
C LEU B 120 -46.99 18.18 20.92
N THR B 121 -47.03 17.51 19.78
CA THR B 121 -47.80 16.27 19.63
C THR B 121 -46.94 15.23 18.90
N ILE B 122 -47.18 13.95 19.18
CA ILE B 122 -46.31 12.89 18.67
C ILE B 122 -46.95 11.50 18.84
N SER B 123 -46.65 10.60 17.90
CA SER B 123 -47.01 9.20 18.02
C SER B 123 -45.75 8.36 18.20
N GLN B 124 -45.12 8.50 19.36
CA GLN B 124 -43.84 7.84 19.64
C GLN B 124 -43.99 6.36 19.99
N PRO B 125 -43.30 5.49 19.24
CA PRO B 125 -43.25 4.05 19.52
C PRO B 125 -42.27 3.71 20.65
N CYS B 126 -42.71 2.92 21.62
CA CYS B 126 -41.87 2.57 22.75
C CYS B 126 -41.78 1.05 22.95
N ILE B 127 -40.72 0.61 23.62
CA ILE B 127 -40.61 -0.79 24.01
C ILE B 127 -40.54 -0.90 25.54
N ARG B 128 -41.55 -1.52 26.12
CA ARG B 128 -41.59 -1.73 27.56
C ARG B 128 -41.54 -3.22 27.88
N LEU B 129 -40.37 -3.69 28.30
CA LEU B 129 -40.17 -5.12 28.55
C LEU B 129 -40.47 -5.49 30.00
N ASP B 130 -40.96 -4.52 30.78
CA ASP B 130 -41.41 -4.80 32.13
C ASP B 130 -42.72 -5.58 32.07
N ASP B 131 -43.55 -5.24 31.09
CA ASP B 131 -44.84 -5.89 30.90
C ASP B 131 -44.73 -7.02 29.88
N LEU B 132 -43.53 -7.60 29.77
CA LEU B 132 -43.26 -8.65 28.78
C LEU B 132 -44.06 -9.92 29.05
N ASP B 133 -44.07 -10.38 30.29
CA ASP B 133 -44.77 -11.61 30.64
C ASP B 133 -46.27 -11.49 30.47
N SER B 134 -46.78 -10.27 30.57
CA SER B 134 -48.22 -10.04 30.48
C SER B 134 -48.68 -9.94 29.03
N VAL B 135 -47.76 -10.09 28.09
CA VAL B 135 -48.10 -10.01 26.67
C VAL B 135 -48.66 -11.33 26.15
N GLY B 136 -49.91 -11.29 25.71
CA GLY B 136 -50.58 -12.47 25.17
C GLY B 136 -51.55 -13.09 26.16
N ARG B 137 -51.25 -12.96 27.45
CA ARG B 137 -52.08 -13.55 28.50
C ARG B 137 -53.27 -12.67 28.85
N THR B 138 -53.12 -11.36 28.70
CA THR B 138 -54.18 -10.43 29.07
C THR B 138 -54.92 -9.86 27.85
N GLY B 139 -54.26 -9.92 26.70
CA GLY B 139 -54.85 -9.42 25.46
C GLY B 139 -54.82 -7.92 25.34
N ARG B 140 -54.25 -7.24 26.32
CA ARG B 140 -54.20 -5.79 26.32
C ARG B 140 -52.78 -5.24 26.44
N HIS B 141 -51.79 -6.12 26.49
CA HIS B 141 -50.42 -5.69 26.67
C HIS B 141 -49.51 -6.04 25.49
N LEU B 142 -48.68 -5.09 25.10
CA LEU B 142 -47.78 -5.24 23.98
C LEU B 142 -46.36 -4.89 24.39
N THR B 143 -45.37 -5.51 23.75
CA THR B 143 -43.98 -5.18 24.02
C THR B 143 -43.60 -3.87 23.34
N LEU B 144 -43.99 -3.75 22.08
CA LEU B 144 -43.76 -2.54 21.31
C LEU B 144 -45.09 -1.90 20.92
N PHE B 145 -45.23 -0.60 21.17
CA PHE B 145 -46.46 0.10 20.86
C PHE B 145 -46.22 1.59 20.64
N GLU B 146 -47.03 2.20 19.78
CA GLU B 146 -46.99 3.64 19.56
C GLU B 146 -47.79 4.36 20.64
N MET B 147 -47.10 5.08 21.50
CA MET B 147 -47.77 5.86 22.53
C MET B 147 -48.04 7.27 22.05
N MET B 148 -49.27 7.52 21.61
CA MET B 148 -49.68 8.86 21.23
C MET B 148 -49.53 9.79 22.42
N ALA B 149 -49.11 11.02 22.17
CA ALA B 149 -48.87 11.95 23.27
C ALA B 149 -48.91 13.40 22.83
N HIS B 150 -49.08 14.29 23.80
CA HIS B 150 -49.05 15.71 23.56
C HIS B 150 -48.57 16.42 24.81
N HIS B 151 -47.36 16.96 24.76
CA HIS B 151 -46.73 17.56 25.93
C HIS B 151 -46.74 19.08 25.86
N ALA B 152 -46.57 19.71 27.02
CA ALA B 152 -46.49 21.16 27.11
C ALA B 152 -45.52 21.56 28.23
N PHE B 153 -44.42 22.19 27.84
CA PHE B 153 -43.36 22.53 28.79
C PHE B 153 -43.59 23.91 29.41
N ASN B 154 -43.71 23.93 30.73
CA ASN B 154 -44.02 25.16 31.45
C ASN B 154 -42.96 25.51 32.49
N TYR B 155 -42.52 26.76 32.46
CA TYR B 155 -41.50 27.24 33.39
C TYR B 155 -42.14 28.22 34.38
N PRO B 156 -41.50 28.44 35.54
CA PRO B 156 -42.02 29.31 36.61
C PRO B 156 -42.66 30.61 36.11
N GLY B 157 -43.98 30.59 35.92
CA GLY B 157 -44.71 31.78 35.54
C GLY B 157 -45.44 31.68 34.21
N LYS B 158 -45.05 30.72 33.38
CA LYS B 158 -45.62 30.60 32.04
C LYS B 158 -46.05 29.17 31.71
N GLU B 159 -47.11 29.05 30.91
CA GLU B 159 -47.61 27.77 30.46
C GLU B 159 -48.55 27.94 29.27
N ILE B 160 -48.56 26.95 28.38
CA ILE B 160 -49.52 26.94 27.28
C ILE B 160 -50.89 26.55 27.82
N TYR B 161 -50.90 25.46 28.58
CA TYR B 161 -52.10 24.98 29.25
C TYR B 161 -51.72 24.08 30.42
N TRP B 162 -52.69 23.80 31.28
CA TRP B 162 -52.46 22.92 32.42
C TRP B 162 -53.49 21.76 32.39
N LYS B 163 -53.69 21.11 33.53
CA LYS B 163 -54.53 19.91 33.61
C LYS B 163 -55.98 20.16 33.20
N ASN B 164 -56.51 21.33 33.54
CA ASN B 164 -57.92 21.63 33.31
C ASN B 164 -58.34 21.62 31.84
N GLU B 165 -57.71 22.46 31.03
CA GLU B 165 -58.10 22.65 29.63
C GLU B 165 -57.91 21.38 28.78
N THR B 166 -57.09 20.45 29.25
CA THR B 166 -56.66 19.36 28.39
C THR B 166 -57.50 18.14 28.63
N VAL B 167 -57.61 17.74 29.90
CA VAL B 167 -58.54 16.69 30.27
C VAL B 167 -59.90 17.02 29.65
N ALA B 168 -60.22 18.29 29.73
CA ALA B 168 -61.35 18.78 28.98
C ALA B 168 -61.22 18.35 27.52
N TYR B 169 -60.26 18.89 26.77
CA TYR B 169 -59.97 18.40 25.41
C TYR B 169 -59.86 16.89 25.19
N CYS B 170 -59.15 16.22 26.09
CA CYS B 170 -59.09 14.77 26.17
C CYS B 170 -60.48 14.15 26.21
N THR B 171 -61.37 14.74 27.00
CA THR B 171 -62.74 14.24 27.12
C THR B 171 -63.51 14.54 25.85
N GLU B 172 -63.10 15.63 25.20
CA GLU B 172 -63.79 16.13 24.02
C GLU B 172 -63.58 15.22 22.83
N LEU B 173 -62.33 14.78 22.70
CA LEU B 173 -61.92 13.97 21.56
C LEU B 173 -62.70 12.66 21.54
N LEU B 174 -62.88 12.12 22.74
CA LEU B 174 -63.69 10.94 22.97
C LEU B 174 -65.15 11.19 22.63
N ASN B 175 -65.61 12.40 22.93
CA ASN B 175 -66.97 12.80 22.58
C ASN B 175 -67.09 12.98 21.07
N GLU B 176 -65.96 13.28 20.44
CA GLU B 176 -65.91 13.41 18.99
C GLU B 176 -65.60 12.06 18.34
N LEU B 177 -65.38 11.06 19.18
CA LEU B 177 -65.11 9.70 18.72
C LEU B 177 -66.29 8.77 18.99
N GLY B 178 -67.33 9.30 19.63
CA GLY B 178 -68.53 8.52 19.92
C GLY B 178 -68.55 7.96 21.33
N VAL B 179 -67.96 8.68 22.27
CA VAL B 179 -67.95 8.27 23.67
C VAL B 179 -68.59 9.32 24.56
N LYS B 180 -69.71 8.96 25.17
CA LYS B 180 -70.42 9.88 26.06
C LYS B 180 -69.59 10.17 27.31
N LYS B 181 -69.71 11.39 27.82
CA LYS B 181 -68.86 11.89 28.90
C LYS B 181 -68.94 11.07 30.19
N GLU B 182 -70.02 10.31 30.34
CA GLU B 182 -70.27 9.58 31.58
C GLU B 182 -69.63 8.19 31.62
N ASP B 183 -69.36 7.63 30.45
CA ASP B 183 -68.76 6.30 30.37
C ASP B 183 -67.28 6.33 30.76
N ILE B 184 -66.72 7.54 30.84
CA ILE B 184 -65.30 7.71 31.12
C ILE B 184 -65.00 7.76 32.62
N VAL B 185 -63.94 7.07 33.03
CA VAL B 185 -63.50 7.05 34.42
C VAL B 185 -62.03 7.46 34.53
N TYR B 186 -61.72 8.33 35.48
CA TYR B 186 -60.34 8.77 35.71
C TYR B 186 -59.80 8.28 37.04
N LYS B 187 -59.26 7.06 37.06
CA LYS B 187 -58.70 6.49 38.28
C LYS B 187 -57.42 7.21 38.68
N GLU B 188 -57.39 7.77 39.89
CA GLU B 188 -56.24 8.53 40.36
C GLU B 188 -55.09 7.62 40.79
N GLU B 189 -53.90 7.91 40.27
CA GLU B 189 -52.71 7.13 40.56
C GLU B 189 -51.44 7.94 40.33
N PRO B 190 -50.32 7.50 40.93
CA PRO B 190 -49.01 8.06 40.55
C PRO B 190 -48.41 7.32 39.35
N TRP B 191 -47.51 7.97 38.63
CA TRP B 191 -46.78 7.32 37.54
C TRP B 191 -45.32 7.75 37.56
N ALA B 192 -44.42 6.77 37.50
CA ALA B 192 -42.99 7.05 37.56
C ALA B 192 -42.23 6.33 36.45
N GLY B 193 -40.96 6.71 36.28
CA GLY B 193 -40.10 6.08 35.29
C GLY B 193 -39.21 7.08 34.58
N GLY B 194 -37.96 6.67 34.34
CA GLY B 194 -37.02 7.51 33.61
C GLY B 194 -36.39 8.59 34.46
N GLY B 195 -36.67 8.56 35.77
CA GLY B 195 -36.12 9.55 36.68
C GLY B 195 -37.10 10.67 36.96
N ASN B 196 -38.22 10.65 36.25
CA ASN B 196 -39.26 11.66 36.43
C ASN B 196 -40.60 11.04 36.82
N ALA B 197 -41.24 11.62 37.83
CA ALA B 197 -42.50 11.09 38.33
C ALA B 197 -43.51 12.19 38.61
N GLY B 198 -44.76 11.80 38.81
CA GLY B 198 -45.83 12.74 39.11
C GLY B 198 -47.19 12.08 39.18
N PRO B 199 -48.13 12.73 39.88
CA PRO B 199 -49.50 12.24 40.03
C PRO B 199 -50.29 12.27 38.73
N CYS B 200 -51.17 11.29 38.53
CA CYS B 200 -51.92 11.19 37.29
C CYS B 200 -53.32 10.61 37.49
N LEU B 201 -54.11 10.60 36.42
CA LEU B 201 -55.37 9.87 36.40
C LEU B 201 -55.52 9.13 35.07
N GLU B 202 -55.82 7.85 35.16
CA GLU B 202 -55.85 6.98 33.99
C GLU B 202 -57.25 6.87 33.39
N ALA B 203 -57.38 7.29 32.14
CA ALA B 203 -58.67 7.25 31.45
C ALA B 203 -59.10 5.82 31.19
N ILE B 204 -60.24 5.43 31.76
CA ILE B 204 -60.77 4.09 31.61
C ILE B 204 -62.11 4.11 30.87
N VAL B 205 -62.23 3.28 29.84
CA VAL B 205 -63.48 3.17 29.09
C VAL B 205 -63.66 1.74 28.59
N GLY B 206 -64.81 1.16 28.91
CA GLY B 206 -65.07 -0.24 28.60
C GLY B 206 -64.19 -1.13 29.46
N GLY B 207 -63.72 -0.57 30.57
CA GLY B 207 -62.83 -1.29 31.47
C GLY B 207 -61.44 -1.45 30.93
N LEU B 208 -60.99 -0.44 30.18
CA LEU B 208 -59.68 -0.49 29.53
C LEU B 208 -58.93 0.83 29.66
N GLU B 209 -57.76 0.78 30.28
CA GLU B 209 -56.89 1.94 30.39
C GLU B 209 -56.35 2.33 29.02
N VAL B 210 -57.10 3.13 28.28
CA VAL B 210 -56.71 3.49 26.93
C VAL B 210 -55.75 4.68 26.91
N ALA B 211 -55.85 5.53 27.94
CA ALA B 211 -55.01 6.71 28.03
C ALA B 211 -54.45 6.89 29.44
N THR B 212 -53.59 7.88 29.60
CA THR B 212 -52.98 8.18 30.88
C THR B 212 -52.42 9.60 30.88
N LEU B 213 -52.91 10.44 31.78
CA LEU B 213 -52.53 11.84 31.82
C LEU B 213 -51.69 12.15 33.06
N VAL B 214 -50.37 12.15 32.90
CA VAL B 214 -49.46 12.37 34.02
C VAL B 214 -49.09 13.84 34.17
N PHE B 215 -49.21 14.35 35.40
CA PHE B 215 -48.85 15.72 35.71
C PHE B 215 -47.62 15.72 36.63
N MET B 216 -46.45 15.58 36.00
CA MET B 216 -45.20 15.35 36.70
C MET B 216 -44.54 16.64 37.20
N ASN B 217 -44.00 16.59 38.41
CA ASN B 217 -43.37 17.75 39.01
C ASN B 217 -42.10 17.42 39.80
N LEU B 218 -41.84 16.14 39.99
CA LEU B 218 -40.75 15.70 40.85
C LEU B 218 -39.59 15.10 40.07
N GLU B 219 -38.37 15.53 40.38
CA GLU B 219 -37.17 14.97 39.76
C GLU B 219 -36.41 14.09 40.74
N GLU B 220 -35.85 13.00 40.24
CA GLU B 220 -35.15 12.03 41.09
C GLU B 220 -33.88 12.63 41.69
N HIS B 221 -33.73 12.48 43.01
CA HIS B 221 -32.58 13.01 43.72
C HIS B 221 -32.45 12.33 45.09
N PRO B 222 -31.20 12.08 45.53
CA PRO B 222 -30.89 11.43 46.81
C PRO B 222 -31.60 12.04 48.02
N GLU B 223 -31.98 13.32 47.93
CA GLU B 223 -32.71 13.98 49.02
C GLU B 223 -34.02 13.24 49.29
N GLY B 224 -34.73 12.89 48.22
CA GLY B 224 -35.92 12.06 48.31
C GLY B 224 -36.99 12.54 49.26
N ASP B 225 -37.53 13.73 48.98
CA ASP B 225 -38.61 14.28 49.79
C ASP B 225 -39.79 13.31 49.78
N ILE B 226 -40.06 12.74 48.61
CA ILE B 226 -41.09 11.72 48.47
C ILE B 226 -40.44 10.36 48.23
N GLU B 227 -41.20 9.29 48.49
CA GLU B 227 -40.71 7.94 48.24
C GLU B 227 -41.64 7.17 47.30
N ILE B 228 -41.19 6.96 46.08
CA ILE B 228 -42.01 6.28 45.07
C ILE B 228 -41.32 5.00 44.58
N LYS B 229 -41.95 3.86 44.83
CA LYS B 229 -41.44 2.56 44.39
C LYS B 229 -40.02 2.28 44.86
N GLY B 230 -39.66 2.81 46.02
CA GLY B 230 -38.32 2.64 46.56
C GLY B 230 -37.33 3.62 45.97
N ALA B 231 -37.78 4.42 45.00
CA ALA B 231 -36.94 5.43 44.38
C ALA B 231 -37.23 6.80 44.97
N ARG B 232 -36.20 7.63 45.03
CA ARG B 232 -36.30 8.94 45.69
C ARG B 232 -36.47 10.09 44.70
N TYR B 233 -37.66 10.67 44.67
CA TYR B 233 -37.96 11.80 43.79
C TYR B 233 -38.10 13.09 44.59
N ARG B 234 -37.88 14.22 43.92
CA ARG B 234 -37.89 15.52 44.59
C ARG B 234 -38.41 16.61 43.65
N LYS B 235 -39.12 17.59 44.21
CA LYS B 235 -39.79 18.61 43.42
C LYS B 235 -38.82 19.49 42.61
N MET B 236 -39.26 19.88 41.42
CA MET B 236 -38.49 20.77 40.56
C MET B 236 -39.24 22.08 40.38
N ASP B 237 -38.55 23.08 39.85
CA ASP B 237 -39.13 24.41 39.66
C ASP B 237 -40.21 24.42 38.58
N ASN B 238 -39.83 24.09 37.36
CA ASN B 238 -40.76 24.07 36.23
C ASN B 238 -41.68 22.85 36.28
N TYR B 239 -42.86 22.96 35.66
CA TYR B 239 -43.77 21.82 35.58
C TYR B 239 -44.16 21.53 34.14
N ILE B 240 -44.48 20.27 33.85
CA ILE B 240 -44.64 19.83 32.47
C ILE B 240 -45.79 18.85 32.29
N VAL B 241 -46.58 19.07 31.23
CA VAL B 241 -47.69 18.18 30.88
C VAL B 241 -47.17 16.92 30.21
N ASP B 242 -47.50 15.77 30.77
CA ASP B 242 -47.08 14.49 30.22
C ASP B 242 -48.27 13.55 29.99
N THR B 243 -48.70 13.43 28.73
CA THR B 243 -49.84 12.58 28.41
C THR B 243 -49.43 11.37 27.59
N GLY B 244 -50.20 10.28 27.69
CA GLY B 244 -49.93 9.07 26.96
C GLY B 244 -51.18 8.38 26.48
N TYR B 245 -51.28 8.26 25.16
CA TYR B 245 -52.42 7.61 24.52
C TYR B 245 -51.95 6.37 23.77
N GLY B 246 -52.62 5.25 24.00
CA GLY B 246 -52.28 4.02 23.32
C GLY B 246 -52.97 3.91 21.98
N LEU B 247 -52.21 4.12 20.90
CA LEU B 247 -52.71 3.90 19.56
C LEU B 247 -53.25 2.48 19.48
N GLU B 248 -52.45 1.55 19.96
CA GLU B 248 -52.75 0.12 19.92
C GLU B 248 -54.09 -0.20 20.57
N ARG B 249 -54.39 0.47 21.68
CA ARG B 249 -55.62 0.19 22.43
C ARG B 249 -56.83 0.95 21.86
N PHE B 250 -56.57 1.99 21.07
CA PHE B 250 -57.66 2.80 20.52
C PHE B 250 -58.29 2.14 19.29
N VAL B 251 -57.44 1.61 18.41
CA VAL B 251 -57.91 0.90 17.23
C VAL B 251 -58.70 -0.35 17.63
N TRP B 252 -58.21 -1.01 18.67
CA TRP B 252 -58.86 -2.20 19.22
C TRP B 252 -60.31 -1.93 19.61
N ALA B 253 -60.53 -0.84 20.34
CA ALA B 253 -61.86 -0.50 20.82
C ALA B 253 -62.74 0.06 19.71
N SER B 254 -62.12 0.40 18.58
CA SER B 254 -62.86 0.91 17.42
C SER B 254 -63.39 -0.25 16.58
N LYS B 255 -62.52 -1.21 16.28
CA LYS B 255 -62.91 -2.37 15.48
C LYS B 255 -63.79 -3.32 16.29
N GLY B 256 -63.54 -3.38 17.59
CA GLY B 256 -64.33 -4.22 18.49
C GLY B 256 -64.01 -5.69 18.35
N THR B 257 -62.72 -6.00 18.19
CA THR B 257 -62.27 -7.38 18.07
C THR B 257 -61.96 -7.95 19.45
N PRO B 258 -61.97 -9.30 19.58
CA PRO B 258 -61.63 -10.01 20.81
C PRO B 258 -60.41 -9.45 21.54
N THR B 259 -59.24 -9.51 20.91
CA THR B 259 -58.02 -9.01 21.53
C THR B 259 -57.40 -7.88 20.72
N VAL B 260 -56.38 -7.24 21.29
CA VAL B 260 -55.72 -6.12 20.66
C VAL B 260 -54.87 -6.58 19.47
N TYR B 261 -54.53 -7.87 19.46
CA TYR B 261 -53.66 -8.43 18.43
C TYR B 261 -54.43 -8.65 17.14
N ASP B 262 -55.66 -9.15 17.27
CA ASP B 262 -56.52 -9.36 16.10
C ASP B 262 -56.96 -8.03 15.51
N ALA B 263 -56.83 -6.97 16.30
CA ALA B 263 -57.23 -5.64 15.86
C ALA B 263 -56.14 -4.94 15.07
N ILE B 264 -54.90 -5.13 15.50
CA ILE B 264 -53.76 -4.42 14.92
C ILE B 264 -53.11 -5.18 13.77
N PHE B 265 -52.57 -6.36 14.07
CA PHE B 265 -51.92 -7.18 13.06
C PHE B 265 -52.61 -8.53 12.90
N PRO B 266 -53.79 -8.54 12.26
CA PRO B 266 -54.56 -9.77 12.07
C PRO B 266 -53.88 -10.69 11.08
N GLU B 267 -53.29 -10.10 10.04
CA GLU B 267 -52.61 -10.85 8.99
C GLU B 267 -51.56 -11.78 9.56
N VAL B 268 -50.78 -11.27 10.51
CA VAL B 268 -49.74 -12.07 11.14
C VAL B 268 -50.34 -13.17 12.02
N VAL B 269 -51.29 -12.79 12.86
CA VAL B 269 -51.96 -13.74 13.75
C VAL B 269 -52.61 -14.87 12.95
N ASP B 270 -53.37 -14.49 11.93
CA ASP B 270 -54.02 -15.47 11.07
C ASP B 270 -52.99 -16.32 10.33
N THR B 271 -51.87 -15.72 9.97
CA THR B 271 -50.81 -16.43 9.25
C THR B 271 -50.10 -17.44 10.16
N ILE B 272 -49.81 -17.03 11.39
CA ILE B 272 -49.14 -17.92 12.34
C ILE B 272 -50.00 -19.16 12.60
N ILE B 273 -51.29 -18.95 12.82
CA ILE B 273 -52.23 -20.05 13.04
C ILE B 273 -52.21 -21.05 11.88
N ASP B 274 -52.35 -20.53 10.66
CA ASP B 274 -52.47 -21.38 9.48
C ASP B 274 -51.22 -22.20 9.19
N ASN B 275 -50.06 -21.69 9.59
CA ASN B 275 -48.81 -22.37 9.31
C ASN B 275 -48.11 -22.94 10.55
N SER B 276 -48.82 -22.99 11.67
CA SER B 276 -48.32 -23.66 12.86
C SER B 276 -49.14 -24.91 13.14
N ASN B 277 -48.79 -25.63 14.20
CA ASN B 277 -49.41 -26.93 14.48
C ASN B 277 -50.71 -26.85 15.28
N VAL B 278 -51.24 -25.65 15.46
CA VAL B 278 -52.47 -25.48 16.23
C VAL B 278 -53.62 -26.21 15.55
N SER B 279 -54.37 -26.97 16.35
CA SER B 279 -55.40 -27.87 15.84
C SER B 279 -56.65 -27.15 15.36
N PHE B 280 -57.23 -26.33 16.23
CA PHE B 280 -58.50 -25.66 15.98
C PHE B 280 -58.48 -24.75 14.74
N ASN B 281 -59.66 -24.52 14.19
CA ASN B 281 -59.82 -23.60 13.07
C ASN B 281 -60.39 -22.27 13.55
N ARG B 282 -59.80 -21.17 13.07
CA ARG B 282 -60.19 -19.83 13.50
C ARG B 282 -61.44 -19.32 12.79
N GLU B 283 -61.78 -19.93 11.67
CA GLU B 283 -62.95 -19.54 10.90
C GLU B 283 -64.24 -20.14 11.48
N ASP B 284 -64.10 -21.31 12.10
CA ASP B 284 -65.24 -22.06 12.63
C ASP B 284 -66.01 -21.25 13.66
N GLU B 285 -67.33 -21.30 13.57
CA GLU B 285 -68.21 -20.53 14.44
C GLU B 285 -68.12 -21.01 15.89
N ARG B 286 -67.86 -22.30 16.06
CA ARG B 286 -67.74 -22.89 17.38
C ARG B 286 -66.60 -22.24 18.15
N VAL B 287 -65.48 -22.07 17.47
CA VAL B 287 -64.29 -21.47 18.06
C VAL B 287 -64.50 -19.99 18.38
N ARG B 288 -65.19 -19.28 17.49
CA ARG B 288 -65.41 -17.84 17.65
C ARG B 288 -66.18 -17.54 18.95
N ARG B 289 -67.12 -18.41 19.28
CA ARG B 289 -67.91 -18.24 20.49
C ARG B 289 -67.02 -18.43 21.73
N ILE B 290 -66.08 -19.36 21.63
CA ILE B 290 -65.12 -19.60 22.72
C ILE B 290 -64.23 -18.37 22.91
N VAL B 291 -63.71 -17.86 21.79
CA VAL B 291 -62.79 -16.73 21.80
C VAL B 291 -63.42 -15.48 22.41
N ALA B 292 -64.68 -15.21 22.08
CA ALA B 292 -65.39 -14.05 22.59
C ALA B 292 -65.41 -14.05 24.12
N GLU B 293 -65.71 -15.20 24.71
CA GLU B 293 -65.72 -15.34 26.16
C GLU B 293 -64.29 -15.37 26.72
N SER B 294 -63.39 -15.97 25.95
CA SER B 294 -61.99 -16.08 26.37
C SER B 294 -61.29 -14.73 26.39
N SER B 295 -61.71 -13.83 25.50
CA SER B 295 -61.07 -12.53 25.38
C SER B 295 -61.74 -11.47 26.25
N LYS B 296 -63.06 -11.59 26.41
CA LYS B 296 -63.83 -10.61 27.17
C LYS B 296 -63.47 -10.62 28.65
N LEU B 297 -62.96 -11.75 29.12
CA LEU B 297 -62.59 -11.91 30.53
C LEU B 297 -61.10 -12.24 30.67
N ALA B 298 -60.32 -11.93 29.65
CA ALA B 298 -58.89 -12.26 29.64
C ALA B 298 -58.08 -11.30 30.49
N GLY B 299 -58.65 -10.14 30.80
CA GLY B 299 -57.95 -9.10 31.52
C GLY B 299 -57.51 -9.47 32.92
N ILE B 300 -58.22 -10.40 33.54
CA ILE B 300 -57.92 -10.79 34.92
C ILE B 300 -57.02 -12.03 34.97
N MET B 301 -57.23 -12.98 34.06
CA MET B 301 -56.47 -14.23 34.08
C MET B 301 -55.00 -14.04 33.69
N GLY B 302 -54.70 -12.88 33.10
CA GLY B 302 -53.34 -12.56 32.74
C GLY B 302 -52.51 -12.26 33.98
N GLU B 303 -53.14 -11.59 34.95
CA GLU B 303 -52.49 -11.25 36.20
C GLU B 303 -52.49 -12.43 37.17
N LEU B 304 -53.13 -13.52 36.75
CA LEU B 304 -53.27 -14.71 37.58
C LEU B 304 -52.43 -15.86 37.03
N ARG B 305 -51.59 -16.45 37.88
CA ARG B 305 -50.76 -17.58 37.47
C ARG B 305 -50.50 -18.55 38.61
N GLY B 306 -51.07 -19.75 38.48
CA GLY B 306 -50.94 -20.79 39.49
C GLY B 306 -52.15 -21.69 39.47
N GLU B 307 -52.64 -22.06 40.64
CA GLU B 307 -53.88 -22.82 40.75
C GLU B 307 -55.06 -21.87 40.92
N ARG B 308 -54.76 -20.64 41.33
CA ARG B 308 -55.76 -19.58 41.41
C ARG B 308 -56.14 -19.16 40.00
N LEU B 309 -55.22 -19.37 39.06
CA LEU B 309 -55.49 -19.15 37.65
C LEU B 309 -56.56 -20.13 37.18
N ASN B 310 -56.50 -21.34 37.72
CA ASN B 310 -57.49 -22.36 37.40
C ASN B 310 -58.83 -22.09 38.10
N GLN B 311 -58.79 -21.27 39.16
CA GLN B 311 -59.99 -20.92 39.90
C GLN B 311 -60.89 -20.04 39.04
N LEU B 312 -60.29 -19.32 38.10
CA LEU B 312 -61.03 -18.52 37.14
C LEU B 312 -61.21 -19.30 35.84
N ARG B 313 -60.20 -20.12 35.50
CA ARG B 313 -60.25 -20.95 34.30
C ARG B 313 -61.39 -21.96 34.35
N LYS B 314 -61.65 -22.49 35.54
CA LYS B 314 -62.73 -23.45 35.73
C LYS B 314 -64.09 -22.79 35.58
N SER B 315 -64.20 -21.56 36.06
CA SER B 315 -65.46 -20.82 36.01
C SER B 315 -65.77 -20.30 34.62
N VAL B 316 -64.74 -19.88 33.89
CA VAL B 316 -64.94 -19.27 32.57
C VAL B 316 -65.31 -20.31 31.51
N ALA B 317 -64.85 -21.54 31.69
CA ALA B 317 -65.07 -22.59 30.70
C ALA B 317 -66.51 -23.09 30.68
N ASP B 318 -67.15 -23.12 31.84
CA ASP B 318 -68.47 -23.74 31.96
C ASP B 318 -69.59 -22.93 31.30
N THR B 319 -69.46 -21.60 31.30
CA THR B 319 -70.51 -20.74 30.75
C THR B 319 -70.76 -21.05 29.28
N VAL B 320 -69.68 -21.38 28.58
CA VAL B 320 -69.77 -21.82 27.19
C VAL B 320 -70.36 -23.23 27.14
N GLY B 321 -69.96 -24.06 28.08
CA GLY B 321 -70.47 -25.43 28.16
C GLY B 321 -69.40 -26.48 27.90
N VAL B 322 -68.19 -26.03 27.58
CA VAL B 322 -67.10 -26.92 27.24
C VAL B 322 -66.08 -27.01 28.38
N SER B 323 -65.52 -28.20 28.59
CA SER B 323 -64.66 -28.48 29.74
C SER B 323 -63.42 -27.58 29.82
N VAL B 324 -62.83 -27.54 31.01
CA VAL B 324 -61.64 -26.74 31.28
C VAL B 324 -60.41 -27.33 30.60
N GLU B 325 -60.37 -28.65 30.50
CA GLU B 325 -59.25 -29.35 29.89
C GLU B 325 -59.30 -29.26 28.36
N GLU B 326 -60.34 -28.62 27.85
CA GLU B 326 -60.51 -28.44 26.40
C GLU B 326 -60.35 -26.97 26.01
N LEU B 327 -60.71 -26.07 26.92
CA LEU B 327 -60.51 -24.64 26.71
C LEU B 327 -59.04 -24.32 26.50
N GLU B 328 -58.18 -25.06 27.21
CA GLU B 328 -56.75 -24.86 27.14
C GLU B 328 -56.17 -25.41 25.83
N GLY B 329 -57.04 -25.93 24.98
CA GLY B 329 -56.64 -26.34 23.64
C GLY B 329 -56.60 -25.14 22.73
N ILE B 330 -57.05 -24.00 23.25
CA ILE B 330 -57.04 -22.75 22.49
C ILE B 330 -56.30 -21.64 23.24
N VAL B 331 -56.67 -21.39 24.50
CA VAL B 331 -56.11 -20.27 25.25
C VAL B 331 -54.61 -20.45 25.50
N VAL B 332 -54.16 -21.68 25.70
CA VAL B 332 -52.75 -21.95 25.91
C VAL B 332 -51.95 -21.90 24.60
N PRO B 333 -52.48 -22.49 23.51
CA PRO B 333 -51.74 -22.31 22.25
C PRO B 333 -51.84 -20.91 21.66
N LEU B 334 -52.94 -20.19 21.90
CA LEU B 334 -53.08 -18.84 21.35
C LEU B 334 -52.10 -17.87 22.00
N GLU B 335 -51.84 -18.05 23.29
CA GLU B 335 -50.82 -17.26 23.99
C GLU B 335 -49.50 -17.33 23.25
N LYS B 336 -49.13 -18.55 22.86
CA LYS B 336 -47.89 -18.78 22.12
C LYS B 336 -47.94 -18.10 20.76
N VAL B 337 -49.14 -17.99 20.19
CA VAL B 337 -49.32 -17.33 18.90
C VAL B 337 -49.34 -15.82 19.06
N TYR B 338 -50.11 -15.33 20.02
CA TYR B 338 -50.21 -13.89 20.28
C TYR B 338 -48.85 -13.30 20.63
N SER B 339 -48.07 -14.03 21.42
CA SER B 339 -46.75 -13.56 21.84
C SER B 339 -45.78 -13.47 20.67
N LEU B 340 -45.73 -14.54 19.86
CA LEU B 340 -44.84 -14.58 18.71
C LEU B 340 -45.20 -13.49 17.71
N ALA B 341 -46.50 -13.24 17.55
CA ALA B 341 -46.98 -12.21 16.66
C ALA B 341 -46.53 -10.82 17.12
N ASP B 342 -46.67 -10.56 18.42
CA ASP B 342 -46.27 -9.28 18.99
C ASP B 342 -44.74 -9.12 19.02
N HIS B 343 -44.05 -10.14 19.51
CA HIS B 343 -42.60 -10.09 19.65
C HIS B 343 -41.91 -9.79 18.32
N THR B 344 -42.42 -10.41 17.27
CA THR B 344 -41.88 -10.21 15.93
C THR B 344 -41.96 -8.74 15.52
N ARG B 345 -43.08 -8.10 15.88
CA ARG B 345 -43.25 -6.68 15.61
C ARG B 345 -42.17 -5.87 16.33
N CYS B 346 -41.87 -6.28 17.56
CA CYS B 346 -40.82 -5.63 18.36
C CYS B 346 -39.44 -5.82 17.72
N ILE B 347 -39.25 -6.97 17.07
CA ILE B 347 -37.99 -7.25 16.38
C ILE B 347 -37.78 -6.22 15.26
N LEU B 348 -38.88 -5.85 14.61
CA LEU B 348 -38.83 -4.88 13.51
C LEU B 348 -38.23 -3.57 13.97
N PHE B 349 -38.81 -2.97 15.01
CA PHE B 349 -38.38 -1.66 15.48
C PHE B 349 -36.99 -1.72 16.13
N MET B 350 -36.71 -2.81 16.84
CA MET B 350 -35.40 -2.99 17.45
C MET B 350 -34.31 -3.02 16.39
N LEU B 351 -34.43 -3.96 15.45
CA LEU B 351 -33.43 -4.11 14.39
C LEU B 351 -33.52 -3.01 13.34
N GLY B 352 -34.74 -2.51 13.12
CA GLY B 352 -34.96 -1.48 12.12
C GLY B 352 -34.37 -0.14 12.50
N ASP B 353 -34.20 0.10 13.79
CA ASP B 353 -33.60 1.35 14.26
C ASP B 353 -32.17 1.15 14.72
N GLY B 354 -31.56 0.05 14.30
CA GLY B 354 -30.12 -0.13 14.43
C GLY B 354 -29.60 -0.90 15.63
N LEU B 355 -30.31 -1.95 16.03
CA LEU B 355 -29.82 -2.81 17.11
C LEU B 355 -29.12 -4.05 16.54
N VAL B 356 -27.97 -4.37 17.10
CA VAL B 356 -27.21 -5.54 16.69
C VAL B 356 -27.02 -6.48 17.88
N PRO B 357 -27.61 -7.68 17.79
CA PRO B 357 -27.61 -8.70 18.85
C PRO B 357 -26.22 -8.98 19.43
N SER B 358 -26.15 -9.00 20.76
CA SER B 358 -24.90 -9.27 21.46
C SER B 358 -25.18 -9.95 22.80
N ASN B 359 -24.12 -10.34 23.49
CA ASN B 359 -24.27 -10.98 24.80
C ASN B 359 -24.44 -9.94 25.91
N ALA B 360 -24.26 -8.67 25.56
CA ALA B 360 -24.40 -7.58 26.52
C ALA B 360 -24.79 -6.28 25.84
N GLY B 361 -25.05 -5.26 26.64
CA GLY B 361 -25.46 -3.96 26.12
C GLY B 361 -26.87 -3.96 25.58
N ALA B 362 -27.15 -3.02 24.68
CA ALA B 362 -28.47 -2.93 24.07
C ALA B 362 -28.71 -4.07 23.08
N GLY B 363 -27.63 -4.72 22.67
CA GLY B 363 -27.71 -5.85 21.76
C GLY B 363 -28.25 -7.09 22.46
N TYR B 364 -28.12 -7.12 23.78
CA TYR B 364 -28.65 -8.21 24.58
C TYR B 364 -30.17 -8.24 24.50
N LEU B 365 -30.78 -7.06 24.60
CA LEU B 365 -32.23 -6.95 24.57
C LEU B 365 -32.77 -7.30 23.19
N ALA B 366 -31.99 -7.01 22.15
CA ALA B 366 -32.34 -7.41 20.80
C ALA B 366 -32.31 -8.93 20.70
N ARG B 367 -31.18 -9.51 21.09
CA ARG B 367 -31.00 -10.96 21.09
C ARG B 367 -32.08 -11.68 21.89
N LEU B 368 -32.40 -11.13 23.06
CA LEU B 368 -33.40 -11.72 23.95
C LEU B 368 -34.75 -11.93 23.26
N MET B 369 -35.21 -10.89 22.56
CA MET B 369 -36.50 -10.96 21.89
C MET B 369 -36.46 -11.92 20.70
N ILE B 370 -35.32 -12.03 20.05
CA ILE B 370 -35.16 -13.01 18.98
C ILE B 370 -35.07 -14.42 19.53
N ARG B 371 -34.28 -14.60 20.59
CA ARG B 371 -34.10 -15.91 21.21
C ARG B 371 -35.42 -16.53 21.66
N ARG B 372 -36.22 -15.74 22.38
CA ARG B 372 -37.53 -16.19 22.83
C ARG B 372 -38.47 -16.46 21.65
N SER B 373 -38.40 -15.58 20.65
CA SER B 373 -39.25 -15.72 19.47
C SER B 373 -38.90 -16.99 18.68
N LEU B 374 -37.61 -17.31 18.63
CA LEU B 374 -37.18 -18.54 17.97
C LEU B 374 -37.71 -19.76 18.69
N ARG B 375 -37.77 -19.69 20.01
CA ARG B 375 -38.26 -20.79 20.84
C ARG B 375 -39.75 -21.04 20.61
N LEU B 376 -40.52 -19.95 20.52
CA LEU B 376 -41.96 -20.05 20.33
C LEU B 376 -42.33 -20.66 18.98
N ALA B 377 -41.42 -20.53 18.01
CA ALA B 377 -41.65 -21.07 16.67
C ALA B 377 -41.41 -22.58 16.62
N GLU B 378 -40.76 -23.10 17.67
CA GLU B 378 -40.50 -24.54 17.76
C GLU B 378 -41.57 -25.22 18.60
N GLU B 379 -42.31 -24.42 19.36
CA GLU B 379 -43.44 -24.93 20.13
C GLU B 379 -44.69 -24.93 19.26
N LEU B 380 -44.59 -24.26 18.12
CA LEU B 380 -45.70 -24.20 17.17
C LEU B 380 -45.33 -24.89 15.87
N GLU B 381 -44.04 -25.25 15.74
CA GLU B 381 -43.53 -25.97 14.58
C GLU B 381 -43.86 -25.23 13.29
N LEU B 382 -43.75 -23.91 13.33
CA LEU B 382 -44.08 -23.03 12.22
C LEU B 382 -43.28 -23.38 10.96
N GLY B 383 -43.96 -23.39 9.82
CA GLY B 383 -43.31 -23.67 8.56
C GLY B 383 -42.69 -22.43 7.95
N LEU B 384 -42.84 -21.31 8.64
CA LEU B 384 -42.29 -20.03 8.20
C LEU B 384 -41.09 -19.63 9.04
N ASP B 385 -40.19 -18.85 8.44
CA ASP B 385 -39.09 -18.26 9.19
C ASP B 385 -39.58 -17.03 9.91
N LEU B 386 -38.83 -16.58 10.92
CA LEU B 386 -39.21 -15.41 11.69
C LEU B 386 -39.23 -14.15 10.83
N TYR B 387 -38.35 -14.11 9.83
CA TYR B 387 -38.26 -12.97 8.93
C TYR B 387 -39.56 -12.75 8.16
N ASP B 388 -40.21 -13.85 7.79
CA ASP B 388 -41.42 -13.80 6.97
C ASP B 388 -42.54 -13.04 7.68
N LEU B 389 -42.53 -13.08 9.01
CA LEU B 389 -43.53 -12.37 9.79
C LEU B 389 -43.21 -10.88 9.83
N VAL B 390 -41.92 -10.56 9.95
CA VAL B 390 -41.45 -9.18 9.94
C VAL B 390 -41.85 -8.48 8.65
N GLU B 391 -41.77 -9.23 7.55
CA GLU B 391 -42.12 -8.73 6.22
C GLU B 391 -43.53 -8.15 6.20
N MET B 392 -44.45 -8.81 6.88
CA MET B 392 -45.83 -8.33 6.96
C MET B 392 -45.93 -7.11 7.88
N HIS B 393 -45.32 -7.20 9.05
CA HIS B 393 -45.31 -6.11 10.03
C HIS B 393 -44.87 -4.79 9.41
N LYS B 394 -43.86 -4.86 8.55
CA LYS B 394 -43.33 -3.68 7.90
C LYS B 394 -44.38 -3.06 6.96
N LYS B 395 -44.93 -3.89 6.09
CA LYS B 395 -45.89 -3.43 5.09
C LYS B 395 -47.24 -3.07 5.70
N ILE B 396 -47.61 -3.74 6.79
CA ILE B 396 -48.85 -3.45 7.49
C ILE B 396 -48.80 -2.07 8.14
N LEU B 397 -47.65 -1.75 8.74
CA LEU B 397 -47.47 -0.47 9.40
C LEU B 397 -47.23 0.66 8.41
N GLY B 398 -46.44 0.38 7.38
CA GLY B 398 -46.13 1.39 6.38
C GLY B 398 -45.08 2.38 6.87
N PHE B 399 -44.21 1.93 7.76
CA PHE B 399 -43.13 2.77 8.26
C PHE B 399 -41.87 2.61 7.43
N GLU B 400 -40.99 3.62 7.48
CA GLU B 400 -39.71 3.57 6.80
C GLU B 400 -38.60 3.51 7.84
N PHE B 401 -37.65 2.60 7.67
CA PHE B 401 -36.64 2.35 8.70
C PHE B 401 -35.22 2.66 8.21
N ASP B 402 -34.34 2.96 9.17
CA ASP B 402 -32.94 3.23 8.88
C ASP B 402 -32.24 1.95 8.40
N VAL B 403 -32.60 0.83 9.04
CA VAL B 403 -32.04 -0.46 8.66
C VAL B 403 -33.00 -1.22 7.77
N PRO B 404 -32.56 -1.55 6.54
CA PRO B 404 -33.39 -2.22 5.54
C PRO B 404 -33.65 -3.68 5.87
N LEU B 405 -34.67 -4.26 5.23
CA LEU B 405 -35.06 -5.64 5.48
C LEU B 405 -34.00 -6.63 5.01
N SER B 406 -33.15 -6.19 4.08
CA SER B 406 -32.03 -7.01 3.62
C SER B 406 -31.06 -7.29 4.76
N THR B 407 -30.87 -6.28 5.60
CA THR B 407 -29.99 -6.42 6.75
C THR B 407 -30.69 -7.22 7.84
N VAL B 408 -32.00 -7.02 7.95
CA VAL B 408 -32.80 -7.69 8.98
C VAL B 408 -32.75 -9.21 8.85
N GLN B 409 -32.85 -9.72 7.63
CA GLN B 409 -32.87 -11.16 7.41
C GLN B 409 -31.55 -11.83 7.74
N GLU B 410 -30.45 -11.23 7.29
CA GLU B 410 -29.11 -11.79 7.53
C GLU B 410 -28.84 -11.94 9.03
N ILE B 411 -29.44 -11.06 9.83
CA ILE B 411 -29.31 -11.13 11.27
C ILE B 411 -30.15 -12.29 11.83
N LEU B 412 -31.40 -12.35 11.41
CA LEU B 412 -32.33 -13.39 11.87
C LEU B 412 -31.88 -14.79 11.45
N GLU B 413 -31.23 -14.88 10.30
CA GLU B 413 -30.76 -16.16 9.78
C GLU B 413 -29.48 -16.57 10.49
N LEU B 414 -28.66 -15.60 10.86
CA LEU B 414 -27.43 -15.88 11.58
C LEU B 414 -27.71 -16.27 13.03
N GLU B 415 -28.81 -15.78 13.58
CA GLU B 415 -29.13 -16.02 14.98
C GLU B 415 -29.65 -17.44 15.22
N LYS B 416 -30.41 -17.97 14.28
CA LYS B 416 -30.91 -19.34 14.41
C LYS B 416 -29.76 -20.34 14.32
N GLU B 417 -28.75 -20.02 13.52
CA GLU B 417 -27.53 -20.82 13.47
C GLU B 417 -26.88 -20.85 14.84
N ARG B 418 -26.72 -19.66 15.42
CA ARG B 418 -26.08 -19.52 16.72
C ARG B 418 -26.96 -20.07 17.84
N TYR B 419 -28.27 -19.88 17.72
CA TYR B 419 -29.20 -20.37 18.73
C TYR B 419 -29.20 -21.89 18.80
N ARG B 420 -29.39 -22.54 17.66
CA ARG B 420 -29.42 -24.00 17.59
C ARG B 420 -28.07 -24.60 17.98
N THR B 421 -27.00 -23.85 17.74
CA THR B 421 -25.66 -24.31 18.08
C THR B 421 -25.40 -24.20 19.58
N THR B 422 -25.82 -23.08 20.17
CA THR B 422 -25.64 -22.88 21.61
C THR B 422 -26.60 -23.72 22.43
N VAL B 423 -27.47 -24.47 21.76
CA VAL B 423 -28.42 -25.36 22.41
C VAL B 423 -27.82 -26.75 22.63
N SER B 424 -27.09 -27.24 21.62
CA SER B 424 -26.52 -28.59 21.65
C SER B 424 -25.63 -28.82 22.85
N LYS B 425 -24.83 -27.80 23.19
CA LYS B 425 -23.90 -27.91 24.32
C LYS B 425 -24.61 -27.67 25.65
N GLY B 426 -25.84 -27.19 25.58
CA GLY B 426 -26.59 -26.83 26.77
C GLY B 426 -27.37 -27.95 27.39
N THR B 427 -28.07 -28.74 26.57
CA THR B 427 -28.95 -29.80 27.04
C THR B 427 -28.22 -30.81 27.93
N ARG B 428 -26.99 -31.14 27.58
CA ARG B 428 -26.19 -32.06 28.40
C ARG B 428 -25.93 -31.47 29.78
N LEU B 429 -25.79 -30.16 29.84
CA LEU B 429 -25.56 -29.47 31.10
C LEU B 429 -26.85 -29.40 31.90
N VAL B 430 -27.98 -29.26 31.20
CA VAL B 430 -29.27 -29.22 31.85
C VAL B 430 -29.63 -30.59 32.43
N GLU B 431 -29.51 -31.63 31.61
CA GLU B 431 -29.89 -32.98 32.02
C GLU B 431 -28.98 -33.55 33.10
N ARG B 432 -27.79 -32.99 33.24
CA ARG B 432 -26.87 -33.40 34.30
C ARG B 432 -27.19 -32.68 35.60
N LEU B 433 -27.50 -31.39 35.50
CA LEU B 433 -27.74 -30.55 36.67
C LEU B 433 -29.11 -30.81 37.31
N VAL B 434 -30.08 -31.23 36.51
CA VAL B 434 -31.43 -31.49 37.04
C VAL B 434 -31.47 -32.77 37.88
N GLU B 435 -30.38 -33.52 37.86
CA GLU B 435 -30.30 -34.75 38.64
C GLU B 435 -29.60 -34.51 39.97
N ARG B 436 -28.69 -33.55 40.01
CA ARG B 436 -28.05 -33.15 41.26
C ARG B 436 -28.93 -32.18 42.02
N LYS B 437 -29.43 -31.17 41.33
CA LYS B 437 -30.29 -30.16 41.92
C LYS B 437 -31.66 -30.74 42.27
N LYS B 438 -32.26 -31.43 41.31
CA LYS B 438 -33.60 -32.04 41.44
C LYS B 438 -34.70 -30.99 41.62
N LYS B 439 -34.32 -29.71 41.55
CA LYS B 439 -35.27 -28.61 41.71
C LYS B 439 -34.74 -27.38 40.96
N LEU B 440 -35.63 -26.45 40.66
CA LEU B 440 -35.24 -25.24 39.94
C LEU B 440 -35.77 -23.98 40.59
N GLU B 441 -34.86 -23.17 41.13
CA GLU B 441 -35.22 -21.91 41.75
C GLU B 441 -35.38 -20.82 40.70
N LYS B 442 -35.66 -19.60 41.15
CA LYS B 442 -35.78 -18.46 40.25
C LYS B 442 -34.45 -18.14 39.59
N ASP B 443 -33.37 -18.35 40.35
CA ASP B 443 -32.03 -17.97 39.92
C ASP B 443 -31.45 -18.94 38.91
N ASP B 444 -31.90 -20.19 38.94
CA ASP B 444 -31.38 -21.22 38.04
C ASP B 444 -31.72 -20.94 36.58
N LEU B 445 -32.91 -20.40 36.34
CA LEU B 445 -33.35 -20.10 34.98
C LEU B 445 -32.63 -18.89 34.42
N ILE B 446 -32.42 -17.88 35.26
CA ILE B 446 -31.70 -16.68 34.87
C ILE B 446 -30.24 -17.00 34.60
N GLU B 447 -29.68 -17.91 35.41
CA GLU B 447 -28.30 -18.35 35.24
C GLU B 447 -28.16 -19.13 33.92
N LEU B 448 -29.23 -19.80 33.53
CA LEU B 448 -29.22 -20.64 32.34
C LEU B 448 -29.09 -19.84 31.05
N TYR B 449 -29.91 -18.81 30.90
CA TYR B 449 -29.94 -18.05 29.66
C TYR B 449 -28.72 -17.14 29.49
N ASP B 450 -28.38 -16.39 30.53
CA ASP B 450 -27.28 -15.44 30.44
C ASP B 450 -25.92 -16.12 30.27
N SER B 451 -25.73 -17.24 30.95
CA SER B 451 -24.43 -17.91 30.95
C SER B 451 -24.30 -18.96 29.85
N HIS B 452 -25.39 -19.66 29.54
CA HIS B 452 -25.32 -20.78 28.61
C HIS B 452 -26.25 -20.65 27.40
N GLY B 453 -26.93 -19.50 27.29
CA GLY B 453 -27.77 -19.23 26.14
C GLY B 453 -28.94 -20.19 25.98
N ILE B 454 -29.57 -20.53 27.10
CA ILE B 454 -30.70 -21.45 27.10
C ILE B 454 -31.98 -20.74 27.55
N PRO B 455 -32.97 -20.66 26.66
CA PRO B 455 -34.26 -20.03 26.97
C PRO B 455 -34.93 -20.65 28.19
N VAL B 456 -35.75 -19.88 28.87
CA VAL B 456 -36.45 -20.35 30.07
C VAL B 456 -37.43 -21.47 29.74
N GLU B 457 -38.24 -21.25 28.70
CA GLU B 457 -39.28 -22.21 28.32
C GLU B 457 -38.74 -23.59 27.96
N LEU B 458 -37.53 -23.63 27.42
CA LEU B 458 -36.89 -24.90 27.07
C LEU B 458 -36.45 -25.64 28.33
N ALA B 459 -36.05 -24.88 29.35
CA ALA B 459 -35.55 -25.46 30.60
C ALA B 459 -36.66 -26.15 31.38
N VAL B 460 -37.89 -25.66 31.22
CA VAL B 460 -39.02 -26.18 31.97
C VAL B 460 -39.43 -27.57 31.47
N GLY B 461 -39.31 -27.79 30.17
CA GLY B 461 -39.65 -29.06 29.56
C GLY B 461 -38.71 -30.17 29.99
N ILE B 462 -37.42 -29.87 29.97
CA ILE B 462 -36.40 -30.84 30.38
C ILE B 462 -36.51 -31.10 31.88
N ALA B 463 -36.98 -30.10 32.62
CA ALA B 463 -37.24 -30.25 34.05
C ALA B 463 -38.40 -31.20 34.30
N ALA B 464 -39.44 -31.07 33.48
CA ALA B 464 -40.62 -31.92 33.60
C ALA B 464 -40.35 -33.33 33.10
N GLU B 465 -39.45 -33.43 32.12
CA GLU B 465 -39.09 -34.71 31.53
C GLU B 465 -38.42 -35.64 32.55
N LYS B 466 -37.62 -35.07 33.45
CA LYS B 466 -36.81 -35.87 34.36
C LYS B 466 -37.21 -35.74 35.82
N GLY B 467 -38.44 -35.29 36.07
CA GLY B 467 -39.03 -35.34 37.40
C GLY B 467 -38.84 -34.13 38.29
N ALA B 468 -37.93 -33.24 37.93
CA ALA B 468 -37.62 -32.07 38.76
C ALA B 468 -38.82 -31.14 38.86
N GLU B 469 -38.99 -30.51 40.02
CA GLU B 469 -40.06 -29.56 40.24
C GLU B 469 -39.55 -28.13 40.04
N VAL B 470 -40.24 -27.35 39.22
CA VAL B 470 -39.77 -26.03 38.83
C VAL B 470 -40.74 -24.92 39.28
N GLU B 471 -40.18 -23.79 39.70
CA GLU B 471 -40.99 -22.67 40.14
C GLU B 471 -40.76 -21.43 39.26
N MET B 472 -41.62 -21.26 38.27
CA MET B 472 -41.58 -20.06 37.42
C MET B 472 -42.40 -18.94 38.06
N PRO B 473 -41.72 -17.87 38.49
CA PRO B 473 -42.42 -16.74 39.10
C PRO B 473 -43.13 -15.89 38.05
N LYS B 474 -43.95 -14.94 38.50
CA LYS B 474 -44.48 -13.94 37.59
C LYS B 474 -43.32 -13.07 37.15
N ASP B 475 -43.48 -12.38 36.01
CA ASP B 475 -42.43 -11.59 35.37
C ASP B 475 -41.05 -12.26 35.44
N ILE B 476 -40.98 -13.50 34.94
CA ILE B 476 -39.72 -14.25 34.91
C ILE B 476 -38.80 -13.71 33.81
N TYR B 477 -39.39 -13.33 32.68
CA TYR B 477 -38.61 -12.81 31.56
C TYR B 477 -38.32 -11.32 31.71
N ALA B 478 -39.24 -10.60 32.36
CA ALA B 478 -39.06 -9.17 32.61
C ALA B 478 -37.89 -8.94 33.55
N GLU B 479 -37.60 -9.94 34.37
CA GLU B 479 -36.47 -9.87 35.30
C GLU B 479 -35.16 -9.93 34.53
N LEU B 480 -35.14 -10.70 33.46
CA LEU B 480 -33.98 -10.79 32.58
C LEU B 480 -33.68 -9.45 31.92
N ALA B 481 -34.71 -8.87 31.30
CA ALA B 481 -34.56 -7.63 30.56
C ALA B 481 -34.18 -6.45 31.44
N LYS B 482 -34.81 -6.36 32.61
CA LYS B 482 -34.57 -5.26 33.54
C LYS B 482 -33.14 -5.27 34.09
N ARG B 483 -32.62 -6.47 34.33
CA ARG B 483 -31.30 -6.62 34.93
C ARG B 483 -30.18 -6.30 33.93
N HIS B 484 -30.55 -6.19 32.65
CA HIS B 484 -29.61 -5.81 31.61
C HIS B 484 -30.09 -4.56 30.90
N SER B 485 -31.01 -3.83 31.53
CA SER B 485 -31.59 -2.64 30.94
C SER B 485 -30.82 -1.38 31.34
N LYS B 486 -29.95 -1.51 32.33
CA LYS B 486 -29.18 -0.36 32.81
C LYS B 486 -27.89 -0.20 32.04
N ALA B 487 -27.80 0.89 31.27
CA ALA B 487 -26.55 1.29 30.67
C ALA B 487 -25.59 1.65 31.80
N GLU B 488 -24.62 0.79 32.04
CA GLU B 488 -23.68 0.96 33.14
C GLU B 488 -23.04 2.34 33.10
N LYS B 489 -22.78 2.90 34.28
CA LYS B 489 -22.25 4.25 34.40
C LYS B 489 -20.82 4.37 33.88
N VAL B 490 -20.28 3.27 33.36
CA VAL B 490 -18.89 3.13 32.90
C VAL B 490 -17.94 3.89 33.84
N GLN B 491 -18.20 3.73 35.13
CA GLN B 491 -17.50 4.47 36.18
C GLN B 491 -16.02 4.10 36.28
N GLU B 492 -15.18 5.12 36.15
CA GLU B 492 -13.74 4.97 36.33
C GLU B 492 -13.31 5.80 37.53
N LYS B 493 -12.17 5.46 38.12
CA LYS B 493 -11.65 6.16 39.30
C LYS B 493 -11.60 7.67 39.09
N LYS B 494 -12.38 8.40 39.88
CA LYS B 494 -12.41 9.86 39.80
C LYS B 494 -11.72 10.48 41.01
N ILE B 495 -10.86 11.47 40.76
CA ILE B 495 -10.20 12.21 41.81
C ILE B 495 -10.62 13.66 41.77
N THR B 496 -11.24 14.15 42.84
CA THR B 496 -11.64 15.55 42.90
C THR B 496 -11.07 16.23 44.14
N LEU B 497 -9.75 16.40 44.14
CA LEU B 497 -9.07 17.07 45.24
C LEU B 497 -9.51 18.53 45.35
N GLN B 498 -9.99 18.91 46.53
CA GLN B 498 -10.48 20.26 46.75
C GLN B 498 -9.39 21.31 46.56
N ASN B 499 -9.48 22.05 45.45
CA ASN B 499 -8.54 23.10 45.13
C ASN B 499 -9.14 24.47 45.42
N GLU B 500 -10.40 24.47 45.82
CA GLU B 500 -11.16 25.68 46.12
C GLU B 500 -11.25 26.59 44.89
N TYR B 501 -11.09 26.00 43.71
CA TYR B 501 -11.14 26.75 42.46
C TYR B 501 -12.25 26.22 41.56
N PRO B 502 -13.34 27.00 41.43
CA PRO B 502 -14.50 26.61 40.62
C PRO B 502 -14.46 27.12 39.18
N ALA B 503 -13.39 27.80 38.78
CA ALA B 503 -13.32 28.37 37.44
C ALA B 503 -12.22 27.75 36.60
N THR B 504 -12.46 27.64 35.28
CA THR B 504 -11.48 27.08 34.35
C THR B 504 -11.82 27.47 32.92
N GLU B 505 -10.80 27.85 32.14
CA GLU B 505 -10.98 28.26 30.75
C GLU B 505 -10.27 27.31 29.79
N LYS B 506 -10.84 27.12 28.60
CA LYS B 506 -10.27 26.25 27.58
C LYS B 506 -10.04 27.02 26.28
N LEU B 507 -8.96 26.70 25.57
CA LEU B 507 -8.50 27.55 24.46
C LEU B 507 -8.26 26.82 23.14
N TYR B 508 -8.38 25.50 23.14
CA TYR B 508 -8.04 24.74 21.94
C TYR B 508 -9.26 24.44 21.05
N TYR B 509 -10.42 24.95 21.43
CA TYR B 509 -11.63 24.78 20.63
C TYR B 509 -11.61 25.61 19.34
N ASP B 510 -11.15 26.84 19.43
CA ASP B 510 -11.22 27.78 18.31
C ASP B 510 -10.28 27.41 17.16
N ASP B 511 -9.04 27.07 17.50
CA ASP B 511 -8.05 26.70 16.49
C ASP B 511 -7.01 25.75 17.06
N PRO B 512 -6.98 24.50 16.58
CA PRO B 512 -6.07 23.46 17.07
C PRO B 512 -4.63 23.68 16.59
N THR B 513 -4.46 24.54 15.58
CA THR B 513 -3.14 24.88 15.08
C THR B 513 -2.36 25.67 16.13
N LEU B 514 -3.08 26.52 16.86
CA LEU B 514 -2.49 27.28 17.96
C LEU B 514 -1.89 26.31 18.97
N LEU B 515 -0.56 26.32 19.05
CA LEU B 515 0.18 25.28 19.76
C LEU B 515 0.80 25.79 21.06
N GLU B 516 0.78 27.10 21.26
CA GLU B 516 1.37 27.71 22.45
C GLU B 516 0.48 28.82 23.02
N PHE B 517 0.47 28.97 24.33
CA PHE B 517 -0.41 29.94 24.98
C PHE B 517 0.28 30.78 26.04
N GLU B 518 -0.48 31.67 26.67
CA GLU B 518 0.05 32.65 27.62
C GLU B 518 -0.97 33.01 28.70
N ALA B 519 -0.66 32.69 29.96
CA ALA B 519 -1.56 33.03 31.07
C ALA B 519 -0.94 32.86 32.46
N GLU B 520 -1.72 33.17 33.50
CA GLU B 520 -1.27 33.08 34.89
C GLU B 520 -1.71 31.77 35.55
N VAL B 521 -1.07 31.42 36.65
CA VAL B 521 -1.26 30.12 37.29
C VAL B 521 -1.68 30.22 38.76
N ILE B 522 -2.49 29.27 39.22
CA ILE B 522 -2.84 29.19 40.63
C ILE B 522 -2.63 27.79 41.21
N GLY B 523 -2.04 26.89 40.43
CA GLY B 523 -1.83 25.51 40.85
C GLY B 523 -1.03 25.40 42.13
N VAL B 524 -1.53 24.58 43.07
CA VAL B 524 -0.91 24.52 44.40
C VAL B 524 -0.67 23.09 44.92
N GLU B 525 -1.67 22.22 44.81
CA GLU B 525 -1.61 20.91 45.46
C GLU B 525 -1.21 19.79 44.51
N GLY B 526 -0.74 18.69 45.10
CA GLY B 526 -0.33 17.52 44.34
C GLY B 526 0.83 17.82 43.41
N ASP B 527 0.99 16.97 42.40
CA ASP B 527 1.98 17.21 41.36
C ASP B 527 1.34 17.98 40.22
N PHE B 528 0.04 18.24 40.37
CA PHE B 528 -0.76 18.87 39.33
C PHE B 528 -0.71 20.40 39.42
N VAL B 529 -0.54 21.04 38.28
CA VAL B 529 -0.46 22.50 38.23
C VAL B 529 -1.67 23.07 37.47
N ILE B 530 -2.59 23.67 38.22
CA ILE B 530 -3.83 24.17 37.64
C ILE B 530 -3.69 25.57 37.10
N LEU B 531 -4.01 25.75 35.82
CA LEU B 531 -3.92 27.04 35.15
C LEU B 531 -5.31 27.50 34.71
N ASN B 532 -5.61 28.77 34.95
CA ASN B 532 -6.94 29.30 34.66
C ASN B 532 -7.25 29.35 33.16
N ARG B 533 -6.24 29.68 32.37
CA ARG B 533 -6.41 29.85 30.92
C ARG B 533 -5.45 28.94 30.17
N SER B 534 -5.83 27.69 29.97
CA SER B 534 -4.94 26.68 29.39
C SER B 534 -5.48 26.10 28.08
N ALA B 535 -4.57 25.72 27.19
CA ALA B 535 -4.93 25.17 25.89
C ALA B 535 -4.52 23.70 25.74
N PHE B 536 -4.15 23.07 26.86
CA PHE B 536 -3.81 21.66 26.84
C PHE B 536 -5.06 20.79 26.69
N TYR B 537 -4.88 19.58 26.16
CA TYR B 537 -6.00 18.67 25.95
C TYR B 537 -5.93 17.48 26.90
N PRO B 538 -6.75 17.50 27.96
CA PRO B 538 -6.84 16.40 28.92
C PRO B 538 -7.88 15.35 28.54
N GLU B 539 -7.70 14.13 29.00
CA GLU B 539 -8.69 13.08 28.81
C GLU B 539 -8.52 11.95 29.83
N SER B 540 -9.64 11.39 30.27
CA SER B 540 -9.63 10.31 31.25
C SER B 540 -9.47 8.96 30.59
N GLY B 541 -9.42 8.96 29.26
CA GLY B 541 -9.27 7.73 28.49
C GLY B 541 -7.83 7.27 28.38
N GLY B 542 -7.00 7.71 29.32
CA GLY B 542 -5.60 7.33 29.35
C GLY B 542 -4.75 8.14 28.39
N GLN B 543 -5.13 8.13 27.11
CA GLN B 543 -4.36 8.83 26.10
C GLN B 543 -5.16 9.97 25.46
N ASP B 544 -4.86 10.29 24.21
CA ASP B 544 -5.38 11.46 23.51
C ASP B 544 -5.00 12.73 24.27
N ASN B 545 -3.96 12.62 25.09
CA ASN B 545 -3.50 13.72 25.93
C ASN B 545 -2.37 14.49 25.28
N ASP B 546 -2.44 15.82 25.39
CA ASP B 546 -1.36 16.68 24.90
C ASP B 546 -0.16 16.57 25.83
N VAL B 547 0.97 17.09 25.37
CA VAL B 547 2.21 17.01 26.13
C VAL B 547 3.11 18.21 25.83
N GLY B 548 3.78 18.72 26.85
CA GLY B 548 4.69 19.84 26.66
C GLY B 548 5.40 20.31 27.91
N TYR B 549 6.19 21.36 27.74
CA TYR B 549 6.98 21.92 28.84
C TYR B 549 6.56 23.35 29.15
N LEU B 550 7.05 23.87 30.27
CA LEU B 550 6.75 25.22 30.71
C LEU B 550 8.02 25.92 31.20
N ILE B 551 8.31 27.09 30.65
CA ILE B 551 9.44 27.86 31.14
C ILE B 551 9.03 29.24 31.65
N ALA B 552 9.56 29.60 32.82
CA ALA B 552 9.41 30.94 33.36
C ALA B 552 10.79 31.55 33.53
N ASN B 553 10.93 32.45 34.49
CA ASN B 553 12.23 33.02 34.79
C ASN B 553 13.02 32.12 35.75
N GLY B 554 12.31 31.24 36.45
CA GLY B 554 12.92 30.38 37.43
C GLY B 554 13.46 29.08 36.89
N GLY B 555 13.02 28.68 35.70
CA GLY B 555 13.50 27.47 35.08
C GLY B 555 12.49 26.80 34.17
N LYS B 556 12.63 25.48 34.01
CA LYS B 556 11.78 24.72 33.10
C LYS B 556 11.01 23.63 33.83
N PHE B 557 9.78 23.38 33.38
CA PHE B 557 8.92 22.37 33.99
C PHE B 557 8.28 21.51 32.91
N GLU B 558 8.41 20.20 33.01
CA GLU B 558 7.93 19.31 31.96
C GLU B 558 6.68 18.54 32.35
N VAL B 559 5.67 18.58 31.48
CA VAL B 559 4.41 17.90 31.74
C VAL B 559 4.20 16.71 30.81
N VAL B 560 4.29 15.49 31.37
CA VAL B 560 4.17 14.27 30.59
C VAL B 560 2.70 13.89 30.30
N ASP B 561 1.87 13.93 31.34
CA ASP B 561 0.46 13.59 31.21
C ASP B 561 -0.41 14.77 31.64
N VAL B 562 -1.63 14.84 31.10
CA VAL B 562 -2.56 15.90 31.47
C VAL B 562 -3.96 15.34 31.75
N LEU B 563 -4.45 15.56 32.96
CA LEU B 563 -5.72 15.00 33.40
C LEU B 563 -6.75 16.09 33.70
N GLU B 564 -7.95 15.68 34.09
CA GLU B 564 -9.04 16.64 34.34
C GLU B 564 -9.95 16.17 35.47
N ALA B 565 -10.49 17.14 36.22
CA ALA B 565 -11.38 16.84 37.33
C ALA B 565 -12.32 18.00 37.61
N ASP B 566 -13.63 17.71 37.64
CA ASP B 566 -14.65 18.69 37.95
C ASP B 566 -14.59 19.90 37.01
N GLY B 567 -14.29 19.63 35.74
CA GLY B 567 -14.18 20.68 34.74
C GLY B 567 -12.91 21.52 34.89
N VAL B 568 -12.06 21.12 35.83
CA VAL B 568 -10.82 21.84 36.10
C VAL B 568 -9.62 21.04 35.60
N VAL B 569 -8.68 21.74 34.96
CA VAL B 569 -7.53 21.10 34.32
C VAL B 569 -6.42 20.77 35.32
N LEU B 570 -5.71 19.67 35.09
CA LEU B 570 -4.57 19.27 35.91
C LEU B 570 -3.31 19.10 35.07
N HIS B 571 -2.18 19.57 35.59
CA HIS B 571 -0.90 19.45 34.88
C HIS B 571 0.20 18.82 35.74
N VAL B 572 0.50 17.55 35.47
CA VAL B 572 1.56 16.85 36.19
C VAL B 572 2.95 17.39 35.81
N VAL B 573 3.79 17.61 36.81
CA VAL B 573 5.13 18.14 36.56
C VAL B 573 6.24 17.32 37.24
N LYS B 574 7.12 16.72 36.44
CA LYS B 574 8.26 16.00 36.99
C LYS B 574 9.56 16.77 36.73
N GLY B 575 10.16 17.26 37.81
CA GLY B 575 11.34 18.09 37.72
C GLY B 575 11.26 19.20 38.75
N ALA B 576 11.45 20.43 38.31
CA ALA B 576 11.25 21.58 39.20
C ALA B 576 9.75 21.85 39.35
N LYS B 577 9.37 22.61 40.36
CA LYS B 577 7.97 22.93 40.59
C LYS B 577 7.75 24.45 40.54
N PRO B 578 6.82 24.90 39.68
CA PRO B 578 6.56 26.33 39.47
C PRO B 578 6.02 27.04 40.71
N GLU B 579 6.28 28.34 40.80
CA GLU B 579 5.73 29.17 41.86
C GLU B 579 4.36 29.69 41.45
N VAL B 580 3.41 29.64 42.37
CA VAL B 580 2.04 30.05 42.09
C VAL B 580 1.94 31.54 41.75
N GLY B 581 1.18 31.85 40.71
CA GLY B 581 0.97 33.24 40.30
C GLY B 581 2.01 33.73 39.32
N THR B 582 2.67 32.80 38.64
CA THR B 582 3.73 33.14 37.70
C THR B 582 3.19 33.31 36.28
N LYS B 583 3.57 34.41 35.63
CA LYS B 583 3.25 34.62 34.23
C LYS B 583 4.03 33.64 33.37
N VAL B 584 3.37 32.57 32.95
CA VAL B 584 4.04 31.51 32.19
C VAL B 584 3.53 31.40 30.76
N LYS B 585 4.28 30.67 29.94
CA LYS B 585 3.88 30.37 28.57
C LYS B 585 4.19 28.92 28.25
N GLY B 586 3.17 28.17 27.84
CA GLY B 586 3.31 26.75 27.59
C GLY B 586 3.49 26.39 26.13
N VAL B 587 4.22 25.30 25.89
CA VAL B 587 4.47 24.80 24.54
C VAL B 587 4.03 23.35 24.42
N ILE B 588 3.23 23.05 23.39
CA ILE B 588 2.82 21.69 23.11
C ILE B 588 3.85 21.03 22.19
N ASP B 589 4.10 19.74 22.37
CA ASP B 589 4.93 19.01 21.43
C ASP B 589 4.19 18.95 20.10
N SER B 590 4.81 19.51 19.06
CA SER B 590 4.19 19.63 17.75
C SER B 590 3.72 18.30 17.19
N ASP B 591 4.61 17.31 17.17
CA ASP B 591 4.32 16.00 16.60
C ASP B 591 3.12 15.31 17.25
N VAL B 592 3.14 15.25 18.58
CA VAL B 592 2.12 14.52 19.34
C VAL B 592 0.72 15.09 19.13
N ARG B 593 0.60 16.41 19.16
CA ARG B 593 -0.68 17.08 18.95
C ARG B 593 -1.12 16.93 17.49
N TRP B 594 -0.18 17.10 16.57
CA TRP B 594 -0.44 16.91 15.14
C TRP B 594 -0.93 15.50 14.86
N ARG B 595 -0.36 14.53 15.57
CA ARG B 595 -0.70 13.12 15.37
C ARG B 595 -2.14 12.83 15.76
N HIS B 596 -2.53 13.30 16.94
CA HIS B 596 -3.90 13.16 17.41
C HIS B 596 -4.88 13.72 16.38
N MET B 597 -4.59 14.94 15.91
CA MET B 597 -5.43 15.62 14.94
C MET B 597 -5.59 14.81 13.65
N ARG B 598 -4.45 14.39 13.06
CA ARG B 598 -4.47 13.53 11.90
C ARG B 598 -5.23 12.24 12.18
N HIS B 599 -4.94 11.63 13.32
CA HIS B 599 -5.59 10.37 13.66
C HIS B 599 -7.06 10.53 14.00
N HIS B 600 -7.39 11.52 14.83
CA HIS B 600 -8.78 11.73 15.23
C HIS B 600 -9.68 11.98 14.04
N SER B 601 -9.20 12.80 13.11
CA SER B 601 -9.91 13.07 11.87
C SER B 601 -10.18 11.78 11.10
N ALA B 602 -9.23 10.87 11.15
CA ALA B 602 -9.34 9.58 10.46
C ALA B 602 -10.43 8.71 11.07
N THR B 603 -10.56 8.77 12.40
CA THR B 603 -11.52 7.95 13.10
C THR B 603 -12.95 8.28 12.67
N HIS B 604 -13.23 9.57 12.53
CA HIS B 604 -14.56 10.02 12.12
C HIS B 604 -14.84 9.70 10.64
N VAL B 605 -13.79 9.57 9.86
CA VAL B 605 -13.92 9.19 8.45
C VAL B 605 -14.24 7.70 8.33
N LEU B 606 -13.53 6.90 9.11
CA LEU B 606 -13.69 5.45 9.08
C LEU B 606 -15.10 5.03 9.48
N LEU B 607 -15.64 5.68 10.50
CA LEU B 607 -16.98 5.38 10.99
C LEU B 607 -18.02 5.68 9.92
N TYR B 608 -17.76 6.72 9.13
CA TYR B 608 -18.63 7.05 8.00
C TYR B 608 -18.53 5.96 6.93
N SER B 609 -17.31 5.50 6.68
CA SER B 609 -17.06 4.50 5.66
C SER B 609 -17.75 3.19 5.98
N LEU B 610 -17.59 2.72 7.22
CA LEU B 610 -18.22 1.48 7.68
C LEU B 610 -19.73 1.53 7.50
N GLN B 611 -20.30 2.69 7.81
CA GLN B 611 -21.74 2.90 7.67
C GLN B 611 -22.18 2.89 6.21
N LYS B 612 -21.34 3.46 5.34
CA LYS B 612 -21.68 3.59 3.93
C LYS B 612 -21.51 2.28 3.16
N VAL B 613 -20.61 1.42 3.62
CA VAL B 613 -20.31 0.18 2.92
C VAL B 613 -21.22 -0.97 3.34
N LEU B 614 -21.30 -1.20 4.64
CA LEU B 614 -22.04 -2.35 5.17
C LEU B 614 -23.53 -2.07 5.35
N GLY B 615 -23.85 -1.03 6.11
CA GLY B 615 -25.23 -0.69 6.37
C GLY B 615 -25.39 0.40 7.41
N ASN B 616 -26.63 0.77 7.69
CA ASN B 616 -26.92 1.85 8.63
C ASN B 616 -27.03 1.39 10.08
N HIS B 617 -26.70 0.13 10.32
CA HIS B 617 -26.80 -0.44 11.66
C HIS B 617 -25.51 -0.23 12.45
N VAL B 618 -24.55 0.45 11.85
CA VAL B 618 -23.25 0.64 12.48
C VAL B 618 -23.25 1.81 13.46
N TRP B 619 -22.98 1.50 14.72
CA TRP B 619 -22.79 2.52 15.76
C TRP B 619 -21.53 2.16 16.53
N GLN B 620 -21.00 3.09 17.31
CA GLN B 620 -19.68 2.91 17.91
C GLN B 620 -19.69 2.70 19.42
N ALA B 621 -18.91 1.71 19.88
CA ALA B 621 -18.80 1.39 21.30
C ALA B 621 -17.63 2.10 21.99
N GLY B 622 -16.47 2.13 21.34
CA GLY B 622 -15.29 2.71 21.96
C GLY B 622 -14.21 3.14 20.98
N ALA B 623 -13.21 3.87 21.49
CA ALA B 623 -12.11 4.36 20.65
C ALA B 623 -10.88 4.70 21.49
N ARG B 624 -9.73 4.13 21.08
CA ARG B 624 -8.47 4.39 21.76
C ARG B 624 -7.29 4.21 20.81
N LYS B 625 -6.37 5.17 20.83
CA LYS B 625 -5.17 5.07 20.01
C LYS B 625 -3.95 4.74 20.87
N GLU B 626 -3.39 3.56 20.66
CA GLU B 626 -2.21 3.12 21.39
C GLU B 626 -0.96 3.77 20.79
N PHE B 627 0.18 3.61 21.45
CA PHE B 627 1.45 4.06 20.92
C PHE B 627 1.73 3.30 19.63
N SER B 628 1.75 4.03 18.50
CA SER B 628 1.92 3.46 17.16
C SER B 628 0.73 2.59 16.74
N LYS B 629 -0.38 2.69 17.48
CA LYS B 629 -1.60 1.97 17.13
C LYS B 629 -2.85 2.83 17.32
N ALA B 630 -4.01 2.24 17.00
CA ALA B 630 -5.29 2.93 17.10
C ALA B 630 -6.46 1.98 16.81
N ARG B 631 -7.57 2.16 17.52
CA ARG B 631 -8.69 1.23 17.32
C ARG B 631 -10.07 1.87 17.29
N LEU B 632 -11.00 1.22 16.60
CA LEU B 632 -12.40 1.64 16.54
C LEU B 632 -13.33 0.43 16.66
N ASP B 633 -14.33 0.53 17.53
CA ASP B 633 -15.25 -0.58 17.75
C ASP B 633 -16.67 -0.26 17.28
N VAL B 634 -17.19 -1.07 16.37
CA VAL B 634 -18.52 -0.84 15.81
C VAL B 634 -19.43 -2.05 15.93
N THR B 635 -20.74 -1.82 15.76
CA THR B 635 -21.73 -2.88 15.88
C THR B 635 -21.97 -3.58 14.54
N HIS B 636 -21.71 -4.88 14.50
CA HIS B 636 -21.91 -5.68 13.30
C HIS B 636 -22.09 -7.15 13.66
N PHE B 637 -22.98 -7.83 12.95
CA PHE B 637 -23.36 -9.19 13.31
C PHE B 637 -22.33 -10.26 12.93
N ARG B 638 -21.54 -10.01 11.89
CA ARG B 638 -20.56 -10.99 11.45
C ARG B 638 -19.19 -10.36 11.17
N ARG B 639 -18.16 -11.21 11.11
CA ARG B 639 -16.83 -10.74 10.77
C ARG B 639 -16.76 -10.45 9.27
N PRO B 640 -16.40 -9.20 8.92
CA PRO B 640 -16.37 -8.74 7.53
C PRO B 640 -15.41 -9.53 6.66
N SER B 641 -15.83 -9.84 5.43
CA SER B 641 -14.99 -10.54 4.48
C SER B 641 -13.84 -9.65 4.04
N GLU B 642 -12.80 -10.25 3.47
CA GLU B 642 -11.66 -9.50 2.97
C GLU B 642 -12.08 -8.64 1.78
N GLU B 643 -13.16 -9.03 1.12
CA GLU B 643 -13.76 -8.23 0.06
C GLU B 643 -14.27 -6.91 0.63
N GLU B 644 -14.89 -6.98 1.81
CA GLU B 644 -15.43 -5.79 2.46
C GLU B 644 -14.33 -4.95 3.09
N ILE B 645 -13.32 -5.60 3.66
CA ILE B 645 -12.17 -4.91 4.26
C ILE B 645 -11.54 -3.95 3.26
N LYS B 646 -11.35 -4.43 2.03
CA LYS B 646 -10.77 -3.62 0.97
C LYS B 646 -11.68 -2.43 0.63
N GLU B 647 -12.99 -2.68 0.60
CA GLU B 647 -13.95 -1.63 0.31
C GLU B 647 -13.93 -0.53 1.37
N ILE B 648 -13.74 -0.93 2.62
CA ILE B 648 -13.67 0.02 3.73
C ILE B 648 -12.48 0.97 3.56
N GLU B 649 -11.28 0.38 3.52
CA GLU B 649 -10.05 1.14 3.41
C GLU B 649 -10.03 2.01 2.15
N MET B 650 -10.66 1.52 1.09
CA MET B 650 -10.78 2.28 -0.15
C MET B 650 -11.56 3.58 0.09
N LEU B 651 -12.76 3.44 0.64
CA LEU B 651 -13.65 4.57 0.86
C LEU B 651 -13.07 5.60 1.81
N ALA B 652 -12.45 5.12 2.89
CA ALA B 652 -11.88 6.02 3.89
C ALA B 652 -10.79 6.90 3.29
N ASN B 653 -10.01 6.33 2.37
CA ASN B 653 -8.95 7.08 1.72
C ASN B 653 -9.45 7.85 0.50
N ARG B 654 -10.61 7.46 -0.02
CA ARG B 654 -11.24 8.22 -1.10
C ARG B 654 -11.81 9.52 -0.54
N GLU B 655 -12.10 9.53 0.76
CA GLU B 655 -12.54 10.75 1.43
C GLU B 655 -11.35 11.66 1.67
N ILE B 656 -10.19 11.05 1.95
CA ILE B 656 -8.94 11.80 2.11
C ILE B 656 -8.61 12.54 0.83
N LEU B 657 -8.68 11.82 -0.27
CA LEU B 657 -8.35 12.34 -1.59
C LEU B 657 -9.22 13.52 -1.98
N ALA B 658 -10.46 13.51 -1.48
CA ALA B 658 -11.40 14.60 -1.73
C ALA B 658 -11.03 15.86 -0.96
N ASN B 659 -10.42 15.68 0.21
CA ASN B 659 -9.97 16.79 1.05
C ASN B 659 -11.13 17.71 1.44
N LYS B 660 -12.22 17.11 1.90
CA LYS B 660 -13.41 17.85 2.29
C LYS B 660 -13.19 18.65 3.58
N PRO B 661 -13.86 19.81 3.70
CA PRO B 661 -13.70 20.69 4.87
C PRO B 661 -14.18 20.05 6.16
N ILE B 662 -13.56 20.42 7.28
CA ILE B 662 -13.90 19.86 8.57
C ILE B 662 -14.33 20.93 9.55
N LYS B 663 -15.58 21.36 9.47
CA LYS B 663 -16.09 22.47 10.28
C LYS B 663 -16.38 22.08 11.72
N TRP B 664 -16.09 22.99 12.65
CA TRP B 664 -16.50 22.82 14.04
C TRP B 664 -17.03 24.13 14.62
N GLU B 665 -18.24 24.08 15.15
CA GLU B 665 -18.83 25.22 15.85
C GLU B 665 -19.96 24.76 16.74
N TRP B 666 -20.28 25.56 17.75
CA TRP B 666 -21.28 25.19 18.75
C TRP B 666 -22.70 25.40 18.24
N MET B 667 -23.55 24.41 18.46
CA MET B 667 -24.96 24.50 18.10
C MET B 667 -25.87 24.14 19.26
N ASP B 668 -27.10 24.64 19.23
CA ASP B 668 -28.10 24.27 20.21
C ASP B 668 -28.52 22.83 19.96
N ARG B 669 -28.64 22.04 21.03
CA ARG B 669 -28.97 20.62 20.94
C ARG B 669 -30.21 20.36 20.08
N ILE B 670 -31.29 21.06 20.40
CA ILE B 670 -32.54 20.91 19.67
C ILE B 670 -32.37 21.36 18.22
N GLU B 671 -31.57 22.39 18.01
CA GLU B 671 -31.26 22.87 16.67
C GLU B 671 -30.33 21.90 15.96
N ALA B 672 -29.49 21.22 16.74
CA ALA B 672 -28.53 20.27 16.19
C ALA B 672 -29.17 18.93 15.87
N GLU B 673 -29.94 18.39 16.81
CA GLU B 673 -30.64 17.13 16.60
C GLU B 673 -31.57 17.19 15.40
N ARG B 674 -32.22 18.33 15.23
CA ARG B 674 -33.16 18.54 14.15
C ARG B 674 -32.46 18.57 12.80
N LYS B 675 -31.24 19.07 12.79
CA LYS B 675 -30.50 19.31 11.56
C LYS B 675 -29.85 18.05 11.00
N PHE B 676 -29.34 17.18 11.87
CA PHE B 676 -28.58 16.01 11.43
C PHE B 676 -29.26 14.69 11.79
N GLY B 677 -29.50 14.48 13.09
CA GLY B 677 -30.08 13.25 13.56
C GLY B 677 -29.33 12.73 14.78
N PHE B 678 -29.72 11.56 15.26
CA PHE B 678 -29.12 11.01 16.47
C PHE B 678 -27.84 10.24 16.19
N ARG B 679 -27.33 10.38 14.96
CA ARG B 679 -25.98 9.92 14.63
C ARG B 679 -24.98 10.83 15.32
N LEU B 680 -25.48 11.96 15.79
CA LEU B 680 -24.67 13.01 16.40
C LEU B 680 -24.05 12.58 17.73
N TYR B 681 -24.62 11.53 18.34
CA TYR B 681 -24.16 11.09 19.66
C TYR B 681 -23.46 9.74 19.63
N GLN B 682 -22.90 9.38 18.47
CA GLN B 682 -22.26 8.08 18.31
C GLN B 682 -21.06 7.88 19.23
N GLY B 683 -20.33 8.95 19.49
CA GLY B 683 -19.16 8.86 20.35
C GLY B 683 -19.43 9.31 21.78
N GLY B 684 -20.70 9.34 22.16
CA GLY B 684 -21.09 9.75 23.48
C GLY B 684 -22.07 10.91 23.47
N VAL B 685 -22.56 11.29 24.65
CA VAL B 685 -23.52 12.40 24.75
C VAL B 685 -22.97 13.55 25.59
N PRO B 686 -22.78 14.72 24.96
CA PRO B 686 -22.33 15.93 25.66
C PRO B 686 -23.48 16.70 26.30
N PRO B 687 -23.26 17.23 27.51
CA PRO B 687 -24.26 18.01 28.23
C PRO B 687 -24.37 19.45 27.71
N GLY B 688 -24.84 20.36 28.56
CA GLY B 688 -24.95 21.77 28.20
C GLY B 688 -26.08 22.05 27.24
N ARG B 689 -26.49 23.31 27.17
CA ARG B 689 -27.54 23.72 26.24
C ARG B 689 -26.96 23.80 24.83
N LYS B 690 -25.69 24.18 24.73
CA LYS B 690 -24.99 24.16 23.45
C LYS B 690 -23.84 23.16 23.47
N ILE B 691 -23.74 22.37 22.41
CA ILE B 691 -22.72 21.35 22.29
C ILE B 691 -21.75 21.70 21.16
N ARG B 692 -20.70 20.89 21.01
CA ARG B 692 -19.71 21.15 19.96
C ARG B 692 -19.90 20.19 18.79
N VAL B 693 -20.31 20.74 17.64
CA VAL B 693 -20.58 19.94 16.45
C VAL B 693 -19.36 19.82 15.55
N VAL B 694 -19.01 18.60 15.18
CA VAL B 694 -17.88 18.34 14.30
C VAL B 694 -18.34 17.67 13.01
N GLN B 695 -17.82 18.13 11.87
CA GLN B 695 -18.19 17.56 10.59
C GLN B 695 -16.96 17.17 9.77
N VAL B 696 -16.76 15.88 9.57
CA VAL B 696 -15.71 15.42 8.67
C VAL B 696 -16.32 14.77 7.44
N GLY B 697 -16.75 15.61 6.49
CA GLY B 697 -17.47 15.14 5.32
C GLY B 697 -18.95 15.07 5.63
N ASP B 698 -19.58 13.96 5.28
CA ASP B 698 -21.00 13.77 5.55
C ASP B 698 -21.21 13.19 6.95
N ASP B 699 -20.12 12.98 7.67
CA ASP B 699 -20.18 12.55 9.06
C ASP B 699 -20.32 13.74 10.00
N VAL B 700 -21.31 13.70 10.88
CA VAL B 700 -21.53 14.75 11.85
C VAL B 700 -21.63 14.15 13.25
N GLN B 701 -20.73 14.59 14.14
CA GLN B 701 -20.65 14.00 15.47
C GLN B 701 -20.31 15.04 16.53
N ALA B 702 -20.92 14.90 17.70
CA ALA B 702 -20.61 15.77 18.83
C ALA B 702 -19.30 15.34 19.48
N CYS B 703 -18.19 15.86 18.96
CA CYS B 703 -16.87 15.40 19.37
C CYS B 703 -15.97 16.55 19.78
N GLY B 704 -16.12 17.01 21.01
CA GLY B 704 -15.27 18.07 21.53
C GLY B 704 -13.82 17.61 21.60
N GLY B 705 -12.98 18.20 20.76
CA GLY B 705 -11.58 17.82 20.71
C GLY B 705 -10.85 18.34 19.49
N THR B 706 -9.68 17.75 19.23
CA THR B 706 -8.80 18.23 18.17
C THR B 706 -9.08 17.58 16.83
N HIS B 707 -9.03 18.37 15.76
CA HIS B 707 -9.25 17.85 14.41
C HIS B 707 -8.44 18.62 13.38
N CYS B 708 -8.37 18.08 12.16
CA CYS B 708 -7.74 18.77 11.05
C CYS B 708 -8.73 19.70 10.36
N ARG B 709 -8.24 20.49 9.42
CA ARG B 709 -9.10 21.41 8.67
C ARG B 709 -9.72 20.73 7.46
N SER B 710 -8.98 19.80 6.87
CA SER B 710 -9.45 19.04 5.73
C SER B 710 -9.12 17.57 5.90
N THR B 711 -9.80 16.71 5.16
CA THR B 711 -9.61 15.27 5.27
C THR B 711 -8.27 14.82 4.68
N GLY B 712 -7.69 15.67 3.84
CA GLY B 712 -6.44 15.34 3.18
C GLY B 712 -5.22 15.56 4.06
N GLU B 713 -5.43 16.15 5.23
CA GLU B 713 -4.33 16.38 6.17
C GLU B 713 -3.99 15.11 6.92
N ILE B 714 -4.85 14.11 6.77
CA ILE B 714 -4.71 12.85 7.49
C ILE B 714 -3.63 11.97 6.85
N GLY B 715 -3.65 11.90 5.52
CA GLY B 715 -2.70 11.08 4.79
C GLY B 715 -3.34 9.87 4.17
N MET B 716 -3.26 8.73 4.85
CA MET B 716 -3.88 7.50 4.39
C MET B 716 -4.23 6.60 5.56
N LEU B 717 -5.39 5.96 5.49
CA LEU B 717 -5.77 5.01 6.53
C LEU B 717 -5.53 3.57 6.08
N LYS B 718 -4.76 2.84 6.88
CA LYS B 718 -4.48 1.43 6.61
C LYS B 718 -4.85 0.58 7.82
N ILE B 719 -5.83 -0.29 7.64
CA ILE B 719 -6.27 -1.15 8.74
C ILE B 719 -5.23 -2.23 9.03
N LEU B 720 -4.86 -2.37 10.30
CA LEU B 720 -3.82 -3.30 10.70
C LEU B 720 -4.38 -4.67 11.06
N LYS B 721 -5.43 -4.69 11.88
CA LYS B 721 -6.02 -5.93 12.34
C LYS B 721 -7.54 -5.82 12.53
N VAL B 722 -8.26 -6.85 12.12
CA VAL B 722 -9.71 -6.91 12.30
C VAL B 722 -10.12 -8.20 12.99
N GLU B 723 -10.80 -8.08 14.12
CA GLU B 723 -11.25 -9.25 14.86
C GLU B 723 -12.59 -8.99 15.56
N SER B 724 -13.20 -10.05 16.06
CA SER B 724 -14.49 -9.95 16.72
C SER B 724 -14.34 -10.13 18.23
N ILE B 725 -14.38 -9.02 18.96
CA ILE B 725 -14.24 -9.03 20.42
C ILE B 725 -15.39 -9.80 21.07
N GLN B 726 -16.59 -9.59 20.54
CA GLN B 726 -17.79 -10.23 21.06
C GLN B 726 -18.80 -10.33 19.92
N ASP B 727 -19.77 -11.23 20.03
CA ASP B 727 -20.89 -11.27 19.11
C ASP B 727 -21.52 -9.88 19.05
N GLY B 728 -21.67 -9.35 17.85
CA GLY B 728 -22.30 -8.04 17.69
C GLY B 728 -21.32 -6.90 17.49
N VAL B 729 -20.12 -7.02 18.02
CA VAL B 729 -19.12 -5.96 17.89
C VAL B 729 -17.83 -6.46 17.23
N ILE B 730 -17.20 -5.60 16.44
CA ILE B 730 -15.95 -5.93 15.79
C ILE B 730 -14.92 -4.82 15.97
N ARG B 731 -13.69 -5.21 16.29
CA ARG B 731 -12.64 -4.25 16.58
C ARG B 731 -11.72 -4.04 15.39
N PHE B 732 -11.49 -2.78 15.03
CA PHE B 732 -10.57 -2.44 13.96
C PHE B 732 -9.28 -1.88 14.55
N GLU B 733 -8.16 -2.10 13.85
CA GLU B 733 -6.91 -1.45 14.22
C GLU B 733 -6.35 -0.71 13.02
N PHE B 734 -6.20 0.60 13.16
CA PHE B 734 -5.79 1.45 12.05
C PHE B 734 -4.73 2.46 12.45
N ALA B 735 -4.26 3.23 11.48
CA ALA B 735 -3.20 4.21 11.68
C ALA B 735 -3.06 5.11 10.46
N ALA B 736 -2.79 6.40 10.68
CA ALA B 736 -2.68 7.34 9.57
C ALA B 736 -1.50 8.29 9.74
N GLY B 737 -1.15 8.98 8.66
CA GLY B 737 -0.05 9.93 8.66
C GLY B 737 1.31 9.25 8.75
N GLU B 738 2.06 9.61 9.79
CA GLU B 738 3.37 8.99 10.03
C GLU B 738 3.24 7.51 10.33
N ALA B 739 2.21 7.16 11.10
CA ALA B 739 1.98 5.77 11.49
C ALA B 739 1.50 4.94 10.31
N ALA B 740 0.90 5.60 9.32
CA ALA B 740 0.46 4.93 8.11
C ALA B 740 1.66 4.46 7.30
N ILE B 741 2.60 5.39 7.07
CA ILE B 741 3.81 5.10 6.35
C ILE B 741 4.61 3.99 7.03
N GLU B 742 4.81 4.14 8.34
CA GLU B 742 5.57 3.16 9.12
C GLU B 742 4.93 1.78 9.06
N ALA B 743 3.62 1.72 9.15
CA ALA B 743 2.90 0.46 9.06
C ALA B 743 3.07 -0.16 7.68
N VAL B 744 2.88 0.66 6.65
CA VAL B 744 3.06 0.21 5.28
C VAL B 744 4.52 -0.20 5.01
N GLU B 745 5.45 0.59 5.54
CA GLU B 745 6.87 0.30 5.40
C GLU B 745 7.24 -1.04 6.03
N GLU B 746 6.62 -1.35 7.17
CA GLU B 746 6.90 -2.59 7.88
C GLU B 746 6.37 -3.79 7.10
N MET B 747 5.25 -3.61 6.41
CA MET B 747 4.67 -4.68 5.60
C MET B 747 5.55 -4.99 4.39
N GLU B 748 6.19 -3.97 3.84
CA GLU B 748 7.17 -4.18 2.78
C GLU B 748 8.31 -5.04 3.28
N ARG B 749 8.86 -4.62 4.40
CA ARG B 749 10.05 -5.23 4.97
C ARG B 749 9.84 -6.72 5.21
N LEU B 750 8.65 -7.09 5.66
CA LEU B 750 8.30 -8.49 5.85
C LEU B 750 8.18 -9.19 4.50
N LEU B 751 7.50 -8.53 3.57
CA LEU B 751 7.32 -9.06 2.22
C LEU B 751 8.64 -9.16 1.47
N ARG B 752 9.52 -8.19 1.71
CA ARG B 752 10.83 -8.18 1.07
C ARG B 752 11.76 -9.23 1.63
N GLU B 753 11.80 -9.37 2.95
CA GLU B 753 12.75 -10.28 3.59
C GLU B 753 12.28 -11.73 3.56
N ALA B 754 11.05 -11.94 3.08
CA ALA B 754 10.52 -13.29 2.98
C ALA B 754 10.66 -13.82 1.55
N SER B 755 10.48 -12.94 0.57
CA SER B 755 10.60 -13.31 -0.83
C SER B 755 12.07 -13.43 -1.22
N SER B 756 12.94 -12.76 -0.47
CA SER B 756 14.36 -12.72 -0.77
C SER B 756 15.12 -13.93 -0.23
N ILE B 757 14.48 -14.67 0.68
CA ILE B 757 15.10 -15.88 1.23
C ILE B 757 14.59 -17.10 0.48
N LEU B 758 13.75 -16.87 -0.52
CA LEU B 758 13.29 -17.92 -1.41
C LEU B 758 13.75 -17.64 -2.83
N ARG B 759 14.50 -16.55 -2.98
CA ARG B 759 15.09 -16.14 -4.25
C ARG B 759 14.04 -15.93 -5.34
N VAL B 760 12.83 -15.59 -4.94
CA VAL B 760 11.74 -15.33 -5.88
C VAL B 760 11.29 -13.88 -5.81
N GLU B 761 10.60 -13.44 -6.86
CA GLU B 761 10.03 -12.10 -6.90
C GLU B 761 8.84 -12.00 -5.95
N PRO B 762 8.77 -10.91 -5.17
CA PRO B 762 7.70 -10.67 -4.19
C PRO B 762 6.29 -10.81 -4.75
N ALA B 763 6.12 -10.50 -6.04
CA ALA B 763 4.82 -10.62 -6.68
C ALA B 763 4.40 -12.08 -6.83
N LYS B 764 5.39 -12.98 -6.87
CA LYS B 764 5.14 -14.40 -7.06
C LYS B 764 5.28 -15.18 -5.77
N LEU B 765 5.35 -14.47 -4.64
CA LEU B 765 5.51 -15.12 -3.34
C LEU B 765 4.39 -16.10 -2.96
N PRO B 766 3.11 -15.71 -3.16
CA PRO B 766 2.05 -16.66 -2.77
C PRO B 766 2.13 -18.01 -3.49
N LYS B 767 2.26 -17.99 -4.81
CA LYS B 767 2.28 -19.22 -5.59
C LYS B 767 3.54 -20.04 -5.30
N THR B 768 4.66 -19.36 -5.10
CA THR B 768 5.92 -20.05 -4.85
C THR B 768 5.98 -20.64 -3.44
N VAL B 769 5.31 -20.00 -2.49
CA VAL B 769 5.28 -20.48 -1.11
C VAL B 769 4.54 -21.82 -1.02
N GLU B 770 3.36 -21.91 -1.65
CA GLU B 770 2.61 -23.15 -1.66
C GLU B 770 3.40 -24.25 -2.36
N ARG B 771 4.16 -23.86 -3.39
CA ARG B 771 5.01 -24.80 -4.10
C ARG B 771 6.07 -25.39 -3.16
N PHE B 772 6.72 -24.52 -2.41
CA PHE B 772 7.70 -24.95 -1.41
C PHE B 772 7.04 -25.78 -0.32
N PHE B 773 5.82 -25.40 0.04
CA PHE B 773 5.09 -26.06 1.12
C PHE B 773 4.56 -27.43 0.69
N GLU B 774 3.96 -27.49 -0.49
CA GLU B 774 3.40 -28.73 -1.00
C GLU B 774 4.50 -29.77 -1.22
N GLU B 775 5.69 -29.29 -1.54
CA GLU B 775 6.85 -30.18 -1.66
C GLU B 775 7.30 -30.65 -0.30
N TRP B 776 7.25 -29.76 0.69
CA TRP B 776 7.66 -30.08 2.05
C TRP B 776 6.76 -31.17 2.64
N LYS B 777 5.49 -31.16 2.25
CA LYS B 777 4.56 -32.19 2.69
C LYS B 777 4.83 -33.51 1.97
N ASP B 778 5.08 -33.43 0.66
CA ASP B 778 5.29 -34.61 -0.16
C ASP B 778 6.61 -35.30 0.15
N GLN B 779 7.67 -34.53 0.29
CA GLN B 779 9.00 -35.09 0.54
C GLN B 779 9.10 -35.64 1.96
N ARG B 780 8.24 -35.16 2.84
CA ARG B 780 8.14 -35.71 4.18
C ARG B 780 7.41 -37.03 4.14
N LYS B 781 6.34 -37.06 3.34
CA LYS B 781 5.55 -38.27 3.13
C LYS B 781 6.39 -39.31 2.38
N GLU B 782 7.36 -38.83 1.61
CA GLU B 782 8.23 -39.67 0.82
C GLU B 782 9.29 -40.37 1.67
N ILE B 783 9.88 -39.64 2.61
CA ILE B 783 10.97 -40.16 3.45
C ILE B 783 10.59 -41.41 4.22
N GLU B 784 9.41 -41.40 4.84
CA GLU B 784 8.96 -42.53 5.65
C GLU B 784 8.66 -43.76 4.79
N ARG B 785 8.56 -43.55 3.48
CA ARG B 785 8.33 -44.66 2.56
C ARG B 785 9.64 -45.32 2.17
N LEU B 786 10.68 -44.50 1.99
CA LEU B 786 12.01 -45.03 1.68
C LEU B 786 12.54 -45.86 2.85
N LYS B 787 12.28 -45.40 4.06
CA LYS B 787 12.68 -46.12 5.27
C LYS B 787 11.96 -47.46 5.35
N SER B 788 10.70 -47.48 4.92
CA SER B 788 9.94 -48.71 4.84
C SER B 788 10.54 -49.66 3.81
N VAL B 789 10.97 -49.10 2.68
CA VAL B 789 11.56 -49.88 1.60
C VAL B 789 12.90 -50.48 2.02
N ILE B 790 13.68 -49.74 2.79
CA ILE B 790 14.95 -50.25 3.32
C ILE B 790 14.70 -51.50 4.15
N ALA B 791 13.63 -51.48 4.93
CA ALA B 791 13.23 -52.65 5.70
C ALA B 791 12.63 -53.72 4.79
N ASP B 792 11.94 -53.29 3.74
CA ASP B 792 11.39 -54.19 2.75
C ASP B 792 12.50 -54.98 2.05
N LEU B 793 13.65 -54.33 1.87
CA LEU B 793 14.78 -54.95 1.18
C LEU B 793 15.69 -55.72 2.12
N TRP B 794 15.92 -55.17 3.30
CA TRP B 794 16.79 -55.81 4.28
C TRP B 794 16.22 -57.16 4.70
N ALA B 795 14.90 -57.30 4.58
CA ALA B 795 14.24 -58.58 4.81
C ALA B 795 14.60 -59.56 3.70
N ASP B 796 14.48 -59.11 2.46
CA ASP B 796 14.73 -59.93 1.29
C ASP B 796 16.20 -60.38 1.19
N ILE B 797 17.09 -59.61 1.79
CA ILE B 797 18.51 -59.93 1.74
C ILE B 797 18.90 -60.86 2.88
N LEU B 798 17.97 -61.05 3.82
CA LEU B 798 18.23 -61.92 4.97
C LEU B 798 17.56 -63.27 4.85
N MET B 799 16.57 -63.39 3.96
CA MET B 799 15.97 -64.69 3.67
C MET B 799 16.94 -65.51 2.83
N GLU B 800 17.74 -64.82 2.01
CA GLU B 800 18.75 -65.46 1.19
C GLU B 800 19.97 -65.85 2.02
N ARG B 801 20.32 -64.98 2.97
CA ARG B 801 21.46 -65.23 3.85
C ARG B 801 21.08 -66.21 4.96
N ALA B 802 19.95 -66.89 4.78
CA ALA B 802 19.46 -67.84 5.76
C ALA B 802 19.64 -69.27 5.26
N GLU B 803 20.15 -70.14 6.14
CA GLU B 803 20.24 -71.56 5.83
C GLU B 803 18.89 -72.21 6.07
N GLU B 804 18.60 -73.27 5.33
CA GLU B 804 17.30 -73.93 5.42
C GLU B 804 17.34 -75.09 6.41
N PHE B 805 16.20 -75.36 7.05
CA PHE B 805 16.09 -76.42 8.04
C PHE B 805 14.63 -76.84 8.19
N ASP B 806 14.35 -78.11 7.91
CA ASP B 806 12.99 -78.66 7.92
C ASP B 806 12.05 -77.84 7.02
N SER B 807 12.56 -77.48 5.84
CA SER B 807 11.81 -76.72 4.84
C SER B 807 11.35 -75.36 5.37
N MET B 808 12.18 -74.73 6.20
CA MET B 808 11.88 -73.43 6.76
C MET B 808 13.12 -72.54 6.80
N LYS B 809 13.04 -71.39 6.14
CA LYS B 809 14.17 -70.47 6.07
C LYS B 809 14.44 -69.80 7.43
N VAL B 810 15.48 -70.26 8.11
CA VAL B 810 15.83 -69.69 9.41
C VAL B 810 17.04 -68.75 9.30
N VAL B 811 16.85 -67.50 9.72
CA VAL B 811 17.90 -66.49 9.63
C VAL B 811 18.30 -65.98 11.02
N ALA B 812 19.61 -65.90 11.24
CA ALA B 812 20.15 -65.41 12.51
C ALA B 812 21.35 -64.50 12.26
N GLU B 813 21.17 -63.20 12.43
CA GLU B 813 22.21 -62.23 12.11
C GLU B 813 22.49 -61.27 13.26
N VAL B 814 23.68 -60.68 13.24
CA VAL B 814 24.03 -59.62 14.18
C VAL B 814 24.21 -58.32 13.40
N VAL B 815 23.25 -57.41 13.52
CA VAL B 815 23.28 -56.19 12.74
C VAL B 815 23.31 -54.94 13.63
N ASP B 816 23.76 -53.83 13.07
CA ASP B 816 23.85 -52.57 13.80
C ASP B 816 22.62 -51.69 13.54
N ALA B 817 21.74 -51.61 14.54
CA ALA B 817 20.51 -50.84 14.42
C ALA B 817 19.91 -50.54 15.78
N ASP B 818 18.78 -49.83 15.79
CA ASP B 818 18.06 -49.56 17.03
C ASP B 818 16.89 -50.53 17.20
N MET B 819 16.21 -50.43 18.33
CA MET B 819 15.16 -51.37 18.70
C MET B 819 14.02 -51.43 17.68
N GLN B 820 13.54 -50.27 17.25
CA GLN B 820 12.42 -50.20 16.32
C GLN B 820 12.72 -50.93 15.01
N ALA B 821 13.95 -50.82 14.54
CA ALA B 821 14.37 -51.48 13.32
C ALA B 821 14.20 -52.99 13.41
N LEU B 822 14.62 -53.57 14.53
CA LEU B 822 14.50 -55.00 14.76
C LEU B 822 13.04 -55.45 14.75
N GLN B 823 12.16 -54.59 15.26
CA GLN B 823 10.73 -54.90 15.31
C GLN B 823 10.07 -54.71 13.95
N LYS B 824 10.44 -53.64 13.25
CA LYS B 824 9.88 -53.35 11.94
C LYS B 824 10.42 -54.32 10.89
N LEU B 825 11.47 -55.05 11.26
CA LEU B 825 12.09 -56.02 10.36
C LEU B 825 11.49 -57.40 10.59
N ALA B 826 11.43 -57.81 11.84
CA ALA B 826 10.92 -59.13 12.22
C ALA B 826 9.45 -59.29 11.87
N GLU B 827 8.69 -58.19 11.91
CA GLU B 827 7.28 -58.23 11.58
C GLU B 827 7.08 -58.50 10.08
N ARG B 828 8.12 -58.20 9.30
CA ARG B 828 8.06 -58.40 7.86
C ARG B 828 8.63 -59.76 7.48
N LEU B 829 9.55 -60.25 8.31
CA LEU B 829 10.13 -61.58 8.11
C LEU B 829 9.11 -62.65 8.45
N ALA B 830 8.36 -62.43 9.52
CA ALA B 830 7.30 -63.34 9.92
C ALA B 830 6.12 -63.28 8.96
N GLU B 831 6.08 -62.22 8.16
CA GLU B 831 5.07 -62.09 7.12
C GLU B 831 5.48 -62.86 5.87
N LYS B 832 6.74 -63.29 5.82
CA LYS B 832 7.21 -64.14 4.74
C LYS B 832 7.53 -65.55 5.24
N GLY B 833 6.86 -65.94 6.32
CA GLY B 833 6.96 -67.29 6.86
C GLY B 833 8.35 -67.70 7.30
N ALA B 834 9.15 -66.74 7.75
CA ALA B 834 10.51 -67.03 8.19
C ALA B 834 10.59 -67.11 9.72
N VAL B 835 11.56 -67.86 10.21
CA VAL B 835 11.77 -68.03 11.65
C VAL B 835 13.23 -67.72 11.97
N GLY B 836 13.51 -67.40 13.23
CA GLY B 836 14.86 -67.09 13.65
C GLY B 836 14.90 -65.90 14.59
N CYS B 837 16.07 -65.30 14.76
CA CYS B 837 16.19 -64.13 15.63
C CYS B 837 17.32 -63.21 15.18
N LEU B 838 17.35 -62.00 15.74
CA LEU B 838 18.36 -61.01 15.41
C LEU B 838 18.91 -60.38 16.68
N MET B 839 20.07 -59.74 16.58
CA MET B 839 20.67 -59.04 17.71
C MET B 839 21.37 -57.77 17.29
N ALA B 840 21.34 -56.77 18.17
CA ALA B 840 21.96 -55.49 17.89
C ALA B 840 22.87 -55.07 19.05
N LYS B 841 24.08 -54.62 18.72
CA LYS B 841 24.99 -54.14 19.74
C LYS B 841 24.70 -52.67 20.05
N GLY B 842 23.53 -52.44 20.66
CA GLY B 842 23.14 -51.10 21.07
C GLY B 842 23.86 -50.75 22.36
N GLU B 843 23.97 -49.45 22.65
CA GLU B 843 24.69 -48.98 23.82
C GLU B 843 24.07 -49.53 25.11
N GLY B 844 24.87 -50.24 25.89
CA GLY B 844 24.40 -50.88 27.09
C GLY B 844 24.25 -52.38 26.90
N LYS B 845 23.16 -52.93 27.41
CA LYS B 845 22.88 -54.36 27.28
C LYS B 845 22.41 -54.70 25.87
N VAL B 846 22.80 -55.88 25.38
CA VAL B 846 22.52 -56.30 24.01
C VAL B 846 21.04 -56.53 23.75
N PHE B 847 20.48 -55.77 22.82
CA PHE B 847 19.06 -55.90 22.47
C PHE B 847 18.81 -57.08 21.54
N VAL B 848 17.79 -57.87 21.84
CA VAL B 848 17.49 -59.09 21.09
C VAL B 848 16.06 -59.07 20.56
N VAL B 849 15.84 -59.73 19.41
CA VAL B 849 14.51 -59.84 18.82
C VAL B 849 14.35 -61.18 18.10
N THR B 850 13.24 -61.86 18.32
CA THR B 850 12.93 -63.11 17.63
C THR B 850 11.66 -62.97 16.79
N PHE B 851 11.38 -63.98 15.98
CA PHE B 851 10.23 -63.94 15.08
C PHE B 851 9.88 -65.31 14.52
N SER B 852 8.63 -65.45 14.07
CA SER B 852 8.17 -66.70 13.46
C SER B 852 6.83 -66.52 12.75
N GLY B 853 6.81 -66.77 11.45
CA GLY B 853 5.58 -66.80 10.69
C GLY B 853 4.97 -68.19 10.78
N GLN B 854 5.81 -69.15 11.15
CA GLN B 854 5.37 -70.53 11.32
C GLN B 854 4.71 -70.74 12.68
N LYS B 855 4.40 -71.98 12.99
CA LYS B 855 3.65 -72.32 14.21
C LYS B 855 4.49 -72.23 15.48
N TYR B 856 5.80 -72.07 15.33
CA TYR B 856 6.70 -72.05 16.48
C TYR B 856 6.60 -70.75 17.27
N ASP B 857 6.52 -70.86 18.59
CA ASP B 857 6.29 -69.71 19.45
C ASP B 857 7.56 -68.89 19.65
N ALA B 858 7.45 -67.57 19.43
CA ALA B 858 8.59 -66.67 19.48
C ALA B 858 9.13 -66.48 20.90
N ARG B 859 8.22 -66.24 21.84
CA ARG B 859 8.59 -66.05 23.23
C ARG B 859 9.24 -67.30 23.82
N GLU B 860 8.78 -68.48 23.37
CA GLU B 860 9.38 -69.74 23.78
C GLU B 860 10.83 -69.82 23.33
N LEU B 861 11.10 -69.28 22.14
CA LEU B 861 12.45 -69.27 21.59
C LEU B 861 13.36 -68.37 22.41
N LEU B 862 12.86 -67.19 22.77
CA LEU B 862 13.63 -66.21 23.52
C LEU B 862 14.07 -66.75 24.88
N ARG B 863 13.23 -67.61 25.48
CA ARG B 863 13.56 -68.20 26.77
C ARG B 863 14.81 -69.05 26.69
N GLU B 864 14.90 -69.87 25.65
CA GLU B 864 16.07 -70.72 25.44
C GLU B 864 17.30 -69.87 25.10
N ILE B 865 17.12 -68.90 24.22
CA ILE B 865 18.19 -67.97 23.86
C ILE B 865 18.63 -67.18 25.08
N GLY B 866 17.67 -66.88 25.95
CA GLY B 866 17.92 -66.05 27.12
C GLY B 866 18.86 -66.62 28.15
N ARG B 867 18.77 -67.92 28.40
CA ARG B 867 19.58 -68.55 29.43
C ARG B 867 21.00 -68.87 28.95
N VAL B 868 21.27 -68.56 27.68
CA VAL B 868 22.61 -68.73 27.13
C VAL B 868 23.34 -67.38 27.16
N ALA B 869 22.58 -66.30 27.09
CA ALA B 869 23.15 -64.96 27.05
C ALA B 869 22.80 -64.14 28.29
N LYS B 870 22.17 -64.79 29.27
CA LYS B 870 21.84 -64.18 30.56
C LYS B 870 20.92 -62.95 30.40
N GLY B 871 19.64 -63.22 30.18
CA GLY B 871 18.65 -62.16 30.03
C GLY B 871 17.30 -62.70 29.61
N SER B 872 16.25 -61.89 29.74
CA SER B 872 14.92 -62.32 29.36
C SER B 872 14.06 -61.16 28.85
N GLY B 873 12.89 -61.49 28.31
CA GLY B 873 11.99 -60.48 27.79
C GLY B 873 10.56 -60.99 27.66
N GLY B 874 9.84 -60.45 26.70
CA GLY B 874 8.47 -60.86 26.45
C GLY B 874 8.05 -60.62 25.01
N GLY B 875 6.85 -61.06 24.65
CA GLY B 875 6.34 -60.88 23.30
C GLY B 875 5.19 -61.81 22.95
N ARG B 876 4.86 -61.87 21.68
CA ARG B 876 3.78 -62.73 21.20
C ARG B 876 4.32 -63.91 20.40
N LYS B 877 3.43 -64.61 19.70
CA LYS B 877 3.80 -65.80 18.94
C LYS B 877 4.56 -65.46 17.66
N ASP B 878 4.24 -64.32 17.07
CA ASP B 878 4.85 -63.95 15.79
C ASP B 878 6.17 -63.20 15.96
N VAL B 879 6.25 -62.28 16.92
CA VAL B 879 7.49 -61.59 17.22
C VAL B 879 7.74 -61.55 18.73
N ALA B 880 9.00 -61.36 19.12
CA ALA B 880 9.35 -61.25 20.53
C ALA B 880 10.45 -60.21 20.74
N GLN B 881 10.54 -59.67 21.95
CA GLN B 881 11.50 -58.63 22.25
C GLN B 881 12.15 -58.85 23.62
N GLY B 882 13.47 -58.65 23.69
CA GLY B 882 14.20 -58.81 24.94
C GLY B 882 15.57 -58.17 24.91
N ALA B 883 16.35 -58.38 25.97
CA ALA B 883 17.70 -57.83 26.04
C ALA B 883 18.58 -58.66 26.98
N VAL B 884 19.81 -58.92 26.56
CA VAL B 884 20.74 -59.72 27.36
C VAL B 884 22.01 -58.93 27.68
N GLN B 885 22.96 -59.57 28.36
CA GLN B 885 24.16 -58.87 28.82
C GLN B 885 25.40 -59.20 28.00
N GLN B 886 25.25 -60.05 26.98
CA GLN B 886 26.40 -60.41 26.14
C GLN B 886 25.98 -60.85 24.75
N LEU B 887 26.74 -60.41 23.75
CA LEU B 887 26.44 -60.72 22.35
C LEU B 887 26.75 -62.18 22.04
N LEU B 888 26.03 -62.74 21.06
CA LEU B 888 26.15 -64.15 20.72
C LEU B 888 26.48 -64.31 19.23
N ASP B 889 27.41 -65.23 18.93
CA ASP B 889 27.89 -65.41 17.56
C ASP B 889 26.89 -66.21 16.70
N ARG B 890 27.01 -66.05 15.38
CA ARG B 890 26.04 -66.62 14.46
C ARG B 890 25.97 -68.15 14.50
N GLU B 891 27.11 -68.81 14.60
CA GLU B 891 27.14 -70.28 14.66
C GLU B 891 26.39 -70.79 15.88
N GLU B 892 26.56 -70.09 17.00
CA GLU B 892 25.91 -70.47 18.25
C GLU B 892 24.47 -69.98 18.26
N MET B 893 24.11 -69.14 17.30
CA MET B 893 22.72 -68.74 17.11
C MET B 893 21.96 -69.85 16.41
N LEU B 894 22.62 -70.50 15.45
CA LEU B 894 22.00 -71.51 14.61
C LEU B 894 21.63 -72.79 15.35
N ASP B 895 22.54 -73.31 16.16
CA ASP B 895 22.34 -74.59 16.83
C ASP B 895 21.20 -74.54 17.84
N VAL B 896 20.96 -73.38 18.43
CA VAL B 896 19.86 -73.22 19.37
C VAL B 896 18.54 -73.23 18.61
N ILE B 897 18.51 -72.56 17.46
CA ILE B 897 17.35 -72.57 16.59
C ILE B 897 17.05 -73.98 16.12
N PHE B 898 18.09 -74.67 15.65
CA PHE B 898 17.95 -76.04 15.15
C PHE B 898 17.53 -77.01 16.24
N ARG B 899 18.01 -76.78 17.47
CA ARG B 899 17.58 -77.58 18.60
C ARG B 899 16.11 -77.34 18.92
N PHE B 900 15.74 -76.06 18.99
CA PHE B 900 14.37 -75.66 19.28
C PHE B 900 13.41 -76.11 18.18
N LEU B 901 13.83 -75.93 16.94
CA LEU B 901 12.96 -76.19 15.79
C LEU B 901 12.69 -77.68 15.59
N SER B 902 13.55 -78.52 16.13
CA SER B 902 13.43 -79.96 15.96
C SER B 902 12.39 -80.58 16.89
N GLU B 903 12.44 -80.20 18.16
CA GLU B 903 11.58 -80.79 19.19
C GLU B 903 10.08 -80.67 18.90
N HIS B 904 9.72 -79.68 18.08
CA HIS B 904 8.32 -79.39 17.81
C HIS B 904 7.95 -79.68 16.37
N A5A D . 32.57 27.23 -34.11
CA A5A D . 33.81 27.79 -33.81
CB A5A D . 33.64 28.63 -32.53
C A5A D . 34.80 26.74 -33.56
O A5A D . 34.46 25.73 -33.12
N3S A5A D . 36.19 27.00 -33.87
S A5A D . 37.38 25.87 -33.64
O1S A5A D . 36.82 24.52 -33.68
O2S A5A D . 38.37 26.01 -34.69
O5' A5A D . 38.02 26.11 -32.33
C5' A5A D . 37.84 27.41 -31.64
C4' A5A D . 39.06 27.95 -30.93
O4' A5A D . 39.20 27.31 -29.67
C3' A5A D . 40.26 27.60 -31.68
O3' A5A D . 40.73 28.68 -32.52
C2' A5A D . 41.24 27.18 -30.73
O2' A5A D . 42.09 28.29 -30.35
C1' A5A D . 40.46 26.73 -29.57
N9 A5A D . 40.40 25.31 -29.53
C8 A5A D . 39.74 24.53 -30.39
N7 A5A D . 39.92 23.26 -30.05
C5 A5A D . 40.71 23.21 -28.93
C6 A5A D . 41.23 22.16 -28.12
N6 A5A D . 40.94 20.76 -28.43
N1 A5A D . 42.01 22.48 -27.06
C2 A5A D . 42.30 23.74 -26.76
N3 A5A D . 41.82 24.75 -27.52
C4 A5A D . 41.02 24.51 -28.61
ZN ZN E . 6.41 16.87 -16.35
N A5A F . -45.63 8.74 30.37
CA A5A F . -46.92 8.31 30.70
CB A5A F . -47.91 9.05 29.79
C A5A F . -47.03 6.86 30.48
O A5A F . -46.18 6.29 29.94
N3S A5A F . -48.21 6.16 30.94
S A5A F . -48.32 4.54 30.69
O1S A5A F . -47.15 3.87 31.26
O2S A5A F . -49.53 4.03 31.33
O5' A5A F . -48.38 4.27 29.24
C5' A5A F . -49.12 5.21 28.37
C4' A5A F . -50.22 4.58 27.53
O4' A5A F . -49.65 3.55 26.72
C3' A5A F . -51.17 3.92 28.41
O3' A5A F . -52.36 4.70 28.65
C2' A5A F . -51.47 2.65 27.83
O2' A5A F . -52.69 2.75 27.05
C1' A5A F . -50.34 2.36 26.94
N9 A5A F . -49.52 1.33 27.47
C8 A5A F . -48.83 1.36 28.62
N7 A5A F . -48.19 0.21 28.77
C5 A5A F . -48.47 -0.60 27.70
C6 A5A F . -48.09 -1.92 27.30
N6 A5A F . -47.20 -2.72 28.14
N1 A5A F . -48.57 -2.41 26.13
C2 A5A F . -49.38 -1.71 25.35
N3 A5A F . -49.75 -0.47 25.71
C4 A5A F . -49.31 0.12 26.88
ZN ZN G . -14.18 11.58 17.95
#